data_6PRC
#
_entry.id   6PRC
#
_cell.length_a   223.500
_cell.length_b   223.500
_cell.length_c   113.600
_cell.angle_alpha   90.00
_cell.angle_beta   90.00
_cell.angle_gamma   90.00
#
_symmetry.space_group_name_H-M   'P 43 21 2'
#
loop_
_entity.id
_entity.type
_entity.pdbx_description
1 polymer 'PHOTOSYNTHETIC REACTION CENTER'
2 polymer 'PHOTOSYNTHETIC REACTION CENTER'
3 polymer 'PHOTOSYNTHETIC REACTION CENTER'
4 polymer 'PHOTOSYNTHETIC REACTION CENTER'
5 non-polymer 'PROTOPORPHYRIN IX CONTAINING FE'
6 non-polymer 'BACTERIOCHLOROPHYLL B'
7 non-polymer 'BACTERIOPHEOPHYTIN B'
8 non-polymer "2-CHLORO-4-ETHYLAMINO-6-(S(-)-2'-CYANO-4-BUTYLAMINO)-1,3,5-TRIAZINE"
9 non-polymer 'LAURYL DIMETHYLAMINE-N-OXIDE'
10 non-polymer 'FE (II) ION'
11 non-polymer 'SULFATE ION'
12 non-polymer MENAQUINONE-7
13 non-polymer 15-cis-1,2-dihydroneurosporene
14 water water
#
loop_
_entity_poly.entity_id
_entity_poly.type
_entity_poly.pdbx_seq_one_letter_code
_entity_poly.pdbx_strand_id
1 'polypeptide(L)'
;CFEPPPATTTQTGFRGLSMGEVLHPATVKAKKERDAQYPPALAAVKAEGPPVSQVYKNVKVLGNLTEAEFLRTMTAITEW
VSPQEGCTYCHDENNLASEAKYPYVVARRMLEMTRAINTNWTQHVAQTGVTCYTCHRGTPLPPYVRYLEPTLPLNNRETP
THVERVETRSGYVVRLAKYTAYSALNYDPFTMFLANDKRQVRVVPQTALPLVGVSRGKERRPLSDAYATFALMMSISDSL
GTNCTFCHNAQTFESWGKKSTPQRAIAWWGIRMVRDLNMNYLAPLNASLPASRLGRQGEAPQADCRTCHQGVTKPLFGAS
RLKDYPELGPIKAAAK
;
C
2 'polypeptide(L)'
;ALLSFERKYRVRGGTLIGGDLFDFWVGPYFVGFFGVSAIFFIFLGVSLIGYAASQGPTWDPFAISINPPDLKYGLGAAPL
LEGGFWQAITVCALGAFISWMLREVEISRKLGIGWHVPLAFCVPIFMFCVLQVFRPLLLGSWGHAFPYGILSHLDWVNNF
GYQYLNWHYNPGHMSSVSFLFVNAMALGLHGGLILSVANPGDGDKVKTAEHENQYFRDVVGYSIGALSIHRLGLFLASNI
FLTGAFGTIASGPFWTRGWPEWWGWWLDIPFWS
;
L
3 'polypeptide(L)'
;ADYQTIYTQIQARGPHITVSGEWGDNDRVGKPFYSYWLGKIGDAQIGPIYLGASGIAAFAFGSTAILIILFNMAAEVHFD
PLQFFRQFFWLGLYPPKAQYGMGIPPLHDGGWWLMAGLFMTLSLGSWWIRVYSRARALGLGTHIAWNFAAAIFFVLCIGC
IHPTLVGSWSEGVPFGIWPHIDWLTAFSIRYGNFYYCPWHGFSIGFAYGCGLLFAAHGATILAVARFGGDREIEQITDRG
TAVERAALFWRWTIGFNATIESVHRWGWFFSLMVMVSASVGILLTGTFVDNWYLWCVKHGAAPDYPAYLPATPDPASLPG
APK
;
M
4 'polypeptide(L)'
;(FME)YHGALAQHLDIAQLVWYAQWLVIWTVVLLYLRREDRREGYPLVEPLGLVKLAPEDGQVYELPYPKTFVLPHGGTV
TVPRRRPETRELKLAQTDGFEGAPLQPTGNPLVDAVGPASYAERAEVVDATVDGKAKIVPLRVATDFSIAEGDVDPRGLP
VVAADGVEAGTVTDLWVDRSEHYFRYLELSVAGSARTALIPLGFCDVKKDKIVVTSILSEQFANVPRLQSRDQITLREED
KVSAYYAGGLLYATPERAESLL
;
H
#
loop_
_chem_comp.id
_chem_comp.type
_chem_comp.name
_chem_comp.formula
BCB non-polymer 'BACTERIOCHLOROPHYLL B' 'C55 H72 Mg N4 O6 2'
BPB non-polymer 'BACTERIOPHEOPHYTIN B' 'C55 H74 N4 O6'
CEB non-polymer 2-CHLORO-4-ETHYLAMINO-6-(S(-)-2'-CYANO-4-BUTYLAMINO)-1,3,5-TRIAZINE 'C10 H15 Cl N6'
FE2 non-polymer 'FE (II) ION' 'Fe 2'
HEM non-polymer 'PROTOPORPHYRIN IX CONTAINING FE' 'C34 H32 Fe N4 O4'
LDA non-polymer 'LAURYL DIMETHYLAMINE-N-OXIDE' 'C14 H31 N O'
MQ7 non-polymer MENAQUINONE-7 'C46 H64 O2'
NS5 non-polymer 15-cis-1,2-dihydroneurosporene 'C40 H60'
SO4 non-polymer 'SULFATE ION' 'O4 S -2'
#
# COMPACT_ATOMS: atom_id res chain seq x y z
N CYS A 1 -14.36 11.94 -12.79
CA CYS A 1 -14.07 10.83 -13.73
C CYS A 1 -14.58 9.51 -13.09
N PHE A 2 -15.88 9.24 -13.09
CA PHE A 2 -16.40 8.01 -12.45
C PHE A 2 -17.68 7.40 -13.06
N GLU A 3 -17.85 6.10 -12.89
CA GLU A 3 -19.00 5.38 -13.43
C GLU A 3 -19.85 4.79 -12.32
N PRO A 4 -21.12 5.19 -12.25
CA PRO A 4 -22.04 4.85 -11.14
C PRO A 4 -22.54 3.41 -11.16
N PRO A 5 -22.85 2.86 -9.96
CA PRO A 5 -23.35 1.49 -9.85
C PRO A 5 -24.74 1.37 -10.49
N PRO A 6 -25.24 0.13 -10.61
CA PRO A 6 -24.50 -1.11 -10.37
C PRO A 6 -23.52 -1.42 -11.50
N ALA A 7 -22.55 -2.27 -11.18
CA ALA A 7 -21.66 -2.84 -12.16
C ALA A 7 -22.19 -4.24 -12.41
N THR A 8 -21.96 -4.74 -13.60
CA THR A 8 -22.31 -6.10 -13.98
C THR A 8 -21.04 -6.89 -13.76
N THR A 9 -21.09 -7.94 -12.95
CA THR A 9 -19.90 -8.76 -12.76
C THR A 9 -20.14 -10.22 -13.08
N THR A 10 -19.16 -10.89 -13.68
CA THR A 10 -19.24 -12.34 -13.86
C THR A 10 -18.19 -13.06 -13.06
N GLN A 11 -18.24 -14.38 -13.13
CA GLN A 11 -17.25 -15.21 -12.49
C GLN A 11 -16.60 -16.11 -13.54
N THR A 12 -15.27 -16.12 -13.57
CA THR A 12 -14.53 -16.88 -14.56
C THR A 12 -13.53 -17.79 -13.89
N GLY A 13 -13.55 -17.79 -12.56
CA GLY A 13 -12.67 -18.64 -11.80
C GLY A 13 -13.32 -19.16 -10.53
N PHE A 14 -12.65 -20.11 -9.91
CA PHE A 14 -13.12 -20.68 -8.67
C PHE A 14 -13.46 -19.57 -7.69
N ARG A 15 -14.58 -19.71 -7.00
CA ARG A 15 -15.04 -18.71 -6.03
C ARG A 15 -13.92 -18.29 -5.07
N GLY A 16 -13.88 -17.01 -4.72
CA GLY A 16 -12.84 -16.49 -3.85
C GLY A 16 -11.55 -16.04 -4.54
N LEU A 17 -11.43 -16.19 -5.86
CA LEU A 17 -10.22 -15.77 -6.57
C LEU A 17 -10.37 -14.42 -7.24
N SER A 18 -11.54 -13.81 -7.11
CA SER A 18 -11.81 -12.51 -7.72
C SER A 18 -11.42 -12.46 -9.19
N MET A 19 -11.86 -13.47 -9.94
CA MET A 19 -11.69 -13.55 -11.38
C MET A 19 -13.05 -13.32 -12.05
N GLY A 20 -13.11 -12.49 -13.08
CA GLY A 20 -14.33 -12.35 -13.84
C GLY A 20 -14.43 -10.99 -14.46
N GLU A 21 -15.46 -10.77 -15.28
CA GLU A 21 -15.65 -9.47 -15.94
C GLU A 21 -16.34 -8.48 -15.05
N VAL A 22 -15.97 -7.23 -15.24
CA VAL A 22 -16.58 -6.09 -14.55
C VAL A 22 -17.05 -5.10 -15.61
N LEU A 23 -18.36 -5.03 -15.81
CA LEU A 23 -18.97 -4.30 -16.92
C LEU A 23 -19.84 -3.15 -16.43
N HIS A 24 -19.76 -2.04 -17.14
CA HIS A 24 -20.63 -0.92 -16.85
C HIS A 24 -21.81 -1.03 -17.79
N PRO A 25 -23.01 -1.17 -17.25
CA PRO A 25 -24.13 -1.60 -18.09
C PRO A 25 -24.39 -0.66 -19.28
N ALA A 26 -24.18 0.63 -19.06
CA ALA A 26 -24.43 1.61 -20.12
C ALA A 26 -23.46 1.48 -21.30
N THR A 27 -22.20 1.18 -21.01
CA THR A 27 -21.24 1.02 -22.08
C THR A 27 -21.60 -0.20 -22.89
N VAL A 28 -22.02 -1.25 -22.21
CA VAL A 28 -22.33 -2.49 -22.89
C VAL A 28 -23.48 -2.22 -23.85
N LYS A 29 -24.47 -1.48 -23.37
CA LYS A 29 -25.68 -1.20 -24.14
C LYS A 29 -25.34 -0.33 -25.34
N ALA A 30 -24.44 0.62 -25.15
CA ALA A 30 -24.05 1.48 -26.23
C ALA A 30 -23.30 0.69 -27.30
N LYS A 31 -22.52 -0.29 -26.90
CA LYS A 31 -21.79 -1.06 -27.89
C LYS A 31 -22.75 -2.01 -28.59
N LYS A 32 -23.72 -2.51 -27.82
CA LYS A 32 -24.75 -3.40 -28.34
C LYS A 32 -25.50 -2.71 -29.47
N GLU A 33 -25.80 -1.44 -29.27
CA GLU A 33 -26.55 -0.68 -30.27
C GLU A 33 -25.74 -0.44 -31.54
N ARG A 34 -24.46 -0.11 -31.39
CA ARG A 34 -23.55 0.01 -32.53
C ARG A 34 -23.46 -1.28 -33.32
N ASP A 35 -23.35 -2.39 -32.61
CA ASP A 35 -23.20 -3.64 -33.31
C ASP A 35 -24.51 -4.11 -33.91
N ALA A 36 -25.61 -3.58 -33.39
CA ALA A 36 -26.94 -3.96 -33.85
C ALA A 36 -27.22 -3.47 -35.26
N GLN A 37 -26.40 -2.54 -35.72
CA GLN A 37 -26.48 -2.06 -37.07
C GLN A 37 -26.06 -3.11 -38.13
N TYR A 38 -25.65 -4.29 -37.68
CA TYR A 38 -25.34 -5.37 -38.62
C TYR A 38 -26.57 -5.57 -39.49
N PRO A 39 -26.48 -5.20 -40.77
CA PRO A 39 -27.57 -5.46 -41.71
C PRO A 39 -27.95 -6.92 -41.68
N PRO A 40 -29.24 -7.20 -41.71
CA PRO A 40 -29.74 -8.57 -41.70
C PRO A 40 -29.49 -9.22 -43.03
N ALA A 41 -29.54 -10.54 -43.04
CA ALA A 41 -29.25 -11.28 -44.24
C ALA A 41 -30.28 -10.94 -45.32
N LEU A 42 -29.78 -10.72 -46.53
CA LEU A 42 -30.63 -10.62 -47.70
C LEU A 42 -31.47 -11.88 -47.79
N ALA A 43 -32.69 -11.73 -48.27
CA ALA A 43 -33.55 -12.86 -48.51
C ALA A 43 -32.85 -13.91 -49.36
N ALA A 44 -33.18 -15.17 -49.11
CA ALA A 44 -32.58 -16.28 -49.81
C ALA A 44 -33.11 -16.35 -51.25
N VAL A 45 -32.20 -16.51 -52.21
CA VAL A 45 -32.62 -16.73 -53.59
C VAL A 45 -32.54 -18.20 -53.93
N LYS A 46 -33.37 -18.62 -54.89
CA LYS A 46 -33.32 -19.99 -55.35
C LYS A 46 -32.29 -20.10 -56.47
N ALA A 47 -31.50 -21.16 -56.42
CA ALA A 47 -30.40 -21.31 -57.35
C ALA A 47 -30.87 -21.88 -58.68
N GLU A 48 -31.30 -21.00 -59.57
CA GLU A 48 -31.72 -21.43 -60.90
C GLU A 48 -30.55 -21.30 -61.90
N GLY A 49 -30.15 -22.43 -62.48
CA GLY A 49 -29.38 -22.40 -63.71
C GLY A 49 -27.89 -22.57 -63.54
N PRO A 50 -27.09 -22.00 -64.45
CA PRO A 50 -25.66 -22.27 -64.60
C PRO A 50 -24.81 -21.49 -63.60
N PRO A 51 -23.69 -22.08 -63.15
CA PRO A 51 -22.69 -21.31 -62.41
C PRO A 51 -22.23 -20.13 -63.23
N VAL A 52 -22.04 -19.01 -62.54
CA VAL A 52 -21.67 -17.77 -63.18
C VAL A 52 -20.32 -17.90 -63.87
N SER A 53 -19.61 -18.99 -63.61
CA SER A 53 -18.35 -19.28 -64.30
C SER A 53 -18.53 -19.31 -65.81
N GLN A 54 -19.62 -19.95 -66.22
CA GLN A 54 -20.06 -19.95 -67.61
C GLN A 54 -20.57 -18.55 -67.95
N VAL A 55 -21.55 -18.09 -67.17
CA VAL A 55 -22.35 -16.92 -67.48
C VAL A 55 -21.56 -15.61 -67.59
N TYR A 56 -20.80 -15.28 -66.57
CA TYR A 56 -20.09 -14.01 -66.53
C TYR A 56 -18.69 -14.20 -67.07
N LYS A 57 -17.93 -13.10 -67.07
CA LYS A 57 -16.67 -13.03 -67.81
C LYS A 57 -15.41 -13.17 -66.93
N ASN A 58 -15.40 -12.50 -65.79
CA ASN A 58 -14.16 -12.32 -65.03
C ASN A 58 -14.37 -12.69 -63.56
N VAL A 59 -15.05 -13.81 -63.33
CA VAL A 59 -15.35 -14.25 -61.97
C VAL A 59 -14.48 -15.43 -61.58
N LYS A 60 -13.57 -15.16 -60.65
CA LYS A 60 -12.57 -16.12 -60.20
C LYS A 60 -12.97 -16.86 -58.94
N VAL A 61 -13.46 -16.11 -57.97
CA VAL A 61 -13.66 -16.66 -56.65
C VAL A 61 -15.04 -17.29 -56.55
N LEU A 62 -16.08 -16.52 -56.87
CA LEU A 62 -17.45 -16.98 -56.66
C LEU A 62 -18.05 -17.64 -57.90
N GLY A 63 -17.17 -18.25 -58.71
CA GLY A 63 -17.54 -18.79 -60.00
C GLY A 63 -18.61 -19.87 -60.02
N ASN A 64 -18.76 -20.61 -58.92
CA ASN A 64 -19.71 -21.73 -58.87
C ASN A 64 -21.13 -21.29 -58.48
N LEU A 65 -21.28 -20.05 -58.05
CA LEU A 65 -22.58 -19.52 -57.68
C LEU A 65 -23.46 -19.39 -58.91
N THR A 66 -24.72 -19.77 -58.81
CA THR A 66 -25.68 -19.40 -59.83
C THR A 66 -25.78 -17.87 -59.84
N GLU A 67 -26.31 -17.31 -60.91
CA GLU A 67 -26.39 -15.86 -61.08
C GLU A 67 -27.12 -15.13 -59.94
N ALA A 68 -28.30 -15.61 -59.57
CA ALA A 68 -29.11 -14.99 -58.51
C ALA A 68 -28.40 -14.92 -57.16
N GLU A 69 -27.81 -16.05 -56.78
CA GLU A 69 -26.95 -16.12 -55.61
C GLU A 69 -25.80 -15.13 -55.71
N PHE A 70 -25.13 -15.11 -56.85
CA PHE A 70 -23.97 -14.24 -57.07
C PHE A 70 -24.30 -12.75 -56.88
N LEU A 71 -25.39 -12.31 -57.49
CA LEU A 71 -25.81 -10.93 -57.34
C LEU A 71 -26.28 -10.62 -55.91
N ARG A 72 -26.83 -11.62 -55.23
CA ARG A 72 -27.12 -11.52 -53.80
C ARG A 72 -25.87 -11.19 -52.98
N THR A 73 -24.80 -11.92 -53.26
CA THR A 73 -23.52 -11.70 -52.60
C THR A 73 -23.05 -10.28 -52.90
N MET A 74 -23.04 -9.91 -54.17
CA MET A 74 -22.61 -8.57 -54.60
C MET A 74 -23.40 -7.47 -53.92
N THR A 75 -24.67 -7.75 -53.64
CA THR A 75 -25.51 -6.79 -52.92
C THR A 75 -25.08 -6.72 -51.45
N ALA A 76 -24.85 -7.88 -50.85
CA ALA A 76 -24.46 -7.92 -49.45
C ALA A 76 -23.13 -7.20 -49.29
N ILE A 77 -22.19 -7.53 -50.16
CA ILE A 77 -20.88 -6.90 -50.15
C ILE A 77 -21.03 -5.39 -50.22
N THR A 78 -21.91 -4.91 -51.09
CA THR A 78 -22.07 -3.48 -51.25
C THR A 78 -22.57 -2.83 -49.98
N GLU A 79 -23.53 -3.46 -49.30
CA GLU A 79 -24.07 -2.84 -48.10
C GLU A 79 -23.16 -3.00 -46.86
N TRP A 80 -22.22 -3.92 -46.93
CA TRP A 80 -21.22 -4.12 -45.87
C TRP A 80 -20.03 -3.15 -45.95
N VAL A 81 -19.53 -2.94 -47.17
CA VAL A 81 -18.26 -2.25 -47.39
C VAL A 81 -18.44 -0.85 -47.95
N SER A 82 -19.17 -0.73 -49.05
CA SER A 82 -19.31 0.54 -49.76
C SER A 82 -20.78 0.91 -50.00
N PRO A 83 -21.59 0.99 -48.94
CA PRO A 83 -23.00 1.35 -49.09
C PRO A 83 -23.25 2.78 -49.57
N GLN A 84 -22.46 3.72 -49.06
CA GLN A 84 -22.58 5.11 -49.48
C GLN A 84 -22.21 5.26 -50.94
N GLU A 85 -21.35 4.39 -51.43
CA GLU A 85 -20.74 4.57 -52.74
C GLU A 85 -21.47 3.76 -53.80
N GLY A 86 -22.05 2.62 -53.41
CA GLY A 86 -22.80 1.80 -54.32
C GLY A 86 -21.89 0.84 -55.06
N CYS A 87 -22.43 0.12 -56.06
CA CYS A 87 -21.67 -0.88 -56.83
C CYS A 87 -20.47 -0.29 -57.50
N THR A 88 -20.56 0.98 -57.88
CA THR A 88 -19.52 1.61 -58.69
C THR A 88 -18.24 1.89 -57.93
N TYR A 89 -18.26 1.63 -56.64
CA TYR A 89 -17.07 1.78 -55.84
C TYR A 89 -15.97 0.92 -56.41
N CYS A 90 -16.37 -0.23 -56.94
CA CYS A 90 -15.43 -1.24 -57.42
C CYS A 90 -15.59 -1.54 -58.91
N HIS A 91 -16.70 -1.15 -59.50
CA HIS A 91 -16.99 -1.55 -60.86
C HIS A 91 -16.91 -0.41 -61.80
N ASP A 92 -16.48 -0.69 -63.02
CA ASP A 92 -16.69 0.30 -64.06
C ASP A 92 -18.17 0.32 -64.41
N GLU A 93 -18.76 1.50 -64.27
CA GLU A 93 -20.18 1.73 -64.53
C GLU A 93 -20.67 0.93 -65.74
N ASN A 94 -19.82 0.86 -66.76
CA ASN A 94 -20.21 0.31 -68.06
C ASN A 94 -19.59 -1.04 -68.35
N ASN A 95 -18.61 -1.46 -67.54
CA ASN A 95 -18.05 -2.79 -67.66
C ASN A 95 -17.78 -3.44 -66.32
N LEU A 96 -18.55 -4.46 -66.02
CA LEU A 96 -18.55 -4.99 -64.67
C LEU A 96 -17.40 -5.96 -64.46
N ALA A 97 -16.94 -6.56 -65.54
CA ALA A 97 -15.79 -7.44 -65.45
C ALA A 97 -14.51 -6.64 -65.34
N SER A 98 -14.59 -5.34 -65.57
CA SER A 98 -13.41 -4.49 -65.50
C SER A 98 -12.81 -4.47 -64.10
N GLU A 99 -11.49 -4.68 -64.05
CA GLU A 99 -10.69 -4.59 -62.85
C GLU A 99 -10.03 -3.23 -62.76
N ALA A 100 -10.61 -2.26 -63.44
CA ALA A 100 -10.01 -0.93 -63.60
C ALA A 100 -9.69 -0.24 -62.26
N LYS A 101 -10.58 -0.40 -61.28
CA LYS A 101 -10.48 0.32 -60.02
C LYS A 101 -9.87 -0.60 -58.98
N TYR A 102 -8.99 -0.07 -58.15
CA TYR A 102 -8.36 -0.93 -57.17
C TYR A 102 -9.32 -1.62 -56.18
N PRO A 103 -10.44 -0.97 -55.79
CA PRO A 103 -11.31 -1.69 -54.87
C PRO A 103 -11.75 -3.03 -55.41
N TYR A 104 -11.82 -3.15 -56.73
CA TYR A 104 -12.20 -4.41 -57.34
C TYR A 104 -11.23 -5.48 -56.90
N VAL A 105 -9.95 -5.23 -57.14
CA VAL A 105 -8.98 -6.30 -56.98
C VAL A 105 -8.73 -6.56 -55.53
N VAL A 106 -8.62 -5.49 -54.75
CA VAL A 106 -8.56 -5.61 -53.31
C VAL A 106 -9.76 -6.42 -52.81
N ALA A 107 -10.96 -6.09 -53.29
CA ALA A 107 -12.15 -6.81 -52.89
C ALA A 107 -12.08 -8.27 -53.30
N ARG A 108 -11.40 -8.57 -54.40
CA ARG A 108 -11.29 -9.95 -54.84
C ARG A 108 -10.45 -10.76 -53.85
N ARG A 109 -9.36 -10.16 -53.38
CA ARG A 109 -8.48 -10.76 -52.39
C ARG A 109 -9.18 -10.93 -51.04
N MET A 110 -10.02 -9.96 -50.70
CA MET A 110 -10.76 -9.97 -49.46
C MET A 110 -11.82 -11.05 -49.41
N LEU A 111 -12.38 -11.40 -50.57
CA LEU A 111 -13.22 -12.58 -50.68
C LEU A 111 -12.42 -13.82 -50.34
N GLU A 112 -11.19 -13.88 -50.84
CA GLU A 112 -10.31 -14.99 -50.53
C GLU A 112 -9.95 -15.05 -49.03
N MET A 113 -9.45 -13.95 -48.49
CA MET A 113 -9.10 -13.84 -47.09
C MET A 113 -10.27 -14.22 -46.22
N THR A 114 -11.45 -13.72 -46.58
CA THR A 114 -12.66 -13.95 -45.81
C THR A 114 -13.01 -15.44 -45.78
N ARG A 115 -12.96 -16.08 -46.93
CA ARG A 115 -13.21 -17.52 -46.95
C ARG A 115 -12.09 -18.28 -46.25
N ALA A 116 -10.90 -17.68 -46.17
CA ALA A 116 -9.79 -18.27 -45.42
C ALA A 116 -10.11 -18.31 -43.93
N ILE A 117 -10.43 -17.15 -43.36
CA ILE A 117 -10.79 -17.07 -41.96
C ILE A 117 -11.89 -18.06 -41.60
N ASN A 118 -12.92 -18.13 -42.43
CA ASN A 118 -14.05 -18.98 -42.11
C ASN A 118 -13.83 -20.46 -42.33
N THR A 119 -12.80 -20.78 -43.12
CA THR A 119 -12.51 -22.17 -43.44
C THR A 119 -11.36 -22.70 -42.61
N ASN A 120 -10.38 -21.86 -42.36
CA ASN A 120 -9.12 -22.33 -41.82
C ASN A 120 -8.83 -21.85 -40.42
N TRP A 121 -9.56 -20.83 -39.97
CA TRP A 121 -9.37 -20.30 -38.63
C TRP A 121 -10.62 -20.50 -37.81
N THR A 122 -11.17 -21.67 -38.06
CA THR A 122 -12.25 -22.24 -37.30
C THR A 122 -11.98 -22.30 -35.78
N GLN A 123 -10.73 -22.51 -35.40
N GLN A 123 -10.71 -22.50 -35.41
CA GLN A 123 -10.41 -22.62 -33.97
CA GLN A 123 -10.31 -22.61 -34.01
C GLN A 123 -10.53 -21.27 -33.27
C GLN A 123 -10.42 -21.27 -33.28
N HIS A 124 -10.49 -20.19 -34.04
CA HIS A 124 -10.76 -18.91 -33.47
C HIS A 124 -12.20 -18.46 -33.73
N VAL A 125 -12.59 -18.36 -35.00
CA VAL A 125 -13.88 -17.74 -35.36
C VAL A 125 -15.01 -18.70 -35.21
N ALA A 126 -14.68 -19.98 -35.11
CA ALA A 126 -15.64 -21.03 -34.82
C ALA A 126 -16.78 -21.04 -35.84
N GLN A 127 -18.03 -21.12 -35.34
CA GLN A 127 -19.22 -21.19 -36.20
C GLN A 127 -19.93 -19.83 -36.28
N THR A 128 -19.32 -18.80 -35.68
CA THR A 128 -19.78 -17.43 -35.86
C THR A 128 -19.22 -16.89 -37.17
N GLY A 129 -17.93 -17.05 -37.40
CA GLY A 129 -17.34 -16.64 -38.65
C GLY A 129 -17.29 -15.14 -38.75
N VAL A 130 -16.73 -14.65 -39.84
CA VAL A 130 -16.74 -13.24 -40.12
C VAL A 130 -17.34 -12.96 -41.50
N THR A 131 -17.64 -11.70 -41.76
CA THR A 131 -18.08 -11.25 -43.08
C THR A 131 -17.32 -9.96 -43.28
N CYS A 132 -17.46 -9.36 -44.46
CA CYS A 132 -16.85 -8.07 -44.70
C CYS A 132 -17.27 -7.06 -43.64
N TYR A 133 -18.49 -7.20 -43.11
CA TYR A 133 -19.01 -6.21 -42.16
C TYR A 133 -18.25 -6.19 -40.83
N THR A 134 -17.81 -7.37 -40.41
CA THR A 134 -17.11 -7.55 -39.16
C THR A 134 -15.97 -6.55 -39.05
N CYS A 135 -15.24 -6.33 -40.13
CA CYS A 135 -14.17 -5.34 -40.11
C CYS A 135 -14.60 -4.00 -40.63
N HIS A 136 -15.23 -4.01 -41.80
CA HIS A 136 -15.52 -2.77 -42.52
C HIS A 136 -16.57 -1.90 -41.87
N ARG A 137 -17.57 -2.51 -41.26
CA ARG A 137 -18.61 -1.76 -40.58
C ARG A 137 -19.21 -0.67 -41.50
N GLY A 138 -19.42 -1.03 -42.78
CA GLY A 138 -20.16 -0.14 -43.68
C GLY A 138 -19.33 0.95 -44.34
N THR A 139 -18.01 0.90 -44.18
CA THR A 139 -17.12 1.77 -44.91
C THR A 139 -15.97 0.98 -45.52
N PRO A 140 -15.46 1.46 -46.64
CA PRO A 140 -14.35 0.81 -47.34
C PRO A 140 -13.09 0.74 -46.50
N LEU A 141 -12.74 1.84 -45.83
CA LEU A 141 -11.68 1.77 -44.84
C LEU A 141 -12.31 1.28 -43.56
N PRO A 142 -11.87 0.14 -43.05
CA PRO A 142 -12.32 -0.30 -41.73
C PRO A 142 -11.92 0.71 -40.65
N PRO A 143 -12.78 0.92 -39.66
CA PRO A 143 -12.56 2.01 -38.72
C PRO A 143 -11.38 1.81 -37.77
N TYR A 144 -11.03 0.56 -37.51
CA TYR A 144 -9.92 0.21 -36.62
C TYR A 144 -8.88 -0.60 -37.34
N VAL A 145 -7.79 0.05 -37.70
CA VAL A 145 -6.69 -0.59 -38.42
C VAL A 145 -5.38 -0.13 -37.81
N ARG A 146 -4.31 -0.85 -38.10
CA ARG A 146 -3.00 -0.47 -37.58
C ARG A 146 -2.02 -0.21 -38.73
N TYR A 147 -1.20 0.82 -38.56
CA TYR A 147 -0.01 1.03 -39.38
C TYR A 147 1.19 0.55 -38.59
N LEU A 148 2.38 0.70 -39.17
CA LEU A 148 3.60 0.24 -38.53
C LEU A 148 4.08 1.24 -37.50
N GLU A 149 3.27 2.25 -37.23
CA GLU A 149 3.49 3.07 -36.06
C GLU A 149 2.14 3.35 -35.41
N PRO A 150 2.14 3.66 -34.10
CA PRO A 150 0.87 4.00 -33.48
C PRO A 150 0.29 5.25 -34.12
N THR A 151 -1.03 5.26 -34.18
CA THR A 151 -1.75 6.39 -34.77
C THR A 151 -2.95 6.70 -33.87
N LEU A 152 -3.51 7.90 -33.97
CA LEU A 152 -4.67 8.28 -33.18
C LEU A 152 -5.59 9.20 -33.97
N PRO A 153 -6.86 9.32 -33.55
CA PRO A 153 -7.70 8.41 -32.74
C PRO A 153 -7.68 6.97 -33.23
N LEU A 154 -8.03 6.04 -32.35
CA LEU A 154 -8.07 4.62 -32.71
C LEU A 154 -9.13 4.44 -33.78
N ASN A 155 -10.21 5.19 -33.63
CA ASN A 155 -11.25 5.12 -34.62
C ASN A 155 -10.95 6.14 -35.68
N ASN A 156 -10.59 5.65 -36.86
CA ASN A 156 -10.14 6.53 -37.92
C ASN A 156 -11.30 7.28 -38.57
N ARG A 157 -12.50 7.11 -38.03
CA ARG A 157 -13.59 7.96 -38.44
C ARG A 157 -13.60 9.28 -37.68
N GLU A 158 -12.79 9.38 -36.62
CA GLU A 158 -12.68 10.62 -35.86
C GLU A 158 -11.55 11.49 -36.41
N THR A 159 -11.66 12.81 -36.22
CA THR A 159 -10.69 13.74 -36.80
C THR A 159 -9.51 13.95 -35.85
N PRO A 160 -8.26 13.73 -36.34
CA PRO A 160 -7.10 13.87 -35.47
C PRO A 160 -6.94 15.29 -34.99
N THR A 161 -6.50 15.47 -33.76
CA THR A 161 -5.94 16.75 -33.36
C THR A 161 -4.53 16.85 -33.91
N HIS A 162 -3.92 18.03 -33.75
CA HIS A 162 -2.57 18.25 -34.22
C HIS A 162 -1.65 17.22 -33.59
N VAL A 163 -1.70 17.14 -32.26
CA VAL A 163 -0.80 16.29 -31.47
C VAL A 163 -0.96 14.81 -31.82
N GLU A 164 -2.20 14.42 -32.13
CA GLU A 164 -2.50 13.05 -32.50
C GLU A 164 -1.87 12.71 -33.81
N ARG A 165 -1.72 13.70 -34.67
CA ARG A 165 -1.25 13.44 -36.02
C ARG A 165 0.13 12.83 -35.94
N VAL A 166 0.32 11.74 -36.68
CA VAL A 166 1.51 10.93 -36.56
C VAL A 166 2.79 11.72 -36.81
N GLU A 167 2.66 12.85 -37.49
CA GLU A 167 3.80 13.70 -37.83
C GLU A 167 4.26 14.51 -36.62
N THR A 168 3.33 14.76 -35.70
CA THR A 168 3.62 15.48 -34.47
C THR A 168 4.36 14.58 -33.46
N ARG A 169 5.69 14.69 -33.46
CA ARG A 169 6.54 13.87 -32.61
C ARG A 169 6.21 14.04 -31.14
N SER A 170 5.84 15.26 -30.72
CA SER A 170 5.53 15.50 -29.31
C SER A 170 4.38 14.66 -28.77
N GLY A 171 3.59 14.09 -29.67
CA GLY A 171 2.41 13.35 -29.28
C GLY A 171 2.56 11.84 -29.36
N TYR A 172 3.81 11.40 -29.51
CA TYR A 172 4.13 9.98 -29.61
C TYR A 172 3.77 9.17 -28.38
N VAL A 173 4.25 9.61 -27.21
CA VAL A 173 4.01 8.89 -25.96
C VAL A 173 2.52 8.67 -25.70
N VAL A 174 1.70 9.60 -26.19
CA VAL A 174 0.26 9.46 -26.05
C VAL A 174 -0.32 8.52 -27.12
N ARG A 175 0.23 8.53 -28.33
CA ARG A 175 -0.23 7.62 -29.35
C ARG A 175 -0.01 6.20 -28.91
N LEU A 176 1.05 6.00 -28.14
CA LEU A 176 1.42 4.69 -27.62
C LEU A 176 0.55 4.33 -26.40
N ALA A 177 0.32 5.29 -25.51
CA ALA A 177 -0.49 5.03 -24.31
C ALA A 177 -1.94 4.67 -24.64
N LYS A 178 -2.49 5.33 -25.64
CA LYS A 178 -3.87 5.07 -25.99
C LYS A 178 -4.00 3.72 -26.66
N TYR A 179 -2.88 3.18 -27.17
CA TYR A 179 -2.90 1.84 -27.71
C TYR A 179 -2.76 0.74 -26.65
N THR A 180 -2.24 1.10 -25.48
CA THR A 180 -2.00 0.13 -24.41
C THR A 180 -2.78 0.50 -23.14
N ALA A 181 -4.04 0.88 -23.31
CA ALA A 181 -4.95 1.09 -22.18
C ALA A 181 -4.44 2.13 -21.21
N TYR A 182 -3.71 3.10 -21.74
CA TYR A 182 -3.20 4.27 -21.02
C TYR A 182 -1.98 4.03 -20.20
N SER A 183 -1.33 2.89 -20.40
CA SER A 183 -0.12 2.61 -19.64
C SER A 183 0.99 3.46 -20.20
N ALA A 184 2.10 3.49 -19.49
CA ALA A 184 3.25 4.20 -19.99
C ALA A 184 4.21 3.25 -20.68
N LEU A 185 3.77 2.01 -20.93
CA LEU A 185 4.71 0.98 -21.43
C LEU A 185 5.26 1.42 -22.75
N ASN A 186 6.58 1.47 -22.83
CA ASN A 186 7.23 2.10 -23.96
C ASN A 186 7.39 1.16 -25.16
N TYR A 187 6.40 0.33 -25.42
CA TYR A 187 6.51 -0.66 -26.51
C TYR A 187 5.22 -0.67 -27.31
N ASP A 188 5.32 -0.94 -28.61
CA ASP A 188 4.15 -1.11 -29.44
C ASP A 188 3.93 -2.57 -29.75
N PRO A 189 2.92 -3.17 -29.12
CA PRO A 189 2.71 -4.60 -29.25
C PRO A 189 2.25 -5.03 -30.64
N PHE A 190 1.79 -4.07 -31.43
CA PHE A 190 1.29 -4.41 -32.76
C PHE A 190 2.44 -4.82 -33.65
N THR A 191 3.40 -3.93 -33.82
CA THR A 191 4.55 -4.20 -34.66
C THR A 191 5.46 -5.26 -34.06
N MET A 192 5.49 -5.33 -32.73
CA MET A 192 6.28 -6.37 -32.10
C MET A 192 5.67 -7.73 -32.23
N PHE A 193 4.34 -7.83 -32.14
CA PHE A 193 3.73 -9.13 -31.96
C PHE A 193 2.81 -9.61 -33.03
N LEU A 194 2.05 -8.68 -33.62
CA LEU A 194 0.92 -9.07 -34.45
C LEU A 194 1.15 -8.91 -35.94
N ALA A 195 2.11 -8.08 -36.32
CA ALA A 195 2.42 -7.86 -37.73
C ALA A 195 3.06 -9.10 -38.35
N ASN A 196 3.72 -9.91 -37.54
CA ASN A 196 4.43 -11.06 -38.04
C ASN A 196 4.68 -12.03 -36.91
N ASP A 197 5.35 -13.13 -37.22
CA ASP A 197 5.57 -14.19 -36.26
C ASP A 197 7.01 -14.19 -35.70
N LYS A 198 7.66 -13.04 -35.71
CA LYS A 198 9.07 -12.99 -35.34
C LYS A 198 9.33 -13.11 -33.84
N ARG A 199 8.39 -12.64 -33.02
CA ARG A 199 8.63 -12.61 -31.59
C ARG A 199 7.79 -13.60 -30.78
N GLN A 200 8.34 -13.97 -29.63
CA GLN A 200 7.76 -14.98 -28.76
C GLN A 200 7.08 -14.21 -27.62
N VAL A 201 5.78 -14.47 -27.42
CA VAL A 201 5.02 -13.72 -26.43
C VAL A 201 5.37 -14.15 -25.01
N ARG A 202 5.69 -15.43 -24.82
CA ARG A 202 5.88 -15.97 -23.48
C ARG A 202 7.24 -15.57 -22.96
N VAL A 203 7.27 -15.08 -21.73
CA VAL A 203 8.53 -14.60 -21.16
C VAL A 203 8.87 -15.22 -19.82
N VAL A 204 7.94 -15.98 -19.25
CA VAL A 204 8.09 -16.45 -17.89
C VAL A 204 8.73 -17.80 -17.89
N PRO A 205 9.75 -17.99 -17.06
CA PRO A 205 10.43 -19.29 -16.93
C PRO A 205 9.49 -20.43 -16.53
N GLN A 206 9.80 -21.63 -16.96
CA GLN A 206 9.00 -22.77 -16.60
C GLN A 206 9.71 -23.74 -15.65
N THR A 207 10.74 -23.25 -14.98
CA THR A 207 11.39 -24.03 -13.93
C THR A 207 11.55 -23.14 -12.73
N ALA A 208 11.57 -23.73 -11.54
CA ALA A 208 11.73 -22.96 -10.33
C ALA A 208 13.08 -22.28 -10.26
N LEU A 209 14.15 -22.98 -10.65
CA LEU A 209 15.49 -22.42 -10.59
C LEU A 209 15.96 -22.02 -11.98
N PRO A 210 16.95 -21.13 -12.07
CA PRO A 210 17.53 -20.70 -13.34
C PRO A 210 18.40 -21.80 -13.96
N LEU A 211 18.03 -22.22 -15.18
CA LEU A 211 18.82 -23.19 -15.93
C LEU A 211 20.16 -22.59 -16.27
N VAL A 212 21.20 -23.35 -15.99
CA VAL A 212 22.55 -22.91 -16.29
C VAL A 212 22.70 -22.96 -17.79
N GLY A 213 23.02 -21.83 -18.39
CA GLY A 213 23.14 -21.77 -19.84
C GLY A 213 22.24 -20.77 -20.53
N VAL A 214 21.18 -20.32 -19.87
CA VAL A 214 20.32 -19.29 -20.47
C VAL A 214 20.08 -18.16 -19.48
N SER A 215 20.81 -18.15 -18.38
CA SER A 215 20.43 -17.31 -17.26
C SER A 215 21.43 -16.25 -16.89
N ARG A 216 22.42 -16.01 -17.74
CA ARG A 216 23.40 -14.97 -17.41
C ARG A 216 23.85 -14.16 -18.62
N GLY A 217 24.11 -12.88 -18.38
CA GLY A 217 24.59 -11.99 -19.43
C GLY A 217 23.79 -12.03 -20.71
N LYS A 218 24.48 -12.05 -21.84
CA LYS A 218 23.84 -11.97 -23.13
C LYS A 218 23.01 -13.21 -23.46
N GLU A 219 23.10 -14.27 -22.67
CA GLU A 219 22.27 -15.44 -22.92
C GLU A 219 20.81 -15.11 -22.66
N ARG A 220 20.59 -14.06 -21.87
CA ARG A 220 19.26 -13.75 -21.36
C ARG A 220 18.47 -12.90 -22.32
N ARG A 221 17.16 -13.13 -22.32
CA ARG A 221 16.25 -12.13 -22.85
C ARG A 221 16.31 -10.94 -21.93
N PRO A 222 16.29 -9.74 -22.50
CA PRO A 222 16.31 -8.53 -21.68
C PRO A 222 14.95 -8.35 -21.02
N LEU A 223 14.93 -7.63 -19.92
CA LEU A 223 13.70 -7.50 -19.17
C LEU A 223 12.67 -6.72 -20.01
N SER A 224 13.15 -5.99 -21.00
CA SER A 224 12.24 -5.24 -21.84
C SER A 224 11.22 -6.14 -22.50
N ASP A 225 11.54 -7.43 -22.64
CA ASP A 225 10.56 -8.39 -23.21
C ASP A 225 9.31 -8.61 -22.37
N ALA A 226 9.47 -8.57 -21.05
CA ALA A 226 8.36 -8.73 -20.14
C ALA A 226 7.46 -7.47 -20.17
N TYR A 227 8.04 -6.28 -20.31
CA TYR A 227 7.22 -5.07 -20.53
C TYR A 227 6.36 -5.20 -21.79
N ALA A 228 6.97 -5.66 -22.88
CA ALA A 228 6.30 -5.74 -24.16
C ALA A 228 5.10 -6.66 -24.06
N THR A 229 5.35 -7.85 -23.52
CA THR A 229 4.31 -8.83 -23.33
C THR A 229 3.18 -8.25 -22.52
N PHE A 230 3.51 -7.42 -21.54
CA PHE A 230 2.53 -6.77 -20.68
C PHE A 230 1.77 -5.73 -21.48
N ALA A 231 2.49 -5.01 -22.34
CA ALA A 231 1.89 -4.03 -23.24
C ALA A 231 0.90 -4.70 -24.17
N LEU A 232 1.30 -5.79 -24.79
CA LEU A 232 0.42 -6.56 -25.65
C LEU A 232 -0.85 -6.97 -24.93
N MET A 233 -0.73 -7.36 -23.67
CA MET A 233 -1.86 -7.88 -22.92
C MET A 233 -2.76 -6.75 -22.47
N MET A 234 -2.17 -5.58 -22.20
CA MET A 234 -2.96 -4.39 -21.94
C MET A 234 -3.80 -4.09 -23.18
N SER A 235 -3.16 -4.16 -24.33
CA SER A 235 -3.80 -3.93 -25.61
C SER A 235 -4.93 -4.93 -25.91
N ILE A 236 -4.63 -6.23 -25.84
CA ILE A 236 -5.62 -7.30 -26.07
C ILE A 236 -6.81 -7.10 -25.14
N SER A 237 -6.55 -6.77 -23.89
CA SER A 237 -7.60 -6.52 -22.92
C SER A 237 -8.46 -5.35 -23.33
N ASP A 238 -7.85 -4.22 -23.64
CA ASP A 238 -8.64 -3.06 -24.04
C ASP A 238 -9.37 -3.31 -25.34
N SER A 239 -8.78 -4.12 -26.22
CA SER A 239 -9.42 -4.42 -27.50
C SER A 239 -10.67 -5.23 -27.37
N LEU A 240 -10.73 -6.10 -26.38
CA LEU A 240 -11.88 -6.96 -26.22
C LEU A 240 -12.83 -6.41 -25.17
N GLY A 241 -12.50 -5.23 -24.64
CA GLY A 241 -13.25 -4.68 -23.53
C GLY A 241 -13.33 -5.61 -22.32
N THR A 242 -12.20 -6.22 -21.95
CA THR A 242 -12.16 -7.16 -20.83
C THR A 242 -10.87 -7.03 -20.00
N ASN A 243 -10.73 -7.86 -18.97
CA ASN A 243 -9.57 -7.76 -18.11
C ASN A 243 -8.81 -9.07 -18.09
N CYS A 244 -7.60 -9.03 -17.53
CA CYS A 244 -6.74 -10.20 -17.49
C CYS A 244 -7.46 -11.47 -17.10
N THR A 245 -8.31 -11.39 -16.08
CA THR A 245 -8.89 -12.58 -15.51
C THR A 245 -9.97 -13.17 -16.40
N PHE A 246 -10.25 -12.51 -17.51
CA PHE A 246 -11.09 -13.12 -18.51
C PHE A 246 -10.34 -14.35 -19.03
N CYS A 247 -9.02 -14.31 -18.93
CA CYS A 247 -8.19 -15.38 -19.52
C CYS A 247 -7.24 -16.11 -18.60
N HIS A 248 -6.71 -15.41 -17.60
CA HIS A 248 -5.69 -15.97 -16.72
C HIS A 248 -6.22 -16.04 -15.30
N ASN A 249 -5.74 -16.99 -14.51
CA ASN A 249 -5.77 -16.84 -13.05
C ASN A 249 -4.40 -16.27 -12.72
N ALA A 250 -4.39 -15.04 -12.23
CA ALA A 250 -3.16 -14.26 -12.14
C ALA A 250 -2.16 -14.86 -11.17
N GLN A 251 -2.58 -15.88 -10.41
CA GLN A 251 -1.68 -16.66 -9.57
C GLN A 251 -0.46 -17.12 -10.36
N THR A 252 -0.69 -17.60 -11.57
CA THR A 252 0.38 -18.03 -12.46
C THR A 252 -0.09 -17.81 -13.90
N PHE A 253 0.32 -16.66 -14.43
CA PHE A 253 0.00 -16.24 -15.77
C PHE A 253 0.47 -17.28 -16.74
N GLU A 254 1.62 -17.88 -16.43
CA GLU A 254 2.32 -18.71 -17.41
C GLU A 254 1.69 -20.07 -17.54
N SER A 255 0.88 -20.45 -16.57
CA SER A 255 0.25 -21.78 -16.54
C SER A 255 -1.07 -21.88 -17.31
N TRP A 256 -1.32 -23.06 -17.85
CA TRP A 256 -2.58 -23.34 -18.51
C TRP A 256 -3.32 -24.34 -17.66
N GLY A 257 -4.13 -25.21 -18.25
CA GLY A 257 -4.90 -26.16 -17.47
C GLY A 257 -5.97 -25.45 -16.66
N LYS A 258 -5.95 -25.63 -15.35
CA LYS A 258 -6.97 -25.02 -14.48
C LYS A 258 -6.71 -23.54 -14.25
N LYS A 259 -5.49 -23.11 -14.55
CA LYS A 259 -5.07 -21.72 -14.39
C LYS A 259 -5.38 -20.87 -15.60
N SER A 260 -6.01 -21.45 -16.61
CA SER A 260 -6.40 -20.66 -17.75
C SER A 260 -7.82 -21.02 -18.16
N THR A 261 -8.57 -19.99 -18.57
CA THR A 261 -9.92 -20.19 -19.08
C THR A 261 -9.88 -20.59 -20.55
N PRO A 262 -10.97 -21.19 -21.04
CA PRO A 262 -11.07 -21.57 -22.45
C PRO A 262 -10.81 -20.43 -23.43
N GLN A 263 -11.13 -19.21 -23.01
CA GLN A 263 -10.99 -18.05 -23.86
C GLN A 263 -9.54 -17.70 -24.12
N ARG A 264 -8.65 -18.18 -23.26
CA ARG A 264 -7.24 -17.97 -23.47
C ARG A 264 -6.68 -18.81 -24.62
N ALA A 265 -7.14 -20.05 -24.71
CA ALA A 265 -6.77 -20.89 -25.82
C ALA A 265 -7.28 -20.25 -27.11
N ILE A 266 -8.52 -19.74 -27.08
CA ILE A 266 -9.12 -19.09 -28.25
C ILE A 266 -8.32 -17.86 -28.66
N ALA A 267 -7.93 -17.05 -27.68
CA ALA A 267 -7.06 -15.90 -27.95
C ALA A 267 -5.72 -16.32 -28.50
N TRP A 268 -5.19 -17.46 -28.04
CA TRP A 268 -3.95 -17.96 -28.56
C TRP A 268 -4.11 -18.18 -30.05
N TRP A 269 -5.19 -18.83 -30.47
CA TRP A 269 -5.48 -18.98 -31.89
C TRP A 269 -5.62 -17.66 -32.65
N GLY A 270 -6.19 -16.67 -31.99
CA GLY A 270 -6.43 -15.38 -32.62
C GLY A 270 -5.15 -14.63 -32.92
N ILE A 271 -4.18 -14.72 -32.03
CA ILE A 271 -2.86 -14.17 -32.30
C ILE A 271 -2.28 -14.79 -33.59
N ARG A 272 -2.47 -16.09 -33.76
CA ARG A 272 -1.96 -16.79 -34.94
C ARG A 272 -2.74 -16.38 -36.18
N MET A 273 -4.05 -16.23 -36.03
CA MET A 273 -4.90 -15.85 -37.14
C MET A 273 -4.54 -14.44 -37.64
N VAL A 274 -4.37 -13.52 -36.70
CA VAL A 274 -4.04 -12.14 -37.02
C VAL A 274 -2.71 -12.03 -37.74
N ARG A 275 -1.78 -12.90 -37.38
CA ARG A 275 -0.47 -12.85 -37.98
C ARG A 275 -0.56 -13.35 -39.43
N ASP A 276 -1.29 -14.45 -39.62
CA ASP A 276 -1.55 -14.96 -40.95
C ASP A 276 -2.16 -13.91 -41.87
N LEU A 277 -3.25 -13.28 -41.44
CA LEU A 277 -3.91 -12.29 -42.25
C LEU A 277 -2.96 -11.16 -42.59
N ASN A 278 -2.23 -10.65 -41.59
CA ASN A 278 -1.33 -9.53 -41.83
C ASN A 278 -0.21 -9.89 -42.79
N MET A 279 0.45 -11.01 -42.51
CA MET A 279 1.57 -11.41 -43.32
C MET A 279 1.18 -11.81 -44.72
N ASN A 280 0.01 -12.42 -44.90
CA ASN A 280 -0.34 -13.06 -46.17
C ASN A 280 -1.46 -12.45 -46.99
N TYR A 281 -2.28 -11.58 -46.39
CA TYR A 281 -3.32 -10.91 -47.16
C TYR A 281 -3.18 -9.41 -47.14
N LEU A 282 -3.06 -8.84 -45.94
CA LEU A 282 -3.24 -7.41 -45.79
C LEU A 282 -1.98 -6.64 -46.14
N ALA A 283 -0.84 -7.12 -45.68
CA ALA A 283 0.41 -6.41 -45.89
C ALA A 283 0.78 -6.30 -47.35
N PRO A 284 0.62 -7.41 -48.12
CA PRO A 284 0.87 -7.36 -49.55
C PRO A 284 0.01 -6.34 -50.34
N LEU A 285 -1.12 -5.93 -49.78
CA LEU A 285 -2.00 -5.04 -50.50
C LEU A 285 -1.38 -3.66 -50.71
N ASN A 286 -0.22 -3.39 -50.13
CA ASN A 286 0.39 -2.08 -50.35
C ASN A 286 0.82 -1.95 -51.79
N ALA A 287 0.99 -3.10 -52.44
CA ALA A 287 1.14 -3.18 -53.90
C ALA A 287 -0.08 -2.61 -54.63
N SER A 288 -1.27 -2.99 -54.20
CA SER A 288 -2.49 -2.70 -54.93
C SER A 288 -3.27 -1.50 -54.42
N LEU A 289 -2.71 -0.71 -53.50
CA LEU A 289 -3.48 0.40 -52.93
C LEU A 289 -2.93 1.76 -53.34
N PRO A 290 -3.81 2.78 -53.39
CA PRO A 290 -3.31 4.13 -53.66
C PRO A 290 -2.34 4.53 -52.57
N ALA A 291 -1.50 5.51 -52.87
CA ALA A 291 -0.56 5.96 -51.87
C ALA A 291 -1.28 6.49 -50.63
N SER A 292 -2.46 7.05 -50.83
CA SER A 292 -3.21 7.70 -49.76
C SER A 292 -3.66 6.71 -48.70
N ARG A 293 -3.65 5.43 -49.08
CA ARG A 293 -4.01 4.34 -48.19
C ARG A 293 -2.85 3.96 -47.28
N LEU A 294 -1.63 4.18 -47.76
CA LEU A 294 -0.43 3.64 -47.14
C LEU A 294 0.13 4.54 -46.04
N GLY A 295 0.84 3.92 -45.10
CA GLY A 295 1.43 4.67 -44.00
C GLY A 295 2.79 5.26 -44.33
N ARG A 296 3.47 5.78 -43.31
CA ARG A 296 4.72 6.49 -43.54
C ARG A 296 5.87 5.61 -44.03
N GLN A 297 5.75 4.30 -43.91
CA GLN A 297 6.77 3.43 -44.48
C GLN A 297 6.20 2.54 -45.58
N GLY A 298 5.16 3.05 -46.24
CA GLY A 298 4.59 2.36 -47.40
C GLY A 298 3.88 1.07 -47.08
N GLU A 299 3.40 0.93 -45.84
CA GLU A 299 2.70 -0.26 -45.38
C GLU A 299 1.19 -0.12 -45.60
N ALA A 300 0.53 -1.22 -45.97
CA ALA A 300 -0.93 -1.24 -46.04
C ALA A 300 -1.42 -1.19 -44.60
N PRO A 301 -2.61 -0.58 -44.37
CA PRO A 301 -3.23 -0.72 -43.06
C PRO A 301 -3.50 -2.20 -42.76
N GLN A 302 -3.28 -2.61 -41.52
CA GLN A 302 -3.42 -4.01 -41.19
C GLN A 302 -4.28 -4.16 -39.93
N ALA A 303 -4.45 -5.41 -39.48
CA ALA A 303 -5.44 -5.79 -38.46
C ALA A 303 -4.80 -6.20 -37.13
N ASP A 304 -5.44 -5.79 -36.04
CA ASP A 304 -5.15 -6.30 -34.72
C ASP A 304 -6.44 -6.93 -34.18
N CYS A 305 -6.51 -7.17 -32.88
CA CYS A 305 -7.72 -7.74 -32.29
C CYS A 305 -8.90 -6.75 -32.38
N ARG A 306 -8.62 -5.45 -32.25
CA ARG A 306 -9.69 -4.47 -32.27
C ARG A 306 -10.40 -4.44 -33.62
N THR A 307 -9.67 -4.70 -34.70
CA THR A 307 -10.25 -4.57 -36.03
C THR A 307 -11.58 -5.32 -36.14
N CYS A 308 -11.65 -6.52 -35.59
CA CYS A 308 -12.92 -7.24 -35.49
C CYS A 308 -13.71 -6.95 -34.24
N HIS A 309 -13.03 -7.03 -33.10
CA HIS A 309 -13.71 -7.09 -31.81
C HIS A 309 -14.27 -5.74 -31.41
N GLN A 310 -13.55 -4.67 -31.72
CA GLN A 310 -14.02 -3.31 -31.46
C GLN A 310 -14.61 -3.17 -30.06
N GLY A 311 -13.93 -3.78 -29.08
CA GLY A 311 -14.26 -3.55 -27.68
C GLY A 311 -15.25 -4.53 -27.09
N VAL A 312 -15.46 -5.66 -27.75
CA VAL A 312 -16.40 -6.67 -27.26
C VAL A 312 -15.68 -8.03 -27.33
N THR A 313 -15.87 -8.88 -26.32
CA THR A 313 -15.17 -10.17 -26.31
C THR A 313 -15.52 -11.09 -27.49
N LYS A 314 -16.76 -11.07 -27.94
CA LYS A 314 -17.06 -11.63 -29.24
C LYS A 314 -17.48 -10.48 -30.16
N PRO A 315 -16.95 -10.44 -31.38
CA PRO A 315 -17.27 -9.32 -32.26
C PRO A 315 -18.77 -9.29 -32.49
N LEU A 316 -19.35 -8.08 -32.45
CA LEU A 316 -20.78 -7.89 -32.67
C LEU A 316 -21.62 -8.81 -31.78
N PHE A 317 -21.11 -9.06 -30.58
CA PHE A 317 -21.79 -9.89 -29.62
C PHE A 317 -22.17 -11.24 -30.19
N GLY A 318 -21.33 -11.74 -31.09
CA GLY A 318 -21.46 -13.11 -31.56
C GLY A 318 -22.46 -13.29 -32.69
N ALA A 319 -22.98 -12.18 -33.21
CA ALA A 319 -23.87 -12.22 -34.35
C ALA A 319 -23.16 -12.94 -35.50
N SER A 320 -23.89 -13.79 -36.22
CA SER A 320 -23.30 -14.56 -37.33
C SER A 320 -24.21 -14.49 -38.56
N ARG A 321 -23.60 -14.45 -39.74
CA ARG A 321 -24.36 -14.51 -40.99
C ARG A 321 -23.89 -15.70 -41.78
N LEU A 322 -23.23 -16.63 -41.10
CA LEU A 322 -22.47 -17.68 -41.74
C LEU A 322 -23.34 -18.61 -42.59
N LYS A 323 -24.49 -18.96 -42.02
CA LYS A 323 -25.45 -19.84 -42.68
C LYS A 323 -26.16 -19.11 -43.81
N ASP A 324 -26.21 -17.80 -43.69
CA ASP A 324 -26.81 -16.97 -44.70
C ASP A 324 -25.91 -16.73 -45.91
N TYR A 325 -24.59 -16.73 -45.72
CA TYR A 325 -23.67 -16.53 -46.85
C TYR A 325 -22.51 -17.54 -46.89
N PRO A 326 -22.80 -18.78 -47.32
CA PRO A 326 -21.82 -19.87 -47.33
C PRO A 326 -20.72 -19.73 -48.39
N GLU A 327 -21.00 -18.97 -49.44
CA GLU A 327 -19.96 -18.43 -50.31
C GLU A 327 -18.71 -18.05 -49.52
N LEU A 328 -18.91 -17.39 -48.39
CA LEU A 328 -17.81 -16.80 -47.63
C LEU A 328 -17.14 -17.82 -46.71
N GLY A 329 -17.55 -19.07 -46.81
CA GLY A 329 -16.94 -20.08 -45.97
C GLY A 329 -17.92 -20.61 -44.94
N PRO A 330 -17.60 -21.77 -44.36
CA PRO A 330 -16.41 -22.59 -44.65
C PRO A 330 -16.49 -23.23 -46.02
N ILE A 331 -15.37 -23.19 -46.72
CA ILE A 331 -15.31 -23.73 -48.08
C ILE A 331 -14.77 -25.15 -48.04
N LYS A 332 -15.66 -26.13 -48.21
CA LYS A 332 -15.29 -27.56 -48.15
C LYS A 332 -14.16 -27.94 -49.11
N ALA B 1 4.15 -12.57 38.99
CA ALA B 1 2.75 -12.33 38.55
C ALA B 1 2.49 -10.87 38.20
N LEU B 2 2.92 -9.95 39.07
CA LEU B 2 2.69 -8.53 38.87
C LEU B 2 4.00 -7.81 38.58
N LEU B 3 3.98 -6.87 37.65
CA LEU B 3 5.14 -6.01 37.47
C LEU B 3 5.41 -5.34 38.83
N SER B 4 6.64 -4.86 39.06
CA SER B 4 6.99 -4.30 40.38
C SER B 4 6.04 -3.17 40.77
N PHE B 5 5.55 -2.45 39.77
CA PHE B 5 4.73 -1.26 39.96
C PHE B 5 3.23 -1.45 39.70
N GLU B 6 2.82 -2.68 39.45
CA GLU B 6 1.48 -2.92 38.93
C GLU B 6 0.37 -2.82 39.96
N ARG B 7 0.59 -3.35 41.16
CA ARG B 7 -0.49 -3.60 42.11
C ARG B 7 -1.40 -2.41 42.37
N LYS B 8 -0.81 -1.23 42.37
CA LYS B 8 -1.51 -0.02 42.75
C LYS B 8 -2.52 0.44 41.71
N TYR B 9 -2.36 -0.05 40.48
CA TYR B 9 -3.24 0.32 39.39
C TYR B 9 -4.42 -0.64 39.25
N ARG B 10 -4.31 -1.80 39.90
CA ARG B 10 -5.29 -2.86 39.75
C ARG B 10 -6.56 -2.67 40.59
N VAL B 11 -7.29 -1.61 40.27
CA VAL B 11 -8.46 -1.22 41.04
C VAL B 11 -9.69 -1.57 40.24
N ARG B 12 -10.80 -1.82 40.93
CA ARG B 12 -12.07 -2.05 40.26
C ARG B 12 -12.58 -0.78 39.57
N GLY B 13 -13.39 -0.96 38.53
CA GLY B 13 -14.02 0.17 37.88
C GLY B 13 -13.55 0.30 36.44
N GLY B 14 -14.25 1.13 35.69
CA GLY B 14 -13.84 1.39 34.31
C GLY B 14 -14.66 0.67 33.25
N THR B 15 -15.50 -0.28 33.63
CA THR B 15 -16.19 -1.12 32.64
C THR B 15 -17.17 -0.32 31.80
N LEU B 16 -17.30 -0.70 30.53
CA LEU B 16 -18.37 -0.19 29.70
C LEU B 16 -19.64 -0.87 30.10
N ILE B 17 -19.55 -2.13 30.50
CA ILE B 17 -20.74 -2.95 30.67
C ILE B 17 -20.33 -4.16 31.48
N GLY B 18 -21.25 -4.67 32.29
CA GLY B 18 -20.93 -5.79 33.16
C GLY B 18 -20.61 -5.36 34.59
N GLY B 19 -19.88 -4.28 34.74
CA GLY B 19 -19.52 -3.85 36.08
C GLY B 19 -18.59 -4.84 36.76
N ASP B 20 -18.91 -5.17 38.00
CA ASP B 20 -18.05 -5.99 38.84
C ASP B 20 -17.94 -7.44 38.37
N LEU B 21 -18.93 -7.85 37.59
CA LEU B 21 -19.12 -9.24 37.21
C LEU B 21 -17.86 -9.87 36.60
N PHE B 22 -17.32 -9.25 35.54
CA PHE B 22 -16.12 -9.76 34.91
C PHE B 22 -14.94 -8.86 35.14
N ASP B 23 -15.02 -7.96 36.12
CA ASP B 23 -13.94 -7.04 36.36
C ASP B 23 -12.78 -7.71 37.11
N PHE B 24 -11.93 -8.39 36.38
CA PHE B 24 -10.80 -9.04 36.99
C PHE B 24 -9.78 -9.53 35.98
N TRP B 25 -8.68 -10.07 36.48
CA TRP B 25 -7.58 -10.49 35.64
C TRP B 25 -7.45 -11.98 35.72
N VAL B 26 -7.04 -12.55 34.61
CA VAL B 26 -6.63 -13.93 34.53
C VAL B 26 -5.21 -13.83 34.03
N GLY B 27 -4.28 -13.93 34.95
CA GLY B 27 -2.89 -13.74 34.59
C GLY B 27 -2.63 -12.26 34.42
N PRO B 28 -1.91 -11.87 33.36
CA PRO B 28 -1.75 -10.47 32.94
C PRO B 28 -3.00 -9.91 32.28
N TYR B 29 -3.86 -10.79 31.80
CA TYR B 29 -4.98 -10.40 30.97
C TYR B 29 -6.06 -9.84 31.84
N PHE B 30 -6.53 -8.66 31.48
CA PHE B 30 -7.81 -8.21 31.99
C PHE B 30 -8.90 -8.97 31.23
N VAL B 31 -9.94 -9.39 31.92
CA VAL B 31 -11.07 -10.02 31.26
C VAL B 31 -12.14 -8.98 30.91
N GLY B 32 -13.06 -8.72 31.82
CA GLY B 32 -14.18 -7.85 31.50
C GLY B 32 -15.16 -8.54 30.58
N PHE B 33 -16.35 -7.96 30.43
CA PHE B 33 -17.35 -8.56 29.58
C PHE B 33 -16.83 -8.85 28.16
N PHE B 34 -16.08 -7.91 27.60
CA PHE B 34 -15.63 -8.04 26.22
C PHE B 34 -14.47 -9.02 26.10
N GLY B 35 -13.69 -9.16 27.16
CA GLY B 35 -12.77 -10.27 27.24
C GLY B 35 -13.53 -11.57 27.05
N VAL B 36 -14.69 -11.66 27.68
CA VAL B 36 -15.49 -12.86 27.65
C VAL B 36 -16.06 -13.07 26.26
N SER B 37 -16.55 -12.01 25.62
CA SER B 37 -17.09 -12.20 24.29
C SER B 37 -16.01 -12.36 23.20
N ALA B 38 -14.89 -11.64 23.33
CA ALA B 38 -13.73 -11.87 22.49
C ALA B 38 -13.41 -13.34 22.48
N ILE B 39 -13.42 -13.94 23.64
CA ILE B 39 -12.95 -15.31 23.77
C ILE B 39 -13.99 -16.26 23.19
N PHE B 40 -15.25 -15.94 23.40
CA PHE B 40 -16.31 -16.73 22.84
C PHE B 40 -16.18 -16.81 21.31
N PHE B 41 -16.06 -15.66 20.66
CA PHE B 41 -16.02 -15.60 19.19
C PHE B 41 -14.77 -16.26 18.65
N ILE B 42 -13.64 -16.06 19.32
CA ILE B 42 -12.38 -16.64 18.87
C ILE B 42 -12.58 -18.13 18.82
N PHE B 43 -13.11 -18.66 19.90
CA PHE B 43 -13.32 -20.09 19.99
C PHE B 43 -14.24 -20.59 18.89
N LEU B 44 -15.40 -19.95 18.74
CA LEU B 44 -16.27 -20.21 17.60
C LEU B 44 -15.50 -20.19 16.28
N GLY B 45 -14.86 -19.07 16.01
CA GLY B 45 -14.35 -18.84 14.67
C GLY B 45 -13.25 -19.83 14.38
N VAL B 46 -12.44 -20.09 15.38
CA VAL B 46 -11.35 -21.03 15.22
C VAL B 46 -11.88 -22.45 15.06
N SER B 47 -12.91 -22.79 15.80
CA SER B 47 -13.56 -24.10 15.65
C SER B 47 -14.09 -24.32 14.24
N LEU B 48 -14.77 -23.31 13.69
CA LEU B 48 -15.31 -23.39 12.33
C LEU B 48 -14.18 -23.56 11.33
N ILE B 49 -13.13 -22.79 11.52
CA ILE B 49 -11.95 -22.92 10.71
C ILE B 49 -11.46 -24.38 10.67
N GLY B 50 -11.41 -25.01 11.83
CA GLY B 50 -10.98 -26.40 11.90
C GLY B 50 -11.95 -27.33 11.20
N TYR B 51 -13.23 -27.24 11.55
CA TYR B 51 -14.23 -28.08 10.94
C TYR B 51 -14.20 -27.90 9.43
N ALA B 52 -14.29 -26.67 8.97
CA ALA B 52 -14.21 -26.41 7.54
C ALA B 52 -12.93 -26.99 6.94
N ALA B 53 -11.80 -26.72 7.56
CA ALA B 53 -10.53 -27.17 7.01
C ALA B 53 -10.42 -28.70 6.92
N SER B 54 -11.11 -29.40 7.82
CA SER B 54 -11.07 -30.85 7.90
C SER B 54 -11.83 -31.47 6.74
N GLN B 55 -12.86 -30.78 6.30
CA GLN B 55 -13.67 -31.19 5.17
C GLN B 55 -12.96 -30.94 3.85
N GLY B 56 -11.90 -30.15 3.91
CA GLY B 56 -11.09 -29.88 2.72
C GLY B 56 -10.15 -31.05 2.50
N PRO B 57 -9.24 -30.97 1.51
CA PRO B 57 -8.17 -31.97 1.45
C PRO B 57 -7.02 -31.60 2.38
N THR B 58 -6.38 -30.50 2.02
CA THR B 58 -5.14 -30.11 2.62
C THR B 58 -5.28 -29.82 4.09
N TRP B 59 -4.28 -30.28 4.83
CA TRP B 59 -3.97 -29.74 6.14
C TRP B 59 -2.66 -28.96 6.12
N ASP B 60 -2.05 -28.76 4.95
CA ASP B 60 -0.90 -27.86 4.85
C ASP B 60 -1.36 -26.43 5.08
N PRO B 61 -0.66 -25.71 5.96
CA PRO B 61 -1.10 -24.39 6.43
C PRO B 61 -1.17 -23.38 5.29
N PHE B 62 -0.15 -23.39 4.45
CA PHE B 62 -0.08 -22.45 3.33
C PHE B 62 -1.17 -22.67 2.31
N ALA B 63 -1.68 -23.89 2.26
CA ALA B 63 -2.59 -24.25 1.19
C ALA B 63 -4.03 -24.31 1.63
N ILE B 64 -4.29 -24.35 2.94
CA ILE B 64 -5.68 -24.31 3.39
C ILE B 64 -6.31 -23.00 2.95
N SER B 65 -7.59 -23.06 2.60
CA SER B 65 -8.31 -21.88 2.13
C SER B 65 -9.79 -22.10 2.35
N ILE B 66 -10.44 -21.14 2.97
CA ILE B 66 -11.89 -21.16 3.18
C ILE B 66 -12.49 -19.98 2.39
N ASN B 67 -13.26 -20.28 1.35
CA ASN B 67 -13.63 -19.25 0.37
C ASN B 67 -15.10 -18.83 0.45
N PRO B 68 -15.42 -17.63 -0.02
CA PRO B 68 -16.79 -17.11 -0.04
C PRO B 68 -17.61 -17.88 -1.06
N PRO B 69 -18.93 -17.64 -1.14
CA PRO B 69 -19.70 -18.44 -2.11
C PRO B 69 -19.55 -17.93 -3.53
N ASP B 70 -19.96 -18.73 -4.51
CA ASP B 70 -20.05 -18.27 -5.89
C ASP B 70 -20.87 -17.00 -5.94
N LEU B 71 -20.61 -16.17 -6.94
CA LEU B 71 -21.36 -14.93 -7.09
C LEU B 71 -22.88 -15.11 -7.15
N LYS B 72 -23.32 -16.25 -7.70
CA LYS B 72 -24.74 -16.52 -7.90
C LYS B 72 -25.53 -16.54 -6.60
N TYR B 73 -24.91 -16.94 -5.50
CA TYR B 73 -25.60 -16.94 -4.21
C TYR B 73 -25.87 -15.53 -3.74
N GLY B 74 -25.27 -14.57 -4.42
CA GLY B 74 -25.53 -13.19 -4.09
C GLY B 74 -25.24 -12.88 -2.64
N LEU B 75 -26.09 -12.03 -2.06
CA LEU B 75 -25.97 -11.61 -0.68
C LEU B 75 -26.73 -12.55 0.24
N GLY B 76 -26.96 -13.77 -0.23
CA GLY B 76 -27.77 -14.73 0.50
C GLY B 76 -26.88 -15.76 1.18
N ALA B 77 -27.49 -16.63 1.97
CA ALA B 77 -26.75 -17.62 2.72
C ALA B 77 -26.43 -18.75 1.78
N ALA B 78 -25.17 -19.16 1.80
CA ALA B 78 -24.70 -20.21 0.93
C ALA B 78 -24.60 -21.49 1.74
N PRO B 79 -24.68 -22.64 1.06
CA PRO B 79 -24.36 -23.92 1.69
C PRO B 79 -23.07 -23.87 2.49
N LEU B 80 -23.08 -24.53 3.64
CA LEU B 80 -21.94 -24.54 4.53
C LEU B 80 -20.61 -24.70 3.82
N LEU B 81 -20.45 -25.81 3.12
CA LEU B 81 -19.18 -26.13 2.53
C LEU B 81 -18.86 -25.28 1.31
N GLU B 82 -19.83 -24.49 0.85
CA GLU B 82 -19.70 -23.76 -0.39
C GLU B 82 -19.79 -22.28 -0.17
N GLY B 83 -19.19 -21.81 0.92
CA GLY B 83 -19.29 -20.41 1.26
C GLY B 83 -19.91 -20.16 2.61
N GLY B 84 -20.61 -21.16 3.13
CA GLY B 84 -21.31 -20.96 4.39
C GLY B 84 -20.33 -20.84 5.52
N PHE B 85 -19.31 -21.69 5.52
CA PHE B 85 -18.29 -21.63 6.57
C PHE B 85 -17.64 -20.27 6.57
N TRP B 86 -17.37 -19.75 5.38
CA TRP B 86 -16.74 -18.46 5.24
C TRP B 86 -17.63 -17.40 5.84
N GLN B 87 -18.94 -17.51 5.63
CA GLN B 87 -19.86 -16.50 6.12
C GLN B 87 -19.88 -16.50 7.66
N ALA B 88 -19.84 -17.70 8.22
CA ALA B 88 -19.86 -17.84 9.67
C ALA B 88 -18.59 -17.25 10.26
N ILE B 89 -17.45 -17.69 9.75
CA ILE B 89 -16.15 -17.24 10.22
C ILE B 89 -16.03 -15.73 10.15
N THR B 90 -16.63 -15.11 9.14
CA THR B 90 -16.57 -13.66 8.99
C THR B 90 -17.30 -12.93 10.11
N VAL B 91 -18.44 -13.48 10.51
CA VAL B 91 -19.18 -12.97 11.64
C VAL B 91 -18.37 -13.08 12.94
N CYS B 92 -17.83 -14.27 13.20
CA CYS B 92 -16.97 -14.44 14.36
C CYS B 92 -15.78 -13.49 14.34
N ALA B 93 -15.11 -13.36 13.20
CA ALA B 93 -13.98 -12.42 13.09
C ALA B 93 -14.39 -11.01 13.48
N LEU B 94 -15.53 -10.55 12.98
CA LEU B 94 -15.99 -9.21 13.32
C LEU B 94 -16.33 -9.14 14.81
N GLY B 95 -16.98 -10.18 15.32
CA GLY B 95 -17.26 -10.25 16.74
C GLY B 95 -16.03 -10.17 17.61
N ALA B 96 -14.95 -10.81 17.17
CA ALA B 96 -13.71 -10.85 17.92
C ALA B 96 -13.04 -9.49 17.87
N PHE B 97 -12.96 -8.90 16.68
CA PHE B 97 -12.23 -7.65 16.52
C PHE B 97 -12.88 -6.52 17.32
N ILE B 98 -14.19 -6.41 17.23
CA ILE B 98 -14.89 -5.36 17.93
C ILE B 98 -14.85 -5.56 19.46
N SER B 99 -15.10 -6.78 19.93
CA SER B 99 -14.82 -7.13 21.32
C SER B 99 -13.42 -6.71 21.76
N TRP B 100 -12.40 -6.99 20.95
CA TRP B 100 -11.03 -6.65 21.34
C TRP B 100 -10.91 -5.14 21.53
N MET B 101 -11.60 -4.40 20.67
CA MET B 101 -11.58 -2.95 20.68
C MET B 101 -12.27 -2.34 21.93
N LEU B 102 -13.48 -2.82 22.21
CA LEU B 102 -14.23 -2.37 23.37
C LEU B 102 -13.54 -2.79 24.66
N ARG B 103 -12.93 -3.98 24.66
CA ARG B 103 -12.09 -4.39 25.79
C ARG B 103 -10.97 -3.40 26.02
N GLU B 104 -10.42 -2.81 24.95
CA GLU B 104 -9.31 -1.87 25.09
C GLU B 104 -9.79 -0.56 25.73
N VAL B 105 -11.05 -0.22 25.49
CA VAL B 105 -11.59 1.00 26.05
C VAL B 105 -11.70 0.88 27.57
N GLU B 106 -12.19 -0.27 28.02
CA GLU B 106 -12.34 -0.60 29.43
C GLU B 106 -11.00 -0.57 30.15
N ILE B 107 -9.97 -1.10 29.51
CA ILE B 107 -8.63 -1.04 30.10
C ILE B 107 -8.16 0.40 30.18
N SER B 108 -8.45 1.20 29.16
CA SER B 108 -8.05 2.61 29.17
C SER B 108 -8.74 3.37 30.29
N ARG B 109 -10.06 3.14 30.45
CA ARG B 109 -10.83 3.79 31.51
C ARG B 109 -10.22 3.46 32.87
N LYS B 110 -9.96 2.18 33.13
CA LYS B 110 -9.46 1.78 34.45
C LYS B 110 -8.14 2.48 34.79
N LEU B 111 -7.36 2.78 33.75
CA LEU B 111 -6.05 3.32 33.95
C LEU B 111 -6.04 4.84 33.87
N GLY B 112 -7.18 5.42 33.53
CA GLY B 112 -7.30 6.88 33.49
C GLY B 112 -6.53 7.52 32.34
N ILE B 113 -6.34 6.76 31.27
CA ILE B 113 -5.64 7.28 30.10
C ILE B 113 -6.60 7.47 28.94
N GLY B 114 -6.15 8.15 27.91
CA GLY B 114 -7.02 8.40 26.78
C GLY B 114 -7.43 7.14 26.06
N TRP B 115 -8.47 7.24 25.25
CA TRP B 115 -8.95 6.10 24.50
C TRP B 115 -8.37 6.06 23.11
N HIS B 116 -7.18 6.61 22.91
CA HIS B 116 -6.63 6.70 21.54
C HIS B 116 -6.35 5.35 20.89
N VAL B 117 -5.93 4.34 21.67
CA VAL B 117 -5.53 3.08 21.08
C VAL B 117 -6.73 2.30 20.53
N PRO B 118 -7.81 2.13 21.31
CA PRO B 118 -8.97 1.46 20.72
C PRO B 118 -9.51 2.18 19.51
N LEU B 119 -9.34 3.50 19.50
CA LEU B 119 -9.72 4.32 18.37
C LEU B 119 -8.85 4.04 17.17
N ALA B 120 -7.53 4.14 17.35
CA ALA B 120 -6.61 3.84 16.28
C ALA B 120 -6.94 2.47 15.72
N PHE B 121 -7.32 1.56 16.60
CA PHE B 121 -7.68 0.20 16.24
C PHE B 121 -8.95 0.07 15.38
N CYS B 122 -9.85 1.06 15.41
CA CYS B 122 -11.03 1.03 14.54
C CYS B 122 -10.68 1.10 13.08
N VAL B 123 -9.57 1.75 12.75
CA VAL B 123 -9.18 1.88 11.36
C VAL B 123 -8.99 0.52 10.67
N PRO B 124 -8.20 -0.40 11.26
CA PRO B 124 -8.11 -1.68 10.57
C PRO B 124 -9.38 -2.52 10.57
N ILE B 125 -10.23 -2.37 11.57
CA ILE B 125 -11.50 -3.08 11.58
C ILE B 125 -12.38 -2.54 10.44
N PHE B 126 -12.36 -1.22 10.31
CA PHE B 126 -13.03 -0.50 9.25
C PHE B 126 -12.59 -1.04 7.90
N MET B 127 -11.29 -1.12 7.68
CA MET B 127 -10.78 -1.54 6.37
C MET B 127 -11.14 -2.99 6.11
N PHE B 128 -11.20 -3.79 7.16
CA PHE B 128 -11.68 -5.16 7.01
C PHE B 128 -13.13 -5.17 6.49
N CYS B 129 -13.92 -4.22 6.97
CA CYS B 129 -15.31 -4.18 6.60
C CYS B 129 -15.46 -3.72 5.18
N VAL B 130 -14.59 -2.81 4.73
CA VAL B 130 -14.65 -2.35 3.36
C VAL B 130 -14.46 -3.52 2.41
N LEU B 131 -13.46 -4.33 2.68
CA LEU B 131 -13.15 -5.44 1.83
C LEU B 131 -14.23 -6.49 1.90
N GLN B 132 -14.60 -6.90 3.11
CA GLN B 132 -15.45 -8.07 3.29
C GLN B 132 -16.94 -7.78 3.28
N VAL B 133 -17.33 -6.57 3.66
CA VAL B 133 -18.74 -6.29 3.85
C VAL B 133 -19.29 -5.21 2.90
N PHE B 134 -18.75 -4.01 2.97
CA PHE B 134 -19.28 -2.91 2.17
C PHE B 134 -19.14 -3.12 0.68
N ARG B 135 -17.92 -3.30 0.18
CA ARG B 135 -17.73 -3.52 -1.24
C ARG B 135 -18.58 -4.70 -1.79
N PRO B 136 -18.62 -5.84 -1.09
CA PRO B 136 -19.56 -6.88 -1.55
C PRO B 136 -21.03 -6.46 -1.57
N LEU B 137 -21.47 -5.67 -0.61
CA LEU B 137 -22.85 -5.17 -0.64
C LEU B 137 -23.07 -4.28 -1.86
N LEU B 138 -22.17 -3.33 -2.11
CA LEU B 138 -22.26 -2.48 -3.30
C LEU B 138 -22.32 -3.27 -4.61
N LEU B 139 -21.55 -4.36 -4.70
CA LEU B 139 -21.53 -5.18 -5.90
C LEU B 139 -22.58 -6.29 -5.86
N GLY B 140 -23.16 -6.50 -4.69
CA GLY B 140 -24.33 -7.34 -4.62
C GLY B 140 -24.03 -8.81 -4.48
N SER B 141 -22.85 -9.15 -4.01
CA SER B 141 -22.58 -10.56 -3.77
C SER B 141 -21.43 -10.74 -2.78
N TRP B 142 -21.65 -11.57 -1.76
CA TRP B 142 -20.58 -11.96 -0.83
C TRP B 142 -19.39 -12.55 -1.58
N GLY B 143 -19.64 -13.13 -2.74
CA GLY B 143 -18.59 -13.77 -3.49
C GLY B 143 -17.46 -12.89 -3.97
N HIS B 144 -17.50 -11.57 -3.68
CA HIS B 144 -16.42 -10.65 -4.05
C HIS B 144 -15.42 -10.43 -2.92
N ALA B 145 -15.70 -11.01 -1.75
CA ALA B 145 -14.86 -10.86 -0.58
C ALA B 145 -13.65 -11.78 -0.69
N PHE B 146 -12.69 -11.64 0.22
CA PHE B 146 -11.47 -12.44 0.11
C PHE B 146 -11.51 -13.73 0.95
N PRO B 147 -10.85 -14.80 0.45
CA PRO B 147 -10.85 -16.11 1.07
C PRO B 147 -9.93 -16.13 2.26
N TYR B 148 -10.18 -17.03 3.21
CA TYR B 148 -9.34 -17.12 4.39
C TYR B 148 -8.31 -18.21 4.19
N GLY B 149 -7.13 -17.82 3.69
CA GLY B 149 -6.05 -18.74 3.47
C GLY B 149 -4.77 -17.92 3.37
N ILE B 150 -3.71 -18.40 3.99
CA ILE B 150 -2.47 -17.64 4.08
C ILE B 150 -1.98 -17.19 2.73
N LEU B 151 -2.02 -18.09 1.75
CA LEU B 151 -1.61 -17.77 0.40
C LEU B 151 -2.77 -17.45 -0.53
N SER B 152 -3.92 -18.08 -0.32
CA SER B 152 -5.02 -17.91 -1.23
C SER B 152 -5.55 -16.47 -1.18
N HIS B 153 -5.43 -15.81 -0.04
CA HIS B 153 -5.84 -14.42 0.08
C HIS B 153 -4.93 -13.51 -0.76
N LEU B 154 -3.72 -13.98 -1.06
CA LEU B 154 -2.84 -13.25 -1.98
C LEU B 154 -3.25 -13.45 -3.45
N ASP B 155 -3.80 -14.61 -3.76
CA ASP B 155 -4.29 -14.86 -5.12
C ASP B 155 -5.53 -14.03 -5.45
N TRP B 156 -6.35 -13.78 -4.42
CA TRP B 156 -7.45 -12.84 -4.53
C TRP B 156 -6.92 -11.42 -4.74
N VAL B 157 -5.99 -10.95 -3.91
CA VAL B 157 -5.44 -9.60 -4.07
C VAL B 157 -4.84 -9.43 -5.47
N ASN B 158 -4.11 -10.46 -5.91
CA ASN B 158 -3.52 -10.46 -7.23
C ASN B 158 -4.57 -10.25 -8.29
N ASN B 159 -5.55 -11.14 -8.33
CA ASN B 159 -6.57 -11.11 -9.36
C ASN B 159 -7.41 -9.84 -9.30
N PHE B 160 -7.73 -9.39 -8.10
CA PHE B 160 -8.54 -8.19 -7.91
C PHE B 160 -7.77 -7.03 -8.55
N GLY B 161 -6.46 -7.03 -8.37
CA GLY B 161 -5.69 -5.94 -8.93
C GLY B 161 -5.75 -5.98 -10.44
N TYR B 162 -5.60 -7.15 -11.02
CA TYR B 162 -5.49 -7.28 -12.46
C TYR B 162 -6.84 -7.20 -13.19
N GLN B 163 -7.93 -7.27 -12.44
CA GLN B 163 -9.26 -6.98 -12.98
C GLN B 163 -9.34 -5.56 -13.54
N TYR B 164 -8.49 -4.68 -13.02
CA TYR B 164 -8.49 -3.30 -13.43
C TYR B 164 -7.20 -2.99 -14.14
N LEU B 165 -6.65 -4.03 -14.78
CA LEU B 165 -5.50 -3.95 -15.68
C LEU B 165 -4.18 -3.59 -15.02
N ASN B 166 -4.09 -2.40 -14.45
CA ASN B 166 -2.94 -2.10 -13.61
C ASN B 166 -3.36 -1.32 -12.38
N TRP B 167 -3.44 -2.05 -11.25
CA TRP B 167 -3.95 -1.50 -10.01
C TRP B 167 -3.05 -0.42 -9.46
N HIS B 168 -1.81 -0.35 -9.94
CA HIS B 168 -0.88 0.67 -9.49
C HIS B 168 -1.32 2.10 -9.83
N TYR B 169 -2.09 2.25 -10.91
CA TYR B 169 -2.54 3.57 -11.34
C TYR B 169 -3.80 4.02 -10.62
N ASN B 170 -4.27 3.22 -9.66
CA ASN B 170 -5.43 3.56 -8.86
C ASN B 170 -5.04 4.71 -7.91
N PRO B 171 -5.66 5.89 -8.05
CA PRO B 171 -5.21 7.03 -7.24
C PRO B 171 -5.41 6.83 -5.73
N GLY B 172 -6.43 6.07 -5.33
CA GLY B 172 -6.54 5.67 -3.94
C GLY B 172 -5.38 4.80 -3.48
N HIS B 173 -4.99 3.83 -4.31
CA HIS B 173 -3.82 3.03 -4.04
C HIS B 173 -2.55 3.86 -3.94
N MET B 174 -2.30 4.71 -4.93
CA MET B 174 -1.12 5.55 -4.88
C MET B 174 -1.03 6.33 -3.58
N SER B 175 -2.15 6.83 -3.11
CA SER B 175 -2.15 7.55 -1.85
C SER B 175 -1.83 6.57 -0.74
N SER B 176 -2.46 5.40 -0.77
CA SER B 176 -2.27 4.39 0.27
C SER B 176 -0.82 3.93 0.41
N VAL B 177 -0.21 3.54 -0.71
CA VAL B 177 1.21 3.15 -0.75
C VAL B 177 2.13 4.22 -0.18
N SER B 178 1.90 5.46 -0.55
CA SER B 178 2.69 6.56 -0.03
C SER B 178 2.63 6.67 1.47
N PHE B 179 1.45 6.51 2.04
CA PHE B 179 1.38 6.48 3.48
C PHE B 179 2.05 5.24 4.08
N LEU B 180 1.98 4.10 3.40
CA LEU B 180 2.65 2.89 3.92
C LEU B 180 4.16 3.12 3.95
N PHE B 181 4.69 3.77 2.91
CA PHE B 181 6.12 4.04 2.78
C PHE B 181 6.61 5.16 3.72
N VAL B 182 5.90 6.29 3.79
CA VAL B 182 6.28 7.35 4.74
C VAL B 182 6.27 6.82 6.18
N ASN B 183 5.23 6.08 6.54
CA ASN B 183 5.06 5.68 7.91
C ASN B 183 6.17 4.75 8.35
N ALA B 184 6.56 3.84 7.46
CA ALA B 184 7.68 2.95 7.72
C ALA B 184 8.97 3.75 7.90
N MET B 185 9.21 4.77 7.09
CA MET B 185 10.41 5.60 7.26
C MET B 185 10.35 6.38 8.57
N ALA B 186 9.21 7.00 8.83
CA ALA B 186 9.01 7.80 10.03
C ALA B 186 9.25 6.98 11.29
N LEU B 187 8.82 5.72 11.28
CA LEU B 187 8.95 4.89 12.46
C LEU B 187 10.42 4.56 12.64
N GLY B 188 11.13 4.46 11.53
CA GLY B 188 12.56 4.28 11.63
C GLY B 188 13.22 5.53 12.20
N LEU B 189 12.84 6.70 11.70
CA LEU B 189 13.39 7.94 12.17
C LEU B 189 13.08 8.17 13.63
N HIS B 190 11.82 7.99 14.04
CA HIS B 190 11.41 8.27 15.43
C HIS B 190 12.09 7.30 16.38
N GLY B 191 12.10 6.01 16.00
CA GLY B 191 12.75 5.01 16.81
C GLY B 191 14.25 5.23 16.86
N GLY B 192 14.87 5.45 15.71
CA GLY B 192 16.30 5.71 15.66
C GLY B 192 16.73 6.88 16.53
N LEU B 193 15.93 7.94 16.56
CA LEU B 193 16.33 9.15 17.25
C LEU B 193 16.26 9.00 18.74
N ILE B 194 15.16 8.45 19.24
CA ILE B 194 15.02 8.24 20.67
C ILE B 194 16.15 7.33 21.18
N LEU B 195 16.53 6.34 20.39
CA LEU B 195 17.60 5.45 20.79
C LEU B 195 18.92 6.19 20.75
N SER B 196 19.13 7.01 19.74
CA SER B 196 20.41 7.72 19.58
C SER B 196 20.66 8.70 20.73
N VAL B 197 19.59 9.27 21.26
CA VAL B 197 19.69 10.21 22.35
C VAL B 197 19.95 9.45 23.65
N ALA B 198 19.19 8.37 23.88
CA ALA B 198 19.31 7.62 25.12
C ALA B 198 20.52 6.68 25.15
N ASN B 199 21.12 6.45 23.98
CA ASN B 199 22.23 5.51 23.86
C ASN B 199 23.32 6.11 22.98
N PRO B 200 24.02 7.13 23.49
CA PRO B 200 24.99 7.92 22.71
C PRO B 200 26.22 7.14 22.22
N GLY B 201 26.56 6.07 22.92
CA GLY B 201 27.79 5.37 22.64
C GLY B 201 28.80 5.56 23.76
N ASP B 202 29.92 4.85 23.69
CA ASP B 202 30.99 4.87 24.70
C ASP B 202 30.50 5.11 26.15
N GLY B 203 30.98 6.18 26.77
CA GLY B 203 30.43 6.55 28.05
C GLY B 203 29.81 7.94 28.08
N ASP B 204 29.32 8.39 26.92
CA ASP B 204 28.82 9.76 26.80
C ASP B 204 27.48 9.89 27.46
N LYS B 205 27.09 11.12 27.77
CA LYS B 205 25.89 11.34 28.57
C LYS B 205 24.66 11.23 27.66
N VAL B 206 23.66 10.55 28.16
CA VAL B 206 22.32 10.70 27.63
C VAL B 206 22.05 12.18 27.31
N LYS B 207 21.52 12.45 26.14
CA LYS B 207 21.22 13.82 25.74
C LYS B 207 19.81 14.24 26.11
N THR B 208 19.26 15.22 25.39
CA THR B 208 18.16 16.04 25.91
C THR B 208 17.10 16.30 24.84
N ALA B 209 15.96 16.85 25.26
CA ALA B 209 14.91 17.31 24.36
C ALA B 209 15.43 18.29 23.31
N GLU B 210 16.32 19.19 23.73
CA GLU B 210 16.91 20.20 22.83
C GLU B 210 17.74 19.56 21.73
N HIS B 211 18.40 18.45 22.05
CA HIS B 211 19.21 17.71 21.07
C HIS B 211 18.38 17.10 19.95
N GLU B 212 17.25 16.50 20.30
CA GLU B 212 16.31 15.93 19.32
C GLU B 212 15.91 17.02 18.33
N ASN B 213 15.51 18.19 18.84
CA ASN B 213 15.02 19.26 17.99
C ASN B 213 16.15 19.76 17.10
N GLN B 214 17.35 19.84 17.66
CA GLN B 214 18.52 20.28 16.90
C GLN B 214 18.87 19.34 15.77
N TYR B 215 18.86 18.04 16.03
CA TYR B 215 19.19 17.06 15.00
C TYR B 215 18.36 17.24 13.72
N PHE B 216 17.05 17.34 13.86
CA PHE B 216 16.20 17.42 12.68
C PHE B 216 16.14 18.79 12.02
N ARG B 217 16.27 19.85 12.83
CA ARG B 217 16.55 21.20 12.32
C ARG B 217 17.82 21.24 11.48
N ASP B 218 18.86 20.58 11.96
CA ASP B 218 20.09 20.49 11.20
C ASP B 218 19.88 19.71 9.92
N VAL B 219 19.35 18.49 10.05
CA VAL B 219 19.33 17.57 8.92
C VAL B 219 18.33 17.97 7.84
N VAL B 220 17.08 18.23 8.22
CA VAL B 220 16.04 18.54 7.24
C VAL B 220 15.45 19.94 7.38
N GLY B 221 15.87 20.70 8.40
CA GLY B 221 15.42 22.07 8.52
C GLY B 221 14.14 22.22 9.30
N TYR B 222 13.50 21.11 9.64
CA TYR B 222 12.34 21.17 10.53
C TYR B 222 12.31 20.02 11.54
N SER B 223 12.10 20.34 12.82
CA SER B 223 11.75 19.31 13.78
C SER B 223 10.31 19.50 14.27
N ILE B 224 9.53 18.42 14.21
CA ILE B 224 8.11 18.53 14.50
C ILE B 224 7.87 18.53 16.01
N GLY B 225 8.90 18.17 16.76
CA GLY B 225 8.76 18.18 18.22
C GLY B 225 8.24 16.87 18.78
N ALA B 226 8.42 16.66 20.08
CA ALA B 226 8.28 15.36 20.69
C ALA B 226 6.85 14.87 20.75
N LEU B 227 5.90 15.68 21.20
CA LEU B 227 4.50 15.21 21.19
C LEU B 227 4.02 15.02 19.76
N SER B 228 4.42 15.90 18.86
CA SER B 228 3.81 15.91 17.54
C SER B 228 4.20 14.78 16.59
N ILE B 229 5.39 14.17 16.78
CA ILE B 229 5.76 13.01 15.96
C ILE B 229 4.92 11.75 16.29
N HIS B 230 4.40 11.68 17.52
CA HIS B 230 3.44 10.64 17.86
C HIS B 230 2.09 10.85 17.20
N ARG B 231 1.60 12.10 17.20
CA ARG B 231 0.42 12.46 16.41
C ARG B 231 0.64 12.21 14.92
N LEU B 232 1.79 12.60 14.40
CA LEU B 232 2.07 12.36 12.99
C LEU B 232 2.01 10.86 12.68
N GLY B 233 2.65 10.06 13.50
CA GLY B 233 2.74 8.64 13.22
C GLY B 233 1.38 7.98 13.24
N LEU B 234 0.54 8.41 14.16
CA LEU B 234 -0.80 7.87 14.26
C LEU B 234 -1.61 8.29 13.05
N PHE B 235 -1.39 9.52 12.58
CA PHE B 235 -2.00 10.02 11.36
C PHE B 235 -1.54 9.25 10.11
N LEU B 236 -0.22 9.22 9.86
CA LEU B 236 0.34 8.59 8.66
C LEU B 236 -0.12 7.15 8.57
N ALA B 237 -0.03 6.45 9.69
CA ALA B 237 -0.43 5.05 9.75
C ALA B 237 -1.90 4.90 9.38
N SER B 238 -2.75 5.66 10.06
CA SER B 238 -4.18 5.53 9.89
C SER B 238 -4.56 5.85 8.45
N ASN B 239 -3.84 6.74 7.80
CA ASN B 239 -4.24 7.14 6.48
C ASN B 239 -3.88 6.11 5.43
N ILE B 240 -3.11 5.11 5.81
CA ILE B 240 -2.86 4.00 4.91
C ILE B 240 -4.20 3.37 4.51
N PHE B 241 -5.10 3.21 5.47
CA PHE B 241 -6.39 2.60 5.17
C PHE B 241 -7.46 3.62 4.87
N LEU B 242 -7.40 4.77 5.53
CA LEU B 242 -8.43 5.76 5.36
C LEU B 242 -8.47 6.29 3.94
N THR B 243 -7.31 6.43 3.31
CA THR B 243 -7.30 6.81 1.90
C THR B 243 -7.46 5.57 0.99
N GLY B 244 -6.81 4.47 1.39
CA GLY B 244 -6.91 3.24 0.62
C GLY B 244 -8.34 2.76 0.44
N ALA B 245 -9.13 2.85 1.51
CA ALA B 245 -10.54 2.48 1.49
C ALA B 245 -11.28 3.03 0.26
N PHE B 246 -10.94 4.25 -0.14
CA PHE B 246 -11.59 4.88 -1.28
C PHE B 246 -11.22 4.21 -2.60
N GLY B 247 -9.94 3.89 -2.80
CA GLY B 247 -9.52 3.17 -3.99
C GLY B 247 -10.15 1.79 -4.10
N THR B 248 -10.37 1.14 -2.96
CA THR B 248 -10.94 -0.18 -2.94
C THR B 248 -12.41 -0.10 -3.30
N ILE B 249 -13.11 0.83 -2.64
CA ILE B 249 -14.55 1.00 -2.84
C ILE B 249 -14.88 1.43 -4.25
N ALA B 250 -14.03 2.27 -4.85
CA ALA B 250 -14.29 2.78 -6.18
C ALA B 250 -14.23 1.68 -7.23
N SER B 251 -13.36 0.70 -7.02
CA SER B 251 -13.11 -0.33 -8.02
C SER B 251 -14.28 -1.32 -8.13
N GLY B 252 -15.04 -1.20 -9.21
CA GLY B 252 -16.28 -1.95 -9.33
C GLY B 252 -17.50 -1.06 -9.24
N PRO B 253 -17.89 -0.65 -8.02
CA PRO B 253 -19.11 0.13 -7.89
C PRO B 253 -19.04 1.49 -8.60
N PHE B 254 -17.86 2.09 -8.71
CA PHE B 254 -17.72 3.43 -9.29
C PHE B 254 -16.72 3.57 -10.44
N TRP B 255 -16.01 2.51 -10.78
CA TRP B 255 -15.11 2.55 -11.93
C TRP B 255 -14.93 1.13 -12.41
N THR B 256 -15.19 0.89 -13.68
CA THR B 256 -15.14 -0.48 -14.18
C THR B 256 -14.05 -0.71 -15.22
N ARG B 257 -13.35 0.35 -15.61
CA ARG B 257 -12.32 0.22 -16.64
C ARG B 257 -10.98 -0.02 -15.94
N GLY B 258 -9.90 -0.09 -16.70
CA GLY B 258 -8.59 -0.19 -16.08
C GLY B 258 -8.28 1.11 -15.35
N TRP B 259 -7.40 1.06 -14.37
CA TRP B 259 -7.07 2.29 -13.68
C TRP B 259 -6.22 3.28 -14.47
N PRO B 260 -5.30 2.81 -15.31
CA PRO B 260 -4.57 3.81 -16.11
C PRO B 260 -5.51 4.74 -16.89
N GLU B 261 -6.56 4.18 -17.48
CA GLU B 261 -7.51 4.99 -18.24
C GLU B 261 -8.22 6.07 -17.42
N TRP B 262 -8.29 5.87 -16.12
CA TRP B 262 -8.91 6.86 -15.29
C TRP B 262 -8.18 8.19 -15.43
N TRP B 263 -6.88 8.14 -15.71
CA TRP B 263 -6.09 9.34 -15.75
C TRP B 263 -6.30 10.10 -17.03
N GLY B 264 -7.16 9.54 -17.87
CA GLY B 264 -7.65 10.24 -19.04
C GLY B 264 -8.22 11.60 -18.70
N TRP B 265 -8.92 11.74 -17.57
CA TRP B 265 -9.42 13.05 -17.16
C TRP B 265 -8.31 14.12 -17.24
N TRP B 266 -7.06 13.70 -17.11
CA TRP B 266 -5.96 14.63 -17.24
C TRP B 266 -5.42 14.65 -18.66
N LEU B 267 -4.98 13.50 -19.13
CA LEU B 267 -4.36 13.39 -20.43
C LEU B 267 -5.25 14.01 -21.52
N ASP B 268 -6.55 13.77 -21.46
CA ASP B 268 -7.42 14.12 -22.58
C ASP B 268 -8.09 15.47 -22.46
N ILE B 269 -7.61 16.32 -21.56
CA ILE B 269 -8.06 17.71 -21.55
C ILE B 269 -7.83 18.26 -22.95
N PRO B 270 -8.89 18.75 -23.60
CA PRO B 270 -8.84 19.00 -25.05
C PRO B 270 -7.89 20.15 -25.36
N PHE B 271 -7.79 21.10 -24.43
CA PHE B 271 -6.78 22.15 -24.46
C PHE B 271 -5.38 21.68 -24.86
N TRP B 272 -4.93 20.55 -24.33
CA TRP B 272 -3.63 20.03 -24.75
C TRP B 272 -3.68 18.71 -25.50
N SER B 273 -4.89 18.27 -25.86
CA SER B 273 -5.07 17.02 -26.59
C SER B 273 -4.69 17.15 -28.07
N ALA C 1 -11.83 14.87 27.56
CA ALA C 1 -11.10 14.82 26.26
C ALA C 1 -9.86 15.69 26.36
N ASP C 2 -8.79 15.23 25.77
CA ASP C 2 -7.56 15.96 25.85
C ASP C 2 -7.34 16.61 24.51
N TYR C 3 -7.57 17.92 24.43
CA TYR C 3 -7.46 18.64 23.17
C TYR C 3 -6.03 18.83 22.76
N GLN C 4 -5.14 18.71 23.73
CA GLN C 4 -3.72 18.88 23.46
C GLN C 4 -3.25 17.80 22.50
N THR C 5 -3.88 16.64 22.58
CA THR C 5 -3.46 15.54 21.73
C THR C 5 -3.97 15.72 20.31
N ILE C 6 -4.96 16.60 20.13
CA ILE C 6 -5.38 16.99 18.77
C ILE C 6 -4.58 18.16 18.23
N TYR C 7 -4.45 19.20 19.05
CA TYR C 7 -3.67 20.37 18.66
C TYR C 7 -3.35 21.18 19.91
N THR C 8 -2.40 22.09 19.76
CA THR C 8 -1.91 22.92 20.84
C THR C 8 -2.85 24.12 21.09
N GLN C 9 -3.67 24.03 22.13
CA GLN C 9 -4.59 25.11 22.48
C GLN C 9 -3.93 26.49 22.66
N ILE C 10 -2.83 26.57 23.41
CA ILE C 10 -2.08 27.83 23.58
C ILE C 10 -0.61 27.67 23.23
N GLN C 11 -0.14 28.42 22.25
CA GLN C 11 1.23 28.28 21.81
C GLN C 11 2.13 29.21 22.60
N ALA C 12 3.32 28.71 22.96
CA ALA C 12 4.32 29.50 23.64
C ALA C 12 5.35 29.92 22.61
N ARG C 13 5.82 31.15 22.77
CA ARG C 13 6.89 31.66 21.95
C ARG C 13 8.03 32.06 22.88
N GLY C 14 9.24 31.81 22.44
CA GLY C 14 10.37 32.06 23.29
C GLY C 14 11.57 32.19 22.39
N PRO C 15 12.73 32.51 22.97
CA PRO C 15 13.97 32.71 22.23
C PRO C 15 14.46 31.43 21.54
N HIS C 16 14.91 31.57 20.30
CA HIS C 16 15.45 30.46 19.50
C HIS C 16 16.55 29.71 20.26
N ILE C 17 16.41 28.39 20.40
CA ILE C 17 17.47 27.56 21.00
C ILE C 17 18.43 26.98 19.95
N THR C 18 19.72 26.98 20.27
CA THR C 18 20.73 26.26 19.49
C THR C 18 21.57 25.33 20.38
N VAL C 19 21.66 24.06 19.98
CA VAL C 19 22.50 23.08 20.68
C VAL C 19 23.75 22.93 19.85
N SER C 20 24.90 23.14 20.46
CA SER C 20 26.11 23.28 19.67
C SER C 20 26.67 21.97 19.12
N GLY C 21 26.91 21.96 17.81
CA GLY C 21 27.65 20.87 17.22
C GLY C 21 29.09 20.82 17.71
N GLU C 22 29.67 19.62 17.68
CA GLU C 22 31.11 19.42 17.88
C GLU C 22 31.84 20.01 16.68
N TRP C 23 31.08 20.34 15.64
CA TRP C 23 31.57 21.17 14.55
C TRP C 23 30.42 21.75 13.73
N GLY C 24 30.78 22.62 12.79
CA GLY C 24 29.84 23.10 11.80
C GLY C 24 28.76 24.02 12.35
N ASP C 25 28.87 24.47 13.59
CA ASP C 25 27.88 25.41 14.14
C ASP C 25 27.75 26.68 13.27
N ASN C 26 28.77 26.90 12.44
CA ASN C 26 28.84 28.08 11.58
C ASN C 26 28.32 27.83 10.17
N ASP C 27 27.80 26.64 9.90
CA ASP C 27 27.18 26.34 8.61
C ASP C 27 25.68 26.32 8.71
N ARG C 28 25.17 26.54 9.90
CA ARG C 28 23.74 26.67 10.05
C ARG C 28 23.34 28.01 9.48
N VAL C 29 22.58 27.97 8.39
CA VAL C 29 22.18 29.18 7.68
C VAL C 29 20.69 29.41 7.82
N GLY C 30 20.28 30.67 7.71
CA GLY C 30 18.88 30.98 7.72
C GLY C 30 18.49 31.56 9.06
N LYS C 31 17.38 32.29 9.07
CA LYS C 31 16.83 32.83 10.30
C LYS C 31 15.60 32.00 10.63
N PRO C 32 15.56 31.46 11.84
CA PRO C 32 14.35 30.78 12.32
C PRO C 32 13.16 31.68 12.12
N PHE C 33 12.13 31.17 11.46
CA PHE C 33 10.88 31.87 11.51
C PHE C 33 9.76 30.93 11.93
N TYR C 34 8.68 31.53 12.40
CA TYR C 34 7.69 30.80 13.14
C TYR C 34 6.41 30.82 12.32
N SER C 35 5.62 29.75 12.44
CA SER C 35 4.37 29.66 11.70
C SER C 35 3.30 29.34 12.70
N TYR C 36 2.28 30.18 12.76
CA TYR C 36 1.24 30.03 13.77
C TYR C 36 0.43 28.75 13.53
N TRP C 37 0.23 28.45 12.25
CA TRP C 37 -0.58 27.31 11.89
C TRP C 37 0.19 26.01 12.10
N LEU C 38 1.44 25.98 11.64
CA LEU C 38 2.35 24.91 11.97
C LEU C 38 2.35 24.71 13.47
N GLY C 39 2.48 25.81 14.20
CA GLY C 39 2.52 25.75 15.63
C GLY C 39 1.34 25.03 16.26
N LYS C 40 0.22 24.97 15.55
CA LYS C 40 -0.98 24.36 16.11
C LYS C 40 -0.85 22.83 16.24
N ILE C 41 -0.15 22.18 15.31
CA ILE C 41 0.00 20.72 15.34
C ILE C 41 1.46 20.23 15.27
N GLY C 42 2.40 21.13 15.56
CA GLY C 42 3.80 20.80 15.55
C GLY C 42 4.58 21.92 16.20
N ASP C 43 5.90 21.85 16.14
CA ASP C 43 6.72 22.98 16.54
C ASP C 43 6.53 24.09 15.49
N ALA C 44 6.44 25.33 15.93
CA ALA C 44 6.20 26.45 15.02
C ALA C 44 7.44 26.96 14.26
N GLN C 45 8.64 26.74 14.79
CA GLN C 45 9.84 27.26 14.15
C GLN C 45 10.19 26.44 12.92
N ILE C 46 10.13 27.05 11.75
CA ILE C 46 10.84 26.48 10.61
C ILE C 46 12.27 27.02 10.54
N GLY C 47 13.21 26.19 10.09
CA GLY C 47 14.61 26.61 9.96
C GLY C 47 15.23 26.90 11.33
N PRO C 48 16.52 27.24 11.39
CA PRO C 48 17.60 27.28 10.37
C PRO C 48 17.98 25.88 9.92
N ILE C 49 18.84 25.81 8.91
CA ILE C 49 19.32 24.51 8.46
C ILE C 49 20.83 24.49 8.34
N TYR C 50 21.41 23.37 8.71
CA TYR C 50 22.83 23.19 8.56
C TYR C 50 23.17 22.91 7.09
N LEU C 51 24.16 23.61 6.56
CA LEU C 51 24.69 23.30 5.24
C LEU C 51 25.67 22.14 5.29
N GLY C 52 26.96 22.46 5.33
CA GLY C 52 27.96 21.42 5.43
C GLY C 52 28.35 20.88 4.07
N ALA C 53 29.44 20.11 4.03
CA ALA C 53 30.02 19.64 2.77
C ALA C 53 29.23 18.49 2.19
N SER C 54 29.00 17.49 3.03
CA SER C 54 28.32 16.29 2.60
C SER C 54 26.94 16.65 2.06
N GLY C 55 26.25 17.55 2.76
CA GLY C 55 24.97 18.06 2.29
C GLY C 55 25.03 18.75 0.92
N ILE C 56 25.86 19.78 0.84
CA ILE C 56 26.12 20.45 -0.43
C ILE C 56 26.52 19.46 -1.54
N ALA C 57 27.42 18.54 -1.21
CA ALA C 57 27.78 17.46 -2.13
C ALA C 57 26.50 16.73 -2.60
N ALA C 58 25.67 16.35 -1.63
CA ALA C 58 24.43 15.63 -1.89
C ALA C 58 23.56 16.40 -2.86
N PHE C 59 23.40 17.71 -2.62
N PHE C 59 23.43 17.71 -2.65
CA PHE C 59 22.59 18.54 -3.50
CA PHE C 59 22.59 18.54 -3.51
C PHE C 59 23.16 18.58 -4.91
C PHE C 59 23.15 18.70 -4.91
N ALA C 60 24.47 18.66 -5.01
CA ALA C 60 25.16 18.79 -6.28
C ALA C 60 24.85 17.60 -7.16
N PHE C 61 25.22 16.40 -6.69
CA PHE C 61 24.91 15.16 -7.40
C PHE C 61 23.42 14.93 -7.67
N GLY C 62 22.59 15.11 -6.63
CA GLY C 62 21.16 14.98 -6.78
C GLY C 62 20.64 15.78 -7.96
N SER C 63 21.01 17.05 -8.00
CA SER C 63 20.59 17.96 -9.06
C SER C 63 21.10 17.56 -10.44
N THR C 64 22.30 16.99 -10.52
CA THR C 64 22.82 16.48 -11.79
C THR C 64 22.03 15.29 -12.30
N ALA C 65 21.64 14.41 -11.37
CA ALA C 65 20.81 13.27 -11.70
C ALA C 65 19.54 13.80 -12.29
N ILE C 66 18.92 14.71 -11.55
CA ILE C 66 17.64 15.24 -11.97
C ILE C 66 17.72 15.92 -13.34
N LEU C 67 18.81 16.63 -13.60
CA LEU C 67 18.98 17.28 -14.90
C LEU C 67 19.01 16.27 -16.02
N ILE C 68 19.81 15.22 -15.86
CA ILE C 68 19.89 14.20 -16.88
C ILE C 68 18.52 13.57 -17.13
N ILE C 69 17.79 13.27 -16.07
CA ILE C 69 16.49 12.64 -16.19
C ILE C 69 15.53 13.58 -16.93
N LEU C 70 15.39 14.80 -16.45
CA LEU C 70 14.46 15.74 -17.03
C LEU C 70 14.79 16.09 -18.48
N PHE C 71 16.07 16.12 -18.83
CA PHE C 71 16.40 16.44 -20.20
C PHE C 71 16.04 15.35 -21.16
N ASN C 72 16.19 14.11 -20.73
CA ASN C 72 15.77 12.98 -21.56
C ASN C 72 14.25 12.90 -21.63
N MET C 73 13.59 13.27 -20.53
CA MET C 73 12.15 13.36 -20.54
C MET C 73 11.66 14.41 -21.52
N ALA C 74 12.29 15.59 -21.52
CA ALA C 74 11.96 16.66 -22.47
C ALA C 74 12.19 16.22 -23.91
N ALA C 75 13.30 15.54 -24.16
CA ALA C 75 13.53 14.97 -25.47
C ALA C 75 12.34 14.12 -25.93
N GLU C 76 11.75 13.39 -24.98
CA GLU C 76 10.68 12.43 -25.29
C GLU C 76 9.40 13.10 -25.87
N VAL C 77 8.99 14.24 -25.34
CA VAL C 77 7.91 15.00 -25.97
C VAL C 77 8.50 16.02 -26.92
N HIS C 78 9.71 15.72 -27.39
CA HIS C 78 10.39 16.52 -28.38
C HIS C 78 10.42 18.01 -27.99
N PHE C 79 10.64 18.23 -26.70
CA PHE C 79 10.89 19.55 -26.18
C PHE C 79 9.71 20.47 -26.35
N ASP C 80 8.55 19.91 -26.69
CA ASP C 80 7.34 20.67 -26.59
C ASP C 80 7.03 20.86 -25.12
N PRO C 81 6.99 22.12 -24.67
CA PRO C 81 6.66 22.54 -23.30
C PRO C 81 5.33 22.05 -22.76
N LEU C 82 4.27 22.25 -23.53
CA LEU C 82 2.97 21.94 -23.02
C LEU C 82 2.73 20.43 -22.99
N GLN C 83 3.26 19.71 -23.98
CA GLN C 83 3.16 18.25 -24.01
C GLN C 83 4.01 17.62 -22.92
N PHE C 84 5.11 18.28 -22.60
CA PHE C 84 5.92 17.92 -21.46
C PHE C 84 5.11 17.96 -20.16
N PHE C 85 4.52 19.11 -19.85
N PHE C 85 4.54 19.12 -19.83
CA PHE C 85 3.73 19.28 -18.64
CA PHE C 85 3.73 19.25 -18.63
C PHE C 85 2.56 18.29 -18.66
C PHE C 85 2.61 18.22 -18.67
N ARG C 86 1.96 18.11 -19.83
CA ARG C 86 0.80 17.24 -19.99
C ARG C 86 1.16 15.79 -19.71
N GLN C 87 2.25 15.34 -20.33
CA GLN C 87 2.61 13.94 -20.35
C GLN C 87 3.63 13.57 -19.27
N PHE C 88 3.84 14.41 -18.27
CA PHE C 88 5.03 14.26 -17.41
C PHE C 88 5.11 12.87 -16.78
N PHE C 89 4.00 12.42 -16.20
CA PHE C 89 3.94 11.12 -15.58
C PHE C 89 4.35 9.97 -16.48
N TRP C 90 4.00 10.05 -17.75
CA TRP C 90 4.22 8.94 -18.69
C TRP C 90 5.67 8.93 -19.16
N LEU C 91 6.38 10.02 -18.91
CA LEU C 91 7.69 10.24 -19.49
C LEU C 91 8.72 9.56 -18.61
N GLY C 92 9.75 8.99 -19.23
CA GLY C 92 10.68 8.19 -18.46
C GLY C 92 12.07 8.22 -19.03
N LEU C 93 13.03 7.73 -18.25
CA LEU C 93 14.41 7.56 -18.70
C LEU C 93 14.72 6.08 -18.47
N TYR C 94 14.80 5.32 -19.56
CA TYR C 94 14.86 3.86 -19.47
C TYR C 94 16.26 3.27 -19.54
N PRO C 95 16.46 2.14 -18.83
CA PRO C 95 17.61 1.26 -19.01
C PRO C 95 17.64 0.64 -20.40
N PRO C 96 18.74 -0.02 -20.77
CA PRO C 96 18.83 -0.76 -22.03
C PRO C 96 17.57 -1.55 -22.31
N LYS C 97 16.96 -1.28 -23.46
CA LYS C 97 15.95 -2.19 -24.00
C LYS C 97 16.58 -3.40 -24.66
N ALA C 98 17.83 -3.26 -25.10
CA ALA C 98 18.54 -4.37 -25.71
C ALA C 98 19.45 -5.08 -24.72
N GLN C 99 19.75 -6.33 -25.00
CA GLN C 99 20.62 -7.12 -24.17
C GLN C 99 22.05 -6.81 -24.57
N TYR C 100 22.71 -6.00 -23.75
CA TYR C 100 24.13 -5.71 -23.91
C TYR C 100 24.94 -6.50 -22.87
N GLY C 101 24.27 -7.38 -22.12
CA GLY C 101 24.92 -8.01 -20.98
C GLY C 101 25.29 -6.93 -19.98
N MET C 102 26.55 -6.90 -19.58
CA MET C 102 27.00 -5.86 -18.67
C MET C 102 27.80 -4.78 -19.39
N GLY C 103 27.68 -4.77 -20.72
CA GLY C 103 28.36 -3.76 -21.51
C GLY C 103 27.73 -2.41 -21.29
N ILE C 104 28.57 -1.37 -21.28
CA ILE C 104 28.09 0.00 -21.09
C ILE C 104 27.18 0.32 -22.24
N PRO C 105 25.87 0.48 -21.95
CA PRO C 105 24.90 0.73 -23.03
C PRO C 105 25.21 2.05 -23.71
N PRO C 106 24.89 2.15 -25.01
CA PRO C 106 24.89 3.42 -25.73
C PRO C 106 24.02 4.45 -25.03
N LEU C 107 24.34 5.73 -25.24
CA LEU C 107 23.63 6.83 -24.58
C LEU C 107 22.12 6.78 -24.82
N HIS C 108 21.76 6.43 -26.05
CA HIS C 108 20.36 6.38 -26.44
C HIS C 108 19.64 5.17 -25.86
N ASP C 109 20.35 4.05 -25.70
CA ASP C 109 19.74 2.85 -25.16
C ASP C 109 20.25 2.50 -23.78
N GLY C 110 20.08 3.43 -22.85
CA GLY C 110 20.41 3.15 -21.46
C GLY C 110 21.66 3.83 -20.93
N GLY C 111 22.50 4.33 -21.83
CA GLY C 111 23.66 5.11 -21.42
C GLY C 111 23.30 6.20 -20.45
N TRP C 112 22.32 7.01 -20.80
CA TRP C 112 21.89 8.11 -19.93
C TRP C 112 21.29 7.64 -18.61
N TRP C 113 20.71 6.45 -18.61
CA TRP C 113 20.05 5.93 -17.41
C TRP C 113 21.10 5.59 -16.37
N LEU C 114 22.15 4.91 -16.82
CA LEU C 114 23.29 4.59 -15.97
C LEU C 114 23.91 5.85 -15.35
N MET C 115 24.13 6.86 -16.18
CA MET C 115 24.64 8.15 -15.74
C MET C 115 23.85 8.63 -14.54
N ALA C 116 22.56 8.79 -14.77
CA ALA C 116 21.67 9.31 -13.74
C ALA C 116 21.73 8.39 -12.52
N GLY C 117 21.76 7.08 -12.75
CA GLY C 117 21.81 6.13 -11.65
C GLY C 117 23.05 6.30 -10.79
N LEU C 118 24.15 6.60 -11.46
CA LEU C 118 25.43 6.85 -10.82
C LEU C 118 25.41 8.09 -9.92
N PHE C 119 24.91 9.19 -10.46
CA PHE C 119 24.86 10.43 -9.70
C PHE C 119 23.90 10.37 -8.53
N MET C 120 22.76 9.71 -8.74
CA MET C 120 21.81 9.48 -7.67
C MET C 120 22.47 8.70 -6.52
N THR C 121 23.23 7.66 -6.86
CA THR C 121 23.99 6.87 -5.89
C THR C 121 24.95 7.74 -5.05
N LEU C 122 25.70 8.61 -5.72
CA LEU C 122 26.60 9.52 -5.02
C LEU C 122 25.81 10.52 -4.18
N SER C 123 24.71 11.00 -4.73
CA SER C 123 23.74 11.81 -3.99
C SER C 123 23.35 11.16 -2.65
N LEU C 124 22.92 9.90 -2.69
CA LEU C 124 22.53 9.15 -1.49
C LEU C 124 23.70 8.96 -0.54
N GLY C 125 24.83 8.51 -1.05
CA GLY C 125 26.05 8.47 -0.26
C GLY C 125 26.36 9.75 0.54
N SER C 126 26.45 10.88 -0.16
CA SER C 126 26.68 12.15 0.48
C SER C 126 25.66 12.41 1.58
N TRP C 127 24.39 12.17 1.28
CA TRP C 127 23.34 12.41 2.26
C TRP C 127 23.47 11.52 3.50
N TRP C 128 23.86 10.26 3.28
CA TRP C 128 24.07 9.33 4.37
C TRP C 128 25.10 9.91 5.31
N ILE C 129 26.20 10.40 4.74
CA ILE C 129 27.28 11.03 5.53
C ILE C 129 26.77 12.19 6.39
N ARG C 130 25.93 13.04 5.80
CA ARG C 130 25.31 14.14 6.54
C ARG C 130 24.52 13.63 7.76
N VAL C 131 23.86 12.50 7.57
CA VAL C 131 22.92 11.94 8.53
C VAL C 131 23.68 11.26 9.66
N TYR C 132 24.82 10.71 9.29
CA TYR C 132 25.71 10.06 10.22
C TYR C 132 26.48 11.09 11.06
N SER C 133 27.07 12.06 10.37
CA SER C 133 27.84 13.15 10.99
C SER C 133 27.07 13.99 11.97
N ARG C 134 25.90 14.50 11.57
CA ARG C 134 25.13 15.36 12.47
C ARG C 134 24.86 14.67 13.80
N ALA C 135 24.73 13.35 13.76
CA ALA C 135 24.52 12.55 14.95
C ALA C 135 25.77 12.65 15.80
N ARG C 136 26.90 12.35 15.18
CA ARG C 136 28.17 12.33 15.90
C ARG C 136 28.50 13.72 16.42
N ALA C 137 28.33 14.72 15.57
CA ALA C 137 28.54 16.11 15.94
C ALA C 137 27.75 16.48 17.18
N LEU C 138 26.52 16.00 17.28
CA LEU C 138 25.65 16.42 18.37
C LEU C 138 25.71 15.47 19.54
N GLY C 139 26.66 14.53 19.48
CA GLY C 139 26.89 13.66 20.62
C GLY C 139 25.88 12.55 20.71
N LEU C 140 25.38 12.14 19.54
CA LEU C 140 24.24 11.24 19.45
C LEU C 140 24.72 9.90 18.89
N GLY C 141 23.98 8.83 19.19
CA GLY C 141 24.23 7.57 18.50
C GLY C 141 23.82 7.62 17.04
N THR C 142 24.17 6.60 16.27
CA THR C 142 23.97 6.66 14.83
C THR C 142 22.91 5.70 14.29
N HIS C 143 21.98 5.30 15.15
CA HIS C 143 20.88 4.40 14.77
C HIS C 143 20.18 4.84 13.47
N ILE C 144 19.90 6.13 13.33
CA ILE C 144 19.28 6.63 12.12
C ILE C 144 20.13 6.33 10.88
N ALA C 145 21.43 6.62 10.93
CA ALA C 145 22.29 6.35 9.77
C ALA C 145 22.25 4.87 9.43
N TRP C 146 22.10 4.04 10.45
CA TRP C 146 22.08 2.61 10.21
C TRP C 146 20.76 2.11 9.67
N ASN C 147 19.66 2.75 10.03
CA ASN C 147 18.38 2.43 9.40
C ASN C 147 18.36 2.89 7.94
N PHE C 148 18.95 4.04 7.68
CA PHE C 148 19.00 4.64 6.34
C PHE C 148 19.84 3.80 5.40
N ALA C 149 21.00 3.37 5.88
CA ALA C 149 21.89 2.51 5.12
C ALA C 149 21.13 1.33 4.50
N ALA C 150 20.24 0.74 5.29
CA ALA C 150 19.48 -0.43 4.86
C ALA C 150 18.63 -0.04 3.67
N ALA C 151 17.96 1.11 3.80
CA ALA C 151 17.16 1.67 2.73
C ALA C 151 17.99 1.95 1.48
N ILE C 152 19.18 2.51 1.65
CA ILE C 152 20.01 2.82 0.51
C ILE C 152 20.45 1.53 -0.16
N PHE C 153 20.72 0.51 0.63
CA PHE C 153 21.20 -0.75 0.08
C PHE C 153 20.14 -1.41 -0.79
N PHE C 154 18.89 -1.34 -0.34
CA PHE C 154 17.78 -1.84 -1.13
C PHE C 154 17.77 -1.20 -2.51
N VAL C 155 17.95 0.11 -2.55
CA VAL C 155 17.96 0.84 -3.82
C VAL C 155 19.12 0.33 -4.67
N LEU C 156 20.29 0.14 -4.09
CA LEU C 156 21.39 -0.43 -4.84
C LEU C 156 21.00 -1.80 -5.35
N CYS C 157 20.27 -2.56 -4.55
CA CYS C 157 19.91 -3.91 -4.97
C CYS C 157 19.10 -3.93 -6.25
N ILE C 158 18.00 -3.17 -6.27
CA ILE C 158 17.14 -3.11 -7.46
C ILE C 158 17.72 -2.26 -8.60
N GLY C 159 18.58 -1.31 -8.27
CA GLY C 159 19.18 -0.46 -9.29
C GLY C 159 20.44 -1.00 -9.94
N CYS C 160 21.22 -1.77 -9.19
CA CYS C 160 22.60 -2.09 -9.54
C CYS C 160 22.86 -3.57 -9.38
N ILE C 161 22.77 -4.04 -8.15
CA ILE C 161 23.38 -5.30 -7.82
C ILE C 161 22.69 -6.48 -8.50
N HIS C 162 21.37 -6.48 -8.50
CA HIS C 162 20.63 -7.53 -9.21
C HIS C 162 20.95 -7.55 -10.71
N PRO C 163 20.95 -6.39 -11.38
CA PRO C 163 21.38 -6.35 -12.80
C PRO C 163 22.78 -6.94 -12.99
N THR C 164 23.68 -6.58 -12.08
CA THR C 164 25.04 -7.10 -12.12
C THR C 164 25.08 -8.59 -11.89
N LEU C 165 24.25 -9.07 -10.96
CA LEU C 165 24.27 -10.47 -10.57
C LEU C 165 23.79 -11.37 -11.68
N VAL C 166 22.77 -10.95 -12.42
CA VAL C 166 22.26 -11.76 -13.54
C VAL C 166 22.98 -11.37 -14.83
N GLY C 167 23.63 -10.20 -14.81
CA GLY C 167 24.46 -9.79 -15.91
C GLY C 167 23.76 -9.00 -16.99
N SER C 168 22.72 -8.25 -16.63
CA SER C 168 22.04 -7.41 -17.62
C SER C 168 21.54 -6.12 -17.01
N TRP C 169 21.93 -5.02 -17.62
CA TRP C 169 21.46 -3.71 -17.23
C TRP C 169 19.99 -3.53 -17.56
N SER C 170 19.46 -4.39 -18.43
CA SER C 170 18.08 -4.24 -18.91
C SER C 170 17.04 -4.34 -17.79
N GLU C 171 17.48 -4.72 -16.60
CA GLU C 171 16.59 -5.11 -15.51
C GLU C 171 16.46 -4.02 -14.44
N GLY C 172 17.16 -2.90 -14.66
CA GLY C 172 17.15 -1.84 -13.69
C GLY C 172 15.85 -1.07 -13.72
N VAL C 173 15.65 -0.22 -12.73
CA VAL C 173 14.39 0.49 -12.54
C VAL C 173 14.51 1.81 -13.30
N PRO C 174 13.62 2.06 -14.28
CA PRO C 174 13.61 3.31 -15.04
C PRO C 174 13.34 4.46 -14.11
N PHE C 175 13.73 5.66 -14.52
CA PHE C 175 13.33 6.86 -13.79
C PHE C 175 12.08 7.43 -14.46
N GLY C 176 11.08 7.78 -13.66
CA GLY C 176 9.84 8.34 -14.19
C GLY C 176 8.70 7.94 -13.29
N ILE C 177 7.63 8.74 -13.24
CA ILE C 177 6.51 8.39 -12.37
C ILE C 177 5.82 7.07 -12.73
N TRP C 178 5.11 6.98 -13.85
CA TRP C 178 4.54 5.71 -14.24
C TRP C 178 5.61 4.70 -14.62
N PRO C 179 6.69 5.14 -15.30
CA PRO C 179 7.66 4.09 -15.69
C PRO C 179 8.27 3.26 -14.54
N HIS C 180 8.58 3.88 -13.41
CA HIS C 180 9.12 3.12 -12.29
C HIS C 180 8.08 2.14 -11.71
N ILE C 181 6.81 2.48 -11.91
CA ILE C 181 5.68 1.64 -11.51
C ILE C 181 5.53 0.46 -12.49
N ASP C 182 5.64 0.70 -13.81
CA ASP C 182 5.44 -0.38 -14.78
C ASP C 182 6.46 -1.48 -14.58
N TRP C 183 7.65 -1.09 -14.11
CA TRP C 183 8.74 -2.00 -13.80
C TRP C 183 8.33 -3.05 -12.76
N LEU C 184 7.60 -2.63 -11.73
CA LEU C 184 7.13 -3.53 -10.70
C LEU C 184 6.45 -4.75 -11.31
N THR C 185 5.61 -4.52 -12.32
CA THR C 185 4.87 -5.61 -12.94
C THR C 185 5.73 -6.37 -13.91
N ALA C 186 6.55 -5.67 -14.68
CA ALA C 186 7.48 -6.34 -15.59
C ALA C 186 8.33 -7.32 -14.78
N PHE C 187 8.82 -6.86 -13.63
CA PHE C 187 9.76 -7.60 -12.81
C PHE C 187 9.07 -8.78 -12.13
N SER C 188 7.92 -8.53 -11.53
CA SER C 188 7.11 -9.62 -10.98
C SER C 188 6.70 -10.69 -12.02
N ILE C 189 6.28 -10.27 -13.21
CA ILE C 189 5.89 -11.21 -14.26
C ILE C 189 7.06 -12.10 -14.67
N ARG C 190 8.21 -11.48 -14.94
CA ARG C 190 9.38 -12.24 -15.37
C ARG C 190 9.83 -13.26 -14.32
N TYR C 191 9.67 -12.94 -13.03
CA TYR C 191 10.21 -13.79 -11.98
C TYR C 191 9.16 -14.59 -11.26
N GLY C 192 8.04 -14.79 -11.95
CA GLY C 192 7.02 -15.75 -11.54
C GLY C 192 6.11 -15.37 -10.39
N ASN C 193 5.79 -14.09 -10.26
CA ASN C 193 4.78 -13.61 -9.31
C ASN C 193 5.39 -13.36 -7.95
N PHE C 194 5.71 -12.11 -7.65
CA PHE C 194 6.35 -11.76 -6.39
C PHE C 194 5.52 -12.05 -5.13
N TYR C 195 4.24 -12.38 -5.27
CA TYR C 195 3.47 -12.77 -4.09
C TYR C 195 4.02 -14.06 -3.50
N TYR C 196 4.61 -14.87 -4.37
CA TYR C 196 5.11 -16.18 -3.99
C TYR C 196 6.60 -16.14 -3.63
N CYS C 197 7.15 -14.93 -3.49
CA CYS C 197 8.50 -14.78 -2.99
C CYS C 197 8.46 -14.63 -1.48
N PRO C 198 9.05 -15.57 -0.74
CA PRO C 198 8.95 -15.48 0.72
C PRO C 198 9.42 -14.15 1.33
N TRP C 199 10.43 -13.51 0.74
CA TRP C 199 11.01 -12.28 1.29
C TRP C 199 10.16 -11.05 1.00
N HIS C 200 9.38 -11.12 -0.08
CA HIS C 200 8.37 -10.12 -0.36
C HIS C 200 7.30 -10.17 0.73
N GLY C 201 6.96 -11.38 1.16
CA GLY C 201 6.09 -11.55 2.31
C GLY C 201 6.66 -11.08 3.63
N PHE C 202 7.92 -11.39 3.92
CA PHE C 202 8.53 -10.87 5.13
C PHE C 202 8.48 -9.35 5.08
N SER C 203 8.88 -8.79 3.95
CA SER C 203 8.92 -7.36 3.80
C SER C 203 7.55 -6.71 4.08
N ILE C 204 6.50 -7.27 3.50
CA ILE C 204 5.16 -6.75 3.69
C ILE C 204 4.74 -6.91 5.14
N GLY C 205 5.15 -8.03 5.72
CA GLY C 205 4.83 -8.32 7.09
C GLY C 205 5.38 -7.24 7.97
N PHE C 206 6.60 -6.81 7.70
CA PHE C 206 7.21 -5.73 8.45
C PHE C 206 6.66 -4.33 8.15
N ALA C 207 6.27 -4.10 6.90
CA ALA C 207 5.68 -2.81 6.51
C ALA C 207 4.30 -2.62 7.14
N TYR C 208 3.47 -3.64 7.04
CA TYR C 208 2.21 -3.66 7.74
C TYR C 208 2.46 -3.47 9.23
N GLY C 209 3.48 -4.18 9.72
CA GLY C 209 3.81 -4.15 11.14
C GLY C 209 4.29 -2.79 11.59
N CYS C 210 4.90 -2.02 10.68
CA CYS C 210 5.27 -0.65 11.00
C CYS C 210 4.05 0.24 11.17
N GLY C 211 3.05 -0.01 10.33
CA GLY C 211 1.78 0.68 10.47
C GLY C 211 1.10 0.28 11.76
N LEU C 212 1.04 -1.01 12.04
CA LEU C 212 0.53 -1.44 13.33
C LEU C 212 1.30 -0.78 14.47
N LEU C 213 2.62 -0.85 14.43
CA LEU C 213 3.41 -0.36 15.55
C LEU C 213 3.35 1.16 15.72
N PHE C 214 3.38 1.93 14.62
CA PHE C 214 3.40 3.40 14.76
C PHE C 214 2.03 3.99 15.12
N ALA C 215 0.97 3.36 14.62
CA ALA C 215 -0.38 3.64 15.12
C ALA C 215 -0.51 3.38 16.62
N ALA C 216 0.00 2.25 17.11
CA ALA C 216 -0.14 1.87 18.50
C ALA C 216 0.79 2.64 19.42
N HIS C 217 2.02 2.87 18.98
CA HIS C 217 2.94 3.72 19.73
C HIS C 217 2.44 5.16 19.80
N GLY C 218 2.18 5.77 18.65
CA GLY C 218 1.66 7.13 18.63
C GLY C 218 0.40 7.29 19.48
N ALA C 219 -0.56 6.37 19.30
CA ALA C 219 -1.79 6.44 20.08
C ALA C 219 -1.51 6.30 21.57
N THR C 220 -0.53 5.46 21.92
CA THR C 220 -0.21 5.19 23.32
C THR C 220 0.36 6.44 23.97
N ILE C 221 1.25 7.13 23.25
CA ILE C 221 1.80 8.34 23.81
C ILE C 221 0.79 9.47 23.91
N LEU C 222 -0.05 9.66 22.90
CA LEU C 222 -1.11 10.64 23.04
C LEU C 222 -1.98 10.29 24.24
N ALA C 223 -2.25 9.01 24.45
CA ALA C 223 -3.18 8.62 25.51
C ALA C 223 -2.60 8.90 26.88
N VAL C 224 -1.27 8.99 26.99
CA VAL C 224 -0.63 9.39 28.23
C VAL C 224 0.12 10.73 28.16
N ALA C 225 -0.28 11.59 27.23
CA ALA C 225 0.26 12.95 27.18
C ALA C 225 -0.04 13.73 28.49
N ARG C 226 -1.17 13.41 29.13
CA ARG C 226 -1.55 14.10 30.35
C ARG C 226 -0.51 13.91 31.44
N PHE C 227 0.22 12.81 31.35
CA PHE C 227 1.27 12.49 32.31
C PHE C 227 2.65 12.73 31.73
N GLY C 228 2.73 13.45 30.62
CA GLY C 228 4.04 13.81 30.11
C GLY C 228 4.73 12.69 29.37
N GLY C 229 3.92 11.78 28.82
CA GLY C 229 4.45 10.63 28.09
C GLY C 229 5.31 11.00 26.89
N ASP C 230 5.08 12.18 26.34
CA ASP C 230 5.86 12.67 25.19
C ASP C 230 7.35 12.89 25.49
N ARG C 231 7.65 13.09 26.77
CA ARG C 231 9.02 13.39 27.20
C ARG C 231 9.79 12.10 27.37
N GLU C 232 10.05 11.44 26.24
CA GLU C 232 10.34 10.02 26.22
C GLU C 232 11.71 9.73 26.80
N ILE C 233 12.67 10.63 26.58
CA ILE C 233 14.03 10.43 27.11
C ILE C 233 14.04 10.31 28.64
N GLU C 234 13.39 11.23 29.34
CA GLU C 234 13.37 11.16 30.80
C GLU C 234 12.41 10.11 31.37
N GLN C 235 11.48 9.62 30.53
CA GLN C 235 10.68 8.46 30.93
C GLN C 235 11.54 7.18 30.85
N ILE C 236 12.59 7.22 30.03
CA ILE C 236 13.56 6.13 29.94
C ILE C 236 14.45 6.07 31.19
N THR C 237 15.05 7.21 31.54
CA THR C 237 16.02 7.26 32.64
C THR C 237 15.34 7.36 33.98
N ASP C 238 14.09 7.78 34.00
CA ASP C 238 13.37 7.83 35.26
C ASP C 238 11.89 7.55 35.04
N ARG C 239 11.57 6.27 34.97
CA ARG C 239 10.22 5.80 34.71
C ARG C 239 9.13 6.59 35.45
N GLY C 240 8.10 7.04 34.73
CA GLY C 240 7.00 7.77 35.36
C GLY C 240 5.64 7.13 35.13
N THR C 241 4.59 7.64 35.76
CA THR C 241 3.28 6.98 35.73
C THR C 241 2.77 6.86 34.29
N ALA C 242 3.31 7.71 33.40
CA ALA C 242 2.99 7.68 31.99
C ALA C 242 3.30 6.32 31.38
N VAL C 243 4.54 5.89 31.50
CA VAL C 243 4.98 4.67 30.85
C VAL C 243 4.73 3.44 31.73
N GLU C 244 4.36 3.65 32.98
CA GLU C 244 3.85 2.54 33.79
C GLU C 244 2.47 2.22 33.29
N ARG C 245 1.71 3.27 32.99
CA ARG C 245 0.34 3.14 32.51
C ARG C 245 0.31 2.59 31.09
N ALA C 246 1.15 3.14 30.21
CA ALA C 246 1.31 2.63 28.86
C ALA C 246 1.62 1.13 28.87
N ALA C 247 2.60 0.74 29.69
CA ALA C 247 3.05 -0.64 29.72
C ALA C 247 1.94 -1.55 30.23
N LEU C 248 1.21 -1.09 31.24
CA LEU C 248 0.17 -1.91 31.83
C LEU C 248 -1.05 -2.03 30.93
N PHE C 249 -1.28 -1.00 30.12
CA PHE C 249 -2.34 -1.04 29.15
C PHE C 249 -2.05 -2.22 28.24
N TRP C 250 -0.82 -2.27 27.73
CA TRP C 250 -0.45 -3.30 26.78
C TRP C 250 -0.36 -4.69 27.40
N ARG C 251 0.10 -4.75 28.66
CA ARG C 251 0.17 -6.03 29.37
C ARG C 251 -1.21 -6.59 29.58
N TRP C 252 -2.16 -5.73 29.89
CA TRP C 252 -3.48 -6.20 30.26
C TRP C 252 -4.26 -6.58 29.04
N THR C 253 -3.86 -6.01 27.92
CA THR C 253 -4.51 -6.31 26.67
C THR C 253 -3.96 -7.56 26.01
N ILE C 254 -2.65 -7.57 25.75
CA ILE C 254 -2.03 -8.66 25.00
C ILE C 254 -1.18 -9.63 25.82
N GLY C 255 -0.97 -9.31 27.10
CA GLY C 255 -0.34 -10.28 27.98
C GLY C 255 1.14 -10.08 28.25
N PHE C 256 1.81 -9.29 27.41
CA PHE C 256 3.20 -8.91 27.62
C PHE C 256 3.35 -7.43 27.26
N ASN C 257 4.50 -6.83 27.55
CA ASN C 257 4.65 -5.40 27.33
C ASN C 257 6.11 -5.04 27.10
N ALA C 258 6.33 -3.88 26.50
CA ALA C 258 7.65 -3.38 26.24
C ALA C 258 7.97 -2.37 27.33
N THR C 259 9.12 -1.73 27.23
CA THR C 259 9.38 -0.49 27.97
C THR C 259 9.30 0.71 26.98
N ILE C 260 9.39 1.92 27.51
CA ILE C 260 9.37 3.07 26.63
C ILE C 260 10.61 3.13 25.77
N GLU C 261 11.75 2.59 26.22
CA GLU C 261 12.89 2.53 25.32
C GLU C 261 12.75 1.37 24.35
N SER C 262 12.36 0.20 24.86
CA SER C 262 12.41 -1.02 24.04
C SER C 262 11.42 -0.94 22.89
N VAL C 263 10.27 -0.28 23.11
CA VAL C 263 9.31 -0.11 22.02
C VAL C 263 9.87 0.63 20.83
N HIS C 264 10.85 1.51 21.05
CA HIS C 264 11.47 2.21 19.94
C HIS C 264 12.48 1.32 19.26
N ARG C 265 12.99 0.33 20.01
CA ARG C 265 13.82 -0.74 19.43
C ARG C 265 12.99 -1.63 18.53
N TRP C 266 11.86 -2.13 19.02
CA TRP C 266 10.93 -2.89 18.21
C TRP C 266 10.59 -2.13 16.93
N GLY C 267 10.45 -0.83 17.04
CA GLY C 267 10.06 -0.02 15.90
C GLY C 267 11.19 0.13 14.92
N TRP C 268 12.38 0.38 15.45
CA TRP C 268 13.54 0.55 14.61
C TRP C 268 13.78 -0.75 13.84
N PHE C 269 13.55 -1.86 14.52
CA PHE C 269 13.83 -3.19 13.98
C PHE C 269 12.82 -3.50 12.88
N PHE C 270 11.53 -3.30 13.17
CA PHE C 270 10.52 -3.52 12.14
C PHE C 270 10.78 -2.67 10.90
N SER C 271 11.23 -1.45 11.10
CA SER C 271 11.54 -0.57 9.98
C SER C 271 12.74 -1.08 9.21
N LEU C 272 13.82 -1.35 9.90
CA LEU C 272 15.00 -1.93 9.28
C LEU C 272 14.68 -3.16 8.41
N MET C 273 13.84 -4.03 8.95
CA MET C 273 13.63 -5.33 8.36
C MET C 273 12.82 -5.30 7.07
N VAL C 274 11.96 -4.32 6.94
CA VAL C 274 11.31 -4.05 5.66
C VAL C 274 12.35 -4.00 4.55
N MET C 275 13.46 -3.32 4.81
CA MET C 275 14.45 -3.06 3.78
C MET C 275 15.42 -4.21 3.67
N VAL C 276 15.75 -4.81 4.81
CA VAL C 276 16.61 -5.97 4.84
C VAL C 276 15.95 -7.18 4.13
N SER C 277 14.70 -7.50 4.47
CA SER C 277 14.01 -8.61 3.81
C SER C 277 13.93 -8.39 2.33
N ALA C 278 13.62 -7.15 1.95
CA ALA C 278 13.41 -6.81 0.55
C ALA C 278 14.69 -7.04 -0.26
N SER C 279 15.83 -6.61 0.28
CA SER C 279 17.09 -6.82 -0.41
C SER C 279 17.42 -8.30 -0.59
N VAL C 280 17.27 -9.09 0.47
CA VAL C 280 17.54 -10.51 0.37
C VAL C 280 16.69 -11.13 -0.74
N GLY C 281 15.42 -10.76 -0.77
CA GLY C 281 14.57 -11.26 -1.83
C GLY C 281 15.06 -10.86 -3.21
N ILE C 282 15.57 -9.63 -3.36
CA ILE C 282 16.11 -9.23 -4.65
C ILE C 282 17.42 -9.94 -4.99
N LEU C 283 18.24 -10.21 -3.99
CA LEU C 283 19.51 -10.89 -4.24
C LEU C 283 19.27 -12.33 -4.67
N LEU C 284 18.25 -12.97 -4.10
CA LEU C 284 17.94 -14.33 -4.53
C LEU C 284 17.28 -14.41 -5.91
N THR C 285 16.63 -13.34 -6.36
CA THR C 285 15.78 -13.37 -7.56
C THR C 285 16.62 -13.32 -8.83
N GLY C 286 16.44 -14.27 -9.73
CA GLY C 286 17.24 -14.30 -10.96
C GLY C 286 18.58 -15.01 -10.79
N THR C 287 19.21 -14.76 -9.66
CA THR C 287 20.41 -15.44 -9.28
C THR C 287 20.16 -16.91 -8.99
N PHE C 288 19.20 -17.19 -8.10
CA PHE C 288 18.95 -18.57 -7.67
C PHE C 288 17.54 -19.04 -7.79
N VAL C 289 16.61 -18.13 -8.03
CA VAL C 289 15.22 -18.51 -8.26
C VAL C 289 14.76 -17.81 -9.52
N ASP C 290 14.12 -18.57 -10.42
CA ASP C 290 13.64 -18.01 -11.67
C ASP C 290 12.14 -17.76 -11.65
N ASN C 291 11.39 -18.61 -10.98
CA ASN C 291 9.95 -18.49 -11.00
C ASN C 291 9.46 -18.79 -9.60
N TRP C 292 9.19 -17.75 -8.83
CA TRP C 292 8.87 -17.92 -7.42
C TRP C 292 7.64 -18.79 -7.19
N TYR C 293 6.65 -18.74 -8.08
CA TYR C 293 5.47 -19.61 -7.92
C TYR C 293 5.86 -21.09 -8.03
N LEU C 294 6.74 -21.41 -8.97
CA LEU C 294 7.15 -22.79 -9.21
C LEU C 294 8.05 -23.27 -8.09
N TRP C 295 8.90 -22.38 -7.61
CA TRP C 295 9.72 -22.67 -6.45
C TRP C 295 8.82 -23.05 -5.30
N CYS C 296 7.77 -22.27 -5.07
CA CYS C 296 6.81 -22.60 -4.03
C CYS C 296 6.13 -23.92 -4.32
N VAL C 297 5.71 -24.11 -5.56
CA VAL C 297 5.14 -25.37 -5.97
C VAL C 297 6.14 -26.50 -5.74
N LYS C 298 7.42 -26.25 -5.98
CA LYS C 298 8.45 -27.29 -5.80
C LYS C 298 8.46 -27.73 -4.34
N HIS C 299 8.18 -26.80 -3.43
CA HIS C 299 8.38 -27.01 -2.01
C HIS C 299 7.09 -27.22 -1.24
N GLY C 300 5.97 -27.39 -1.94
CA GLY C 300 4.71 -27.72 -1.29
C GLY C 300 3.89 -26.54 -0.78
N ALA C 301 4.41 -25.34 -0.95
CA ALA C 301 3.75 -24.16 -0.43
C ALA C 301 2.41 -23.86 -1.11
N ALA C 302 2.37 -23.87 -2.44
CA ALA C 302 1.29 -23.25 -3.23
C ALA C 302 -0.13 -23.82 -3.08
N PRO C 303 -1.14 -22.94 -2.97
CA PRO C 303 -2.54 -23.38 -3.04
C PRO C 303 -2.91 -23.82 -4.44
N ASP C 304 -3.96 -24.63 -4.56
CA ASP C 304 -4.50 -25.03 -5.86
C ASP C 304 -6.01 -25.17 -5.78
N TYR C 305 -6.70 -24.73 -6.83
CA TYR C 305 -8.15 -24.60 -6.79
C TYR C 305 -8.75 -25.50 -7.86
N PRO C 306 -9.99 -25.96 -7.65
CA PRO C 306 -10.79 -26.61 -8.69
C PRO C 306 -10.88 -25.75 -9.94
N ALA C 307 -11.10 -26.40 -11.07
CA ALA C 307 -11.44 -25.66 -12.27
C ALA C 307 -12.82 -25.08 -12.02
N TYR C 308 -13.11 -23.96 -12.64
CA TYR C 308 -14.45 -23.40 -12.56
C TYR C 308 -14.98 -23.37 -13.97
N LEU C 309 -14.39 -22.55 -14.84
CA LEU C 309 -14.50 -22.84 -16.26
C LEU C 309 -13.60 -24.05 -16.49
N PRO C 310 -13.83 -24.78 -17.58
CA PRO C 310 -13.06 -26.01 -17.86
C PRO C 310 -11.56 -25.79 -18.01
N ALA C 311 -10.81 -26.79 -17.56
CA ALA C 311 -9.38 -26.78 -17.70
C ALA C 311 -9.01 -26.60 -19.17
N THR C 312 -8.06 -25.71 -19.43
CA THR C 312 -7.71 -25.39 -20.80
C THR C 312 -6.26 -25.76 -21.08
N PRO C 313 -6.08 -26.86 -21.82
CA PRO C 313 -4.80 -27.26 -22.42
C PRO C 313 -4.15 -26.11 -23.17
N ASP C 314 -2.84 -26.03 -23.04
CA ASP C 314 -2.01 -25.16 -23.87
C ASP C 314 -2.16 -25.57 -25.34
N PRO C 315 -2.69 -24.67 -26.19
CA PRO C 315 -2.95 -25.07 -27.57
C PRO C 315 -1.63 -25.31 -28.27
N ALA C 316 -0.62 -24.59 -27.81
CA ALA C 316 0.71 -24.68 -28.40
C ALA C 316 1.27 -26.10 -28.31
N SER C 317 0.81 -26.88 -27.33
CA SER C 317 1.30 -28.23 -27.14
C SER C 317 0.48 -29.24 -27.91
N LEU C 318 -0.68 -28.82 -28.40
CA LEU C 318 -1.52 -29.69 -29.18
C LEU C 318 -0.73 -30.24 -30.36
N PRO C 319 -1.04 -31.47 -30.75
CA PRO C 319 -0.77 -32.03 -32.08
C PRO C 319 -1.35 -31.19 -33.22
N GLY C 320 -0.45 -30.61 -34.00
CA GLY C 320 -0.86 -29.84 -35.16
C GLY C 320 -0.87 -28.34 -34.92
N ALA C 321 -0.59 -27.93 -33.68
CA ALA C 321 -0.59 -26.51 -33.34
C ALA C 321 0.52 -25.85 -34.12
N PRO C 322 0.24 -24.69 -34.74
CA PRO C 322 1.29 -23.83 -35.28
C PRO C 322 2.27 -23.42 -34.18
N LYS C 323 3.22 -22.58 -34.55
CA LYS C 323 4.20 -22.14 -33.58
C LYS C 323 3.81 -20.78 -32.99
N FME D 1 21.75 -27.99 -15.84
CN FME D 1 20.59 -28.66 -16.12
O1 FME D 1 20.48 -29.77 -15.59
CA FME D 1 21.97 -27.78 -14.41
CB FME D 1 23.46 -27.79 -14.13
CG FME D 1 24.07 -29.20 -14.18
SD FME D 1 25.39 -29.44 -15.38
CE FME D 1 26.44 -28.16 -14.71
C FME D 1 21.31 -26.46 -13.97
O FME D 1 20.96 -25.65 -14.82
N TYR D 2 21.09 -26.28 -12.68
CA TYR D 2 20.44 -25.08 -12.19
C TYR D 2 21.28 -24.28 -11.24
N HIS D 3 21.22 -22.96 -11.36
CA HIS D 3 21.83 -22.08 -10.40
C HIS D 3 21.05 -22.20 -9.10
N GLY D 4 21.77 -22.40 -8.00
CA GLY D 4 21.13 -22.46 -6.69
C GLY D 4 20.84 -23.85 -6.16
N ALA D 5 20.76 -24.83 -7.04
CA ALA D 5 20.49 -26.21 -6.67
C ALA D 5 21.66 -26.74 -5.83
N LEU D 6 21.37 -27.44 -4.74
CA LEU D 6 22.44 -27.88 -3.84
C LEU D 6 22.53 -29.37 -3.75
N ALA D 7 21.40 -30.04 -3.91
CA ALA D 7 21.33 -31.48 -3.72
C ALA D 7 20.07 -31.97 -4.41
N GLN D 8 19.75 -33.26 -4.21
CA GLN D 8 18.59 -33.90 -4.83
C GLN D 8 17.37 -32.99 -4.84
N HIS D 9 16.94 -32.59 -3.65
CA HIS D 9 16.01 -31.48 -3.49
C HIS D 9 16.54 -30.64 -2.33
N LEU D 10 17.01 -29.44 -2.66
CA LEU D 10 17.59 -28.53 -1.69
C LEU D 10 18.24 -27.43 -2.49
N ASP D 11 17.90 -26.21 -2.19
CA ASP D 11 18.49 -25.11 -2.93
C ASP D 11 18.74 -23.96 -2.00
N ILE D 12 19.53 -23.01 -2.47
CA ILE D 12 19.93 -21.86 -1.71
C ILE D 12 18.77 -21.12 -1.07
N ALA D 13 17.82 -20.66 -1.86
CA ALA D 13 16.72 -19.87 -1.32
C ALA D 13 16.04 -20.60 -0.16
N GLN D 14 15.93 -21.90 -0.29
CA GLN D 14 15.22 -22.68 0.70
C GLN D 14 15.99 -22.68 2.02
N LEU D 15 17.30 -22.66 1.93
CA LEU D 15 18.08 -22.65 3.16
C LEU D 15 18.04 -21.29 3.80
N VAL D 16 17.97 -20.27 2.96
CA VAL D 16 17.93 -18.89 3.45
C VAL D 16 16.58 -18.58 4.11
N TRP D 17 15.54 -19.25 3.68
CA TRP D 17 14.26 -19.13 4.35
C TRP D 17 14.40 -19.52 5.82
N TYR D 18 15.16 -20.59 6.07
CA TYR D 18 15.40 -21.08 7.42
C TYR D 18 16.26 -20.15 8.24
N ALA D 19 17.33 -19.64 7.65
CA ALA D 19 18.12 -18.62 8.33
C ALA D 19 17.35 -17.34 8.64
N GLN D 20 16.50 -16.90 7.70
CA GLN D 20 15.72 -15.70 7.92
C GLN D 20 14.89 -15.85 9.20
N TRP D 21 14.18 -16.97 9.31
CA TRP D 21 13.36 -17.22 10.48
C TRP D 21 14.18 -17.29 11.75
N LEU D 22 15.37 -17.84 11.64
CA LEU D 22 16.19 -18.00 12.82
C LEU D 22 16.70 -16.66 13.28
N VAL D 23 17.07 -15.82 12.33
CA VAL D 23 17.55 -14.51 12.68
C VAL D 23 16.43 -13.72 13.34
N ILE D 24 15.22 -13.90 12.85
CA ILE D 24 14.08 -13.17 13.38
C ILE D 24 13.73 -13.58 14.81
N TRP D 25 13.59 -14.88 15.07
CA TRP D 25 13.19 -15.33 16.40
C TRP D 25 14.26 -15.13 17.47
N THR D 26 15.51 -15.19 17.03
CA THR D 26 16.65 -14.82 17.85
C THR D 26 16.56 -13.37 18.34
N VAL D 27 16.41 -12.43 17.41
CA VAL D 27 16.37 -11.04 17.79
C VAL D 27 15.13 -10.77 18.64
N VAL D 28 13.99 -11.34 18.26
CA VAL D 28 12.78 -11.09 19.01
C VAL D 28 12.82 -11.67 20.44
N LEU D 29 13.19 -12.94 20.58
CA LEU D 29 13.10 -13.64 21.87
C LEU D 29 14.27 -13.37 22.78
N LEU D 30 15.46 -13.43 22.22
CA LEU D 30 16.66 -13.36 23.00
C LEU D 30 17.15 -11.92 23.20
N TYR D 31 16.78 -11.02 22.29
CA TYR D 31 17.14 -9.62 22.46
C TYR D 31 15.94 -8.76 22.89
N LEU D 32 15.03 -8.52 21.96
CA LEU D 32 13.95 -7.55 22.18
C LEU D 32 13.13 -7.89 23.41
N ARG D 33 12.80 -9.18 23.58
CA ARG D 33 11.95 -9.59 24.68
C ARG D 33 12.64 -9.45 26.02
N ARG D 34 13.96 -9.31 26.00
CA ARG D 34 14.67 -9.09 27.24
C ARG D 34 14.88 -7.63 27.55
N GLU D 35 15.08 -6.84 26.50
CA GLU D 35 15.02 -5.39 26.62
C GLU D 35 13.65 -4.95 27.16
N ASP D 36 12.59 -5.71 26.85
CA ASP D 36 11.28 -5.36 27.37
C ASP D 36 11.22 -5.49 28.89
N ARG D 37 12.23 -6.10 29.49
CA ARG D 37 12.19 -6.41 30.93
C ARG D 37 13.11 -5.57 31.81
N ARG D 38 13.51 -4.40 31.34
CA ARG D 38 14.37 -3.52 32.12
C ARG D 38 13.63 -2.66 33.14
N GLU D 39 12.30 -2.80 33.21
CA GLU D 39 11.47 -2.07 34.17
C GLU D 39 10.44 -3.04 34.70
N GLY D 40 10.25 -3.08 36.00
CA GLY D 40 9.14 -3.85 36.55
C GLY D 40 9.50 -5.25 36.97
N TYR D 41 10.71 -5.69 36.59
CA TYR D 41 11.20 -7.04 36.89
C TYR D 41 12.26 -7.02 37.98
N PRO D 42 12.22 -8.01 38.88
CA PRO D 42 11.38 -9.20 38.68
C PRO D 42 9.96 -9.02 39.20
N LEU D 43 9.05 -9.74 38.54
CA LEU D 43 7.66 -9.81 38.94
C LEU D 43 7.52 -10.03 40.43
N VAL D 44 6.64 -9.27 41.06
CA VAL D 44 6.31 -9.47 42.46
C VAL D 44 5.07 -10.37 42.62
N GLU D 45 5.01 -11.09 43.74
CA GLU D 45 4.03 -12.15 43.95
C GLU D 45 3.76 -12.35 45.42
N PRO D 46 2.97 -13.35 45.76
CA PRO D 46 2.86 -13.79 47.14
C PRO D 46 4.25 -14.31 47.49
N LEU D 47 4.46 -14.61 48.76
CA LEU D 47 5.75 -15.11 49.24
C LEU D 47 5.57 -16.51 49.78
N GLY D 48 6.65 -17.28 49.78
CA GLY D 48 6.61 -18.62 50.33
C GLY D 48 7.18 -18.66 51.74
N LEU D 49 6.62 -19.50 52.59
CA LEU D 49 7.08 -19.63 53.97
C LEU D 49 8.52 -20.14 54.03
N VAL D 50 8.86 -21.02 53.10
CA VAL D 50 10.23 -21.52 52.96
C VAL D 50 10.59 -21.48 51.48
N LYS D 51 11.63 -20.71 51.15
CA LYS D 51 12.16 -20.66 49.79
C LYS D 51 13.58 -20.11 49.85
N LEU D 52 14.44 -20.59 48.95
CA LEU D 52 15.88 -20.30 49.04
C LEU D 52 16.53 -20.13 47.67
N ALA D 53 15.73 -20.14 46.62
CA ALA D 53 16.27 -20.16 45.26
C ALA D 53 16.52 -18.88 44.52
N PRO D 54 17.74 -18.70 44.04
CA PRO D 54 17.99 -17.69 43.05
C PRO D 54 17.16 -18.12 41.80
N GLU D 55 15.83 -18.03 41.86
CA GLU D 55 14.95 -18.73 40.88
C GLU D 55 15.39 -18.55 39.42
N ASP D 56 15.73 -19.64 38.75
CA ASP D 56 16.53 -19.59 37.52
C ASP D 56 15.92 -18.71 36.43
N GLY D 57 14.64 -18.93 36.18
CA GLY D 57 13.91 -18.19 35.14
C GLY D 57 13.95 -16.68 35.26
N GLN D 58 14.02 -16.19 36.49
CA GLN D 58 14.12 -14.76 36.76
C GLN D 58 15.49 -14.23 36.41
N VAL D 59 16.48 -15.09 36.36
CA VAL D 59 17.80 -14.69 35.93
C VAL D 59 17.84 -14.71 34.41
N TYR D 60 17.25 -15.74 33.82
CA TYR D 60 17.44 -15.99 32.41
C TYR D 60 16.71 -14.95 31.56
N GLU D 61 15.58 -14.47 32.05
CA GLU D 61 14.80 -13.53 31.26
C GLU D 61 15.31 -12.09 31.34
N LEU D 62 16.27 -11.81 32.21
CA LEU D 62 16.74 -10.44 32.36
C LEU D 62 17.92 -10.23 31.48
N PRO D 63 18.04 -9.05 30.90
CA PRO D 63 19.30 -8.70 30.25
C PRO D 63 20.35 -8.36 31.29
N TYR D 64 21.58 -8.14 30.84
CA TYR D 64 22.58 -7.60 31.71
C TYR D 64 22.23 -6.17 31.97
N PRO D 65 22.48 -5.67 33.19
CA PRO D 65 22.14 -4.28 33.49
C PRO D 65 22.86 -3.33 32.56
N LYS D 66 22.16 -2.25 32.18
CA LYS D 66 22.79 -1.11 31.51
C LYS D 66 22.76 0.13 32.41
N THR D 67 23.75 1.00 32.22
CA THR D 67 23.84 2.27 32.97
C THR D 67 23.85 3.48 32.05
N PHE D 68 22.88 4.35 32.26
CA PHE D 68 22.82 5.60 31.54
C PHE D 68 23.65 6.58 32.36
N VAL D 69 24.56 7.33 31.74
CA VAL D 69 25.15 8.43 32.46
C VAL D 69 24.41 9.73 32.16
N LEU D 70 23.84 10.29 33.22
CA LEU D 70 22.85 11.35 33.10
C LEU D 70 23.52 12.65 32.70
N PRO D 71 22.82 13.47 31.89
CA PRO D 71 23.42 14.67 31.29
C PRO D 71 23.94 15.62 32.37
N HIS D 72 23.19 15.77 33.45
CA HIS D 72 23.61 16.74 34.46
C HIS D 72 24.15 16.03 35.68
N GLY D 73 24.74 14.85 35.45
CA GLY D 73 25.42 14.11 36.49
C GLY D 73 24.64 13.00 37.17
N GLY D 74 25.37 11.98 37.59
CA GLY D 74 24.71 10.80 38.13
C GLY D 74 24.61 9.72 37.07
N THR D 75 24.06 8.58 37.45
CA THR D 75 23.86 7.50 36.53
C THR D 75 22.60 6.83 36.95
N VAL D 76 22.07 6.00 36.05
CA VAL D 76 20.94 5.18 36.35
C VAL D 76 21.22 3.83 35.72
N THR D 77 20.94 2.79 36.49
CA THR D 77 21.19 1.44 36.02
C THR D 77 19.90 0.68 36.01
N VAL D 78 19.55 0.15 34.84
CA VAL D 78 18.37 -0.68 34.72
C VAL D 78 18.81 -1.95 34.04
N PRO D 79 18.17 -3.09 34.40
CA PRO D 79 17.11 -3.21 35.42
C PRO D 79 17.70 -3.07 36.80
N ARG D 80 16.81 -2.90 37.78
CA ARG D 80 17.22 -2.90 39.16
C ARG D 80 16.02 -3.11 40.06
N ARG D 81 16.29 -3.60 41.25
CA ARG D 81 15.23 -3.93 42.19
C ARG D 81 14.63 -2.62 42.69
N ARG D 82 13.38 -2.39 42.32
CA ARG D 82 12.76 -1.08 42.50
C ARG D 82 11.38 -1.28 43.14
N PRO D 83 11.37 -1.76 44.40
CA PRO D 83 10.13 -2.11 45.09
C PRO D 83 9.35 -0.90 45.59
N GLU D 84 8.05 -1.06 45.74
CA GLU D 84 7.19 0.03 46.15
C GLU D 84 6.93 -0.11 47.64
N THR D 85 7.65 0.70 48.40
CA THR D 85 7.61 0.68 49.86
C THR D 85 6.34 1.33 50.38
N ARG D 86 5.86 2.33 49.62
CA ARG D 86 4.69 3.12 50.03
C ARG D 86 3.45 2.29 50.31
N GLU D 87 2.69 2.70 51.34
CA GLU D 87 1.48 1.98 51.72
C GLU D 87 0.33 2.34 50.79
N LEU D 88 -0.47 1.36 50.43
CA LEU D 88 -1.57 1.61 49.51
C LEU D 88 -2.90 1.40 50.19
N LYS D 89 -3.69 2.46 50.24
CA LYS D 89 -5.06 2.38 50.76
C LYS D 89 -6.03 1.64 49.83
N LEU D 90 -5.82 0.33 49.72
CA LEU D 90 -6.59 -0.56 48.86
C LEU D 90 -6.88 -1.84 49.64
N ALA D 91 -7.99 -2.48 49.35
CA ALA D 91 -8.32 -3.77 49.95
C ALA D 91 -8.82 -4.72 48.87
N GLN D 92 -8.49 -6.00 48.99
CA GLN D 92 -8.95 -6.98 48.02
C GLN D 92 -10.47 -7.10 48.14
N THR D 93 -11.14 -7.05 46.98
CA THR D 93 -12.60 -7.09 46.93
C THR D 93 -13.12 -8.51 47.14
N ASP D 94 -12.47 -9.46 46.46
CA ASP D 94 -12.67 -10.88 46.72
C ASP D 94 -11.29 -11.46 46.97
N GLY D 95 -11.21 -12.78 47.12
CA GLY D 95 -9.98 -13.37 47.61
C GLY D 95 -8.96 -13.74 46.56
N PHE D 96 -9.44 -14.13 45.38
CA PHE D 96 -8.56 -14.76 44.40
C PHE D 96 -7.53 -13.81 43.79
N GLU D 97 -6.44 -14.40 43.30
CA GLU D 97 -5.30 -13.68 42.75
C GLU D 97 -5.69 -12.58 41.75
N GLY D 98 -6.73 -12.82 40.95
CA GLY D 98 -7.12 -11.87 39.93
C GLY D 98 -8.08 -10.77 40.37
N ALA D 99 -8.49 -10.76 41.63
CA ALA D 99 -9.49 -9.80 42.09
C ALA D 99 -8.95 -8.39 42.03
N PRO D 100 -9.80 -7.44 41.63
CA PRO D 100 -9.42 -6.03 41.76
C PRO D 100 -9.38 -5.55 43.23
N LEU D 101 -8.66 -4.46 43.49
CA LEU D 101 -8.62 -3.83 44.81
C LEU D 101 -9.58 -2.65 44.86
N GLN D 102 -10.05 -2.31 46.06
CA GLN D 102 -10.94 -1.16 46.31
C GLN D 102 -10.16 -0.14 47.13
N PRO D 103 -10.32 1.16 46.85
CA PRO D 103 -9.72 2.08 47.82
C PRO D 103 -10.48 2.09 49.15
N THR D 104 -9.74 2.19 50.23
CA THR D 104 -10.34 2.22 51.55
C THR D 104 -10.44 3.65 52.10
N GLY D 105 -9.89 4.60 51.36
CA GLY D 105 -9.96 6.00 51.76
C GLY D 105 -10.41 6.92 50.63
N ASN D 106 -9.77 8.08 50.52
CA ASN D 106 -10.01 8.96 49.39
C ASN D 106 -8.94 8.66 48.36
N PRO D 107 -9.30 7.95 47.29
CA PRO D 107 -8.34 7.49 46.28
C PRO D 107 -7.58 8.65 45.66
N LEU D 108 -8.16 9.84 45.70
CA LEU D 108 -7.54 11.00 45.06
C LEU D 108 -6.31 11.41 45.83
N VAL D 109 -6.45 11.47 47.13
CA VAL D 109 -5.34 11.92 47.95
C VAL D 109 -4.48 10.73 48.38
N ASP D 110 -5.12 9.57 48.51
CA ASP D 110 -4.39 8.33 48.76
C ASP D 110 -3.48 7.95 47.59
N ALA D 111 -3.83 8.46 46.41
CA ALA D 111 -3.10 8.21 45.17
C ALA D 111 -3.09 6.74 44.80
N VAL D 112 -4.26 6.18 44.55
CA VAL D 112 -4.35 4.77 44.15
C VAL D 112 -5.19 4.68 42.88
N GLY D 113 -5.12 3.53 42.19
CA GLY D 113 -5.83 3.36 40.92
C GLY D 113 -5.37 4.39 39.91
N PRO D 114 -6.30 5.03 39.17
CA PRO D 114 -5.85 6.03 38.20
C PRO D 114 -5.18 7.27 38.79
N ALA D 115 -5.13 7.35 40.13
CA ALA D 115 -4.58 8.50 40.85
C ALA D 115 -3.14 8.30 41.31
N SER D 116 -2.55 7.15 40.95
CA SER D 116 -1.21 6.79 41.40
C SER D 116 -0.14 7.55 40.66
N TYR D 117 0.95 7.83 41.35
CA TYR D 117 2.12 8.36 40.67
C TYR D 117 3.26 7.37 40.74
N ALA D 118 4.29 7.66 39.97
CA ALA D 118 5.47 6.82 39.92
C ALA D 118 6.39 7.42 40.94
N GLU D 119 7.26 6.61 41.50
CA GLU D 119 8.21 7.12 42.47
C GLU D 119 9.35 7.74 41.68
N ARG D 120 9.02 8.75 40.87
CA ARG D 120 10.05 9.45 40.11
C ARG D 120 11.00 10.21 41.02
N ALA D 121 12.15 10.63 40.48
CA ALA D 121 13.09 11.46 41.22
C ALA D 121 12.44 12.70 41.82
N GLU D 122 12.82 13.06 43.04
CA GLU D 122 12.48 14.37 43.55
C GLU D 122 13.51 15.39 43.05
N VAL D 123 13.68 15.45 41.75
CA VAL D 123 14.55 16.46 41.17
C VAL D 123 13.83 17.29 40.13
N VAL D 124 14.27 18.53 40.00
CA VAL D 124 13.72 19.43 39.02
C VAL D 124 14.30 19.07 37.66
N ASP D 125 13.42 18.89 36.69
CA ASP D 125 13.84 18.56 35.34
C ASP D 125 14.56 19.77 34.79
N ALA D 126 15.66 19.54 34.07
CA ALA D 126 16.48 20.65 33.63
C ALA D 126 16.46 20.81 32.15
N THR D 127 16.73 22.03 31.72
CA THR D 127 17.03 22.27 30.33
C THR D 127 18.44 21.78 30.07
N VAL D 128 18.90 21.95 28.84
CA VAL D 128 20.16 21.34 28.41
C VAL D 128 21.33 22.12 29.00
N ASP D 129 21.03 23.33 29.46
CA ASP D 129 22.05 24.24 29.98
C ASP D 129 21.88 24.40 31.50
N GLY D 130 21.09 23.51 32.08
CA GLY D 130 21.17 23.32 33.50
C GLY D 130 20.08 24.03 34.26
N LYS D 131 19.28 24.82 33.58
CA LYS D 131 18.21 25.53 34.28
C LYS D 131 16.97 24.67 34.52
N ALA D 132 16.09 25.12 35.39
CA ALA D 132 14.83 24.41 35.61
C ALA D 132 14.04 24.44 34.33
N LYS D 133 13.48 23.30 33.94
CA LYS D 133 12.85 23.21 32.62
C LYS D 133 11.42 23.75 32.65
N ILE D 134 10.62 23.35 33.63
CA ILE D 134 9.22 23.74 33.66
C ILE D 134 8.95 24.80 34.74
N VAL D 135 8.72 26.03 34.30
CA VAL D 135 8.62 27.17 35.19
C VAL D 135 7.48 28.09 34.79
N PRO D 136 6.88 28.78 35.76
CA PRO D 136 5.78 29.70 35.48
C PRO D 136 6.29 30.88 34.65
N LEU D 137 5.39 31.53 33.90
CA LEU D 137 5.79 32.65 33.04
C LEU D 137 6.22 33.87 33.86
N ARG D 138 5.75 33.94 35.10
CA ARG D 138 6.30 34.90 36.07
C ARG D 138 7.83 34.79 36.14
N VAL D 139 8.36 33.60 35.93
CA VAL D 139 9.79 33.38 35.92
C VAL D 139 10.30 33.38 34.48
N ALA D 140 9.65 32.60 33.62
CA ALA D 140 10.01 32.52 32.20
C ALA D 140 9.59 33.79 31.48
N THR D 141 10.45 34.79 31.57
CA THR D 141 10.16 36.14 31.14
C THR D 141 10.29 36.34 29.63
N ASP D 142 11.29 35.72 29.04
CA ASP D 142 11.48 35.77 27.60
C ASP D 142 10.47 34.94 26.80
N PHE D 143 9.51 34.32 27.49
CA PHE D 143 8.45 33.54 26.85
C PHE D 143 7.12 34.28 26.85
N SER D 144 6.23 33.91 25.94
CA SER D 144 4.99 34.66 25.72
C SER D 144 3.90 33.74 25.20
N ILE D 145 2.67 34.22 25.22
CA ILE D 145 1.61 33.52 24.50
C ILE D 145 1.61 34.03 23.08
N ALA D 146 1.63 33.11 22.12
CA ALA D 146 1.60 33.49 20.71
C ALA D 146 0.35 34.31 20.39
N GLU D 147 0.52 35.30 19.53
CA GLU D 147 -0.57 36.19 19.19
C GLU D 147 -1.60 35.38 18.42
N GLY D 148 -2.80 35.32 18.98
CA GLY D 148 -3.88 34.63 18.33
C GLY D 148 -4.57 33.74 19.35
N ASP D 149 -3.84 33.37 20.39
CA ASP D 149 -4.35 32.42 21.35
C ASP D 149 -4.86 33.09 22.60
N VAL D 150 -5.84 32.46 23.22
CA VAL D 150 -6.31 32.87 24.53
C VAL D 150 -5.14 32.91 25.50
N ASP D 151 -4.98 34.06 26.16
CA ASP D 151 -4.20 34.18 27.41
C ASP D 151 -5.16 33.83 28.57
N PRO D 152 -4.83 32.80 29.36
CA PRO D 152 -5.88 32.38 30.31
C PRO D 152 -5.78 33.13 31.63
N ARG D 153 -4.70 33.87 31.84
CA ARG D 153 -4.47 34.63 33.08
C ARG D 153 -5.58 35.65 33.35
N GLY D 154 -6.35 35.41 34.40
CA GLY D 154 -7.58 36.16 34.62
C GLY D 154 -8.86 35.34 34.52
N LEU D 155 -8.87 34.33 33.64
CA LEU D 155 -10.07 33.54 33.37
C LEU D 155 -10.46 32.69 34.57
N PRO D 156 -11.77 32.47 34.75
CA PRO D 156 -12.27 31.51 35.74
C PRO D 156 -12.07 30.04 35.33
N VAL D 157 -11.72 29.21 36.31
CA VAL D 157 -11.66 27.78 36.11
C VAL D 157 -12.95 27.19 36.62
N VAL D 158 -13.59 26.37 35.79
CA VAL D 158 -14.90 25.82 36.11
C VAL D 158 -14.88 24.30 36.17
N ALA D 159 -15.17 23.76 37.35
CA ALA D 159 -15.00 22.35 37.64
C ALA D 159 -16.15 21.54 37.04
N ALA D 160 -16.13 20.23 37.25
CA ALA D 160 -17.12 19.34 36.65
C ALA D 160 -18.54 19.65 37.12
N ASP D 161 -18.64 20.11 38.36
CA ASP D 161 -19.94 20.39 38.95
C ASP D 161 -20.50 21.73 38.47
N GLY D 162 -19.89 22.30 37.45
CA GLY D 162 -20.39 23.55 36.90
C GLY D 162 -20.00 24.79 37.71
N VAL D 163 -19.29 24.57 38.80
CA VAL D 163 -18.98 25.63 39.75
C VAL D 163 -17.59 26.19 39.49
N GLU D 164 -17.47 27.52 39.53
CA GLU D 164 -16.16 28.16 39.42
C GLU D 164 -15.31 27.73 40.61
N ALA D 165 -14.08 27.33 40.34
CA ALA D 165 -13.23 26.73 41.36
C ALA D 165 -11.97 27.55 41.62
N GLY D 166 -11.67 28.51 40.74
CA GLY D 166 -10.52 29.37 40.95
C GLY D 166 -10.30 30.31 39.79
N THR D 167 -9.09 30.86 39.69
CA THR D 167 -8.79 31.94 38.76
C THR D 167 -7.36 31.75 38.27
N VAL D 168 -7.19 31.61 36.96
CA VAL D 168 -5.89 31.33 36.40
C VAL D 168 -4.97 32.50 36.67
N THR D 169 -3.84 32.23 37.31
CA THR D 169 -2.87 33.28 37.58
C THR D 169 -1.60 33.20 36.73
N ASP D 170 -1.28 32.02 36.21
CA ASP D 170 -0.07 31.86 35.39
C ASP D 170 -0.08 30.58 34.52
N LEU D 171 0.79 30.57 33.52
CA LEU D 171 1.05 29.42 32.67
C LEU D 171 2.49 28.96 32.98
N TRP D 172 2.71 27.66 33.10
CA TRP D 172 4.08 27.15 33.18
C TRP D 172 4.54 26.62 31.83
N VAL D 173 5.70 27.07 31.38
CA VAL D 173 6.22 26.73 30.07
C VAL D 173 7.37 25.75 30.20
N ASP D 174 7.50 24.90 29.18
CA ASP D 174 8.61 23.98 29.01
C ASP D 174 9.59 24.76 28.13
N ARG D 175 10.73 25.14 28.70
CA ARG D 175 11.71 25.94 28.00
C ARG D 175 12.67 25.15 27.14
N SER D 176 12.55 23.82 27.20
CA SER D 176 13.34 22.95 26.34
C SER D 176 12.58 22.73 25.01
N GLU D 177 11.26 22.73 25.11
CA GLU D 177 10.41 22.38 23.98
C GLU D 177 9.46 23.49 23.56
N HIS D 178 9.45 24.57 24.34
CA HIS D 178 8.66 25.77 24.04
C HIS D 178 7.18 25.41 23.96
N TYR D 179 6.62 25.04 25.09
CA TYR D 179 5.35 24.35 25.10
C TYR D 179 4.75 24.45 26.50
N PHE D 180 3.55 25.00 26.59
CA PHE D 180 2.89 25.15 27.87
C PHE D 180 2.45 23.79 28.35
N ARG D 181 2.62 23.50 29.63
CA ARG D 181 2.22 22.21 30.17
C ARG D 181 1.24 22.26 31.36
N TYR D 182 1.29 23.34 32.14
CA TYR D 182 0.32 23.54 33.24
C TYR D 182 -0.24 24.95 33.30
N LEU D 183 -1.47 25.04 33.77
CA LEU D 183 -2.02 26.31 34.19
C LEU D 183 -1.94 26.32 35.70
N GLU D 184 -1.69 27.50 36.24
CA GLU D 184 -1.72 27.71 37.68
C GLU D 184 -2.92 28.57 38.03
N LEU D 185 -3.64 28.16 39.06
CA LEU D 185 -4.81 28.91 39.51
C LEU D 185 -4.80 29.22 41.01
N SER D 186 -5.31 30.39 41.35
CA SER D 186 -5.66 30.67 42.73
C SER D 186 -6.92 29.92 43.06
N VAL D 187 -6.87 29.05 44.05
CA VAL D 187 -8.03 28.27 44.41
C VAL D 187 -9.00 29.11 45.24
N ALA D 188 -10.28 29.00 44.89
CA ALA D 188 -11.30 29.83 45.50
C ALA D 188 -11.46 29.50 46.98
N GLY D 189 -11.31 30.52 47.81
CA GLY D 189 -11.59 30.36 49.22
C GLY D 189 -10.48 29.63 49.95
N SER D 190 -9.35 29.46 49.27
CA SER D 190 -8.19 28.83 49.87
C SER D 190 -6.99 29.73 49.63
N ALA D 191 -5.97 29.54 50.44
CA ALA D 191 -4.74 30.29 50.31
C ALA D 191 -3.72 29.40 49.65
N ARG D 192 -4.08 28.89 48.48
CA ARG D 192 -3.20 27.98 47.76
C ARG D 192 -3.37 28.14 46.28
N THR D 193 -2.32 27.80 45.54
CA THR D 193 -2.42 27.57 44.11
C THR D 193 -2.61 26.09 43.82
N ALA D 194 -2.97 25.84 42.57
CA ALA D 194 -2.99 24.50 42.05
C ALA D 194 -2.44 24.64 40.63
N LEU D 195 -1.59 23.70 40.25
CA LEU D 195 -1.25 23.50 38.87
C LEU D 195 -2.27 22.53 38.31
N ILE D 196 -2.59 22.67 37.03
CA ILE D 196 -3.42 21.69 36.37
C ILE D 196 -2.85 21.51 34.99
N PRO D 197 -2.50 20.27 34.64
CA PRO D 197 -1.80 20.01 33.38
C PRO D 197 -2.71 20.44 32.23
N LEU D 198 -2.12 20.98 31.17
CA LEU D 198 -2.95 21.59 30.14
C LEU D 198 -3.89 20.60 29.44
N GLY D 199 -3.54 19.33 29.45
CA GLY D 199 -4.42 18.32 28.91
C GLY D 199 -5.76 18.12 29.63
N PHE D 200 -5.87 18.65 30.85
CA PHE D 200 -7.11 18.50 31.59
C PHE D 200 -8.00 19.73 31.49
N CYS D 201 -7.60 20.62 30.59
CA CYS D 201 -8.21 21.94 30.48
C CYS D 201 -8.83 22.08 29.11
N ASP D 202 -10.14 22.34 29.10
CA ASP D 202 -10.78 22.88 27.91
C ASP D 202 -10.70 24.42 27.93
N VAL D 203 -9.79 24.96 27.14
CA VAL D 203 -9.54 26.40 27.08
C VAL D 203 -10.59 27.11 26.25
N LYS D 204 -11.47 27.86 26.90
CA LYS D 204 -12.45 28.72 26.24
C LYS D 204 -11.95 30.15 26.24
N LYS D 205 -12.68 31.01 25.54
CA LYS D 205 -12.32 32.42 25.46
C LYS D 205 -12.62 33.12 26.77
N ASP D 206 -13.60 32.56 27.47
CA ASP D 206 -14.23 33.21 28.60
C ASP D 206 -13.99 32.46 29.90
N LYS D 207 -13.40 31.27 29.80
CA LYS D 207 -13.23 30.39 30.94
C LYS D 207 -12.37 29.22 30.56
N ILE D 208 -11.99 28.46 31.57
CA ILE D 208 -11.20 27.25 31.43
C ILE D 208 -12.04 26.14 32.09
N VAL D 209 -12.40 25.13 31.33
CA VAL D 209 -13.27 24.10 31.86
C VAL D 209 -12.47 22.85 32.20
N VAL D 210 -12.68 22.33 33.40
CA VAL D 210 -11.95 21.17 33.87
C VAL D 210 -13.01 20.18 34.32
N THR D 211 -13.20 19.11 33.52
CA THR D 211 -14.20 18.09 33.86
C THR D 211 -13.73 16.91 34.73
N SER D 212 -12.42 16.76 34.91
CA SER D 212 -11.92 15.65 35.72
C SER D 212 -12.39 15.69 37.17
N ILE D 213 -12.40 16.87 37.78
CA ILE D 213 -12.78 16.97 39.20
C ILE D 213 -13.80 18.08 39.47
N LEU D 214 -14.65 17.82 40.46
CA LEU D 214 -15.57 18.82 40.98
C LEU D 214 -14.77 19.91 41.65
N SER D 215 -15.38 21.09 41.79
CA SER D 215 -14.73 22.24 42.40
C SER D 215 -14.22 21.93 43.82
N GLU D 216 -15.00 21.14 44.57
CA GLU D 216 -14.60 20.70 45.91
C GLU D 216 -13.17 20.16 45.93
N GLN D 217 -12.84 19.39 44.89
CA GLN D 217 -11.64 18.57 44.92
C GLN D 217 -10.36 19.31 44.57
N PHE D 218 -10.46 20.55 44.10
CA PHE D 218 -9.27 21.33 43.76
C PHE D 218 -8.44 21.66 44.99
N ALA D 219 -9.09 21.63 46.14
CA ALA D 219 -8.46 22.01 47.38
C ALA D 219 -7.31 21.08 47.73
N ASN D 220 -7.41 19.83 47.27
CA ASN D 220 -6.49 18.79 47.70
C ASN D 220 -5.52 18.38 46.63
N VAL D 221 -5.61 19.02 45.47
CA VAL D 221 -4.57 18.92 44.47
C VAL D 221 -3.24 19.03 45.19
N PRO D 222 -2.31 18.12 44.90
CA PRO D 222 -0.92 18.19 45.35
C PRO D 222 -0.34 19.59 45.36
N ARG D 223 0.42 19.88 46.42
CA ARG D 223 1.11 21.15 46.56
C ARG D 223 2.60 20.98 46.22
N LEU D 224 3.16 21.94 45.49
CA LEU D 224 4.59 21.93 45.22
C LEU D 224 5.35 22.35 46.47
N GLN D 225 6.63 22.03 46.52
CA GLN D 225 7.43 22.30 47.69
C GLN D 225 7.99 23.71 47.57
N SER D 226 8.43 24.07 46.36
CA SER D 226 8.68 25.47 46.04
C SER D 226 7.52 25.99 45.18
N ARG D 227 7.68 27.15 44.57
CA ARG D 227 6.57 27.84 43.92
C ARG D 227 6.86 28.13 42.46
N ASP D 228 8.14 28.19 42.11
CA ASP D 228 8.52 28.49 40.74
C ASP D 228 9.24 27.32 40.14
N GLN D 229 9.22 26.23 40.89
CA GLN D 229 9.82 24.98 40.46
C GLN D 229 8.88 23.85 40.75
N ILE D 230 9.03 22.79 39.97
CA ILE D 230 8.30 21.55 40.17
C ILE D 230 9.27 20.37 39.90
N THR D 231 9.21 19.33 40.73
CA THR D 231 10.06 18.15 40.53
C THR D 231 9.37 17.09 39.67
N LEU D 232 10.18 16.22 39.07
CA LEU D 232 9.64 15.12 38.33
C LEU D 232 8.58 14.38 39.11
N ARG D 233 8.80 14.16 40.40
CA ARG D 233 7.78 13.41 41.10
C ARG D 233 6.53 14.25 41.37
N GLU D 234 6.71 15.55 41.49
CA GLU D 234 5.57 16.41 41.74
C GLU D 234 4.67 16.47 40.50
N GLU D 235 5.30 16.66 39.34
CA GLU D 235 4.60 16.61 38.06
C GLU D 235 3.74 15.37 38.00
N ASP D 236 4.30 14.25 38.46
CA ASP D 236 3.59 12.98 38.46
C ASP D 236 2.42 13.02 39.42
N LYS D 237 2.62 13.59 40.60
CA LYS D 237 1.56 13.68 41.59
C LYS D 237 0.38 14.55 41.11
N VAL D 238 0.71 15.71 40.56
CA VAL D 238 -0.28 16.66 40.06
C VAL D 238 -1.10 16.04 38.91
N SER D 239 -0.41 15.45 37.94
CA SER D 239 -1.04 14.83 36.78
C SER D 239 -1.94 13.70 37.21
N ALA D 240 -1.41 12.81 38.04
CA ALA D 240 -2.17 11.66 38.50
C ALA D 240 -3.44 12.08 39.23
N TYR D 241 -3.38 13.19 39.97
CA TYR D 241 -4.53 13.65 40.78
C TYR D 241 -5.78 13.87 39.93
N TYR D 242 -5.63 14.59 38.83
CA TYR D 242 -6.76 14.82 37.93
C TYR D 242 -7.19 13.57 37.19
N ALA D 243 -6.22 12.73 36.79
CA ALA D 243 -6.49 11.48 36.10
C ALA D 243 -7.38 10.60 36.96
N GLY D 244 -7.09 10.59 38.25
CA GLY D 244 -7.91 9.84 39.19
C GLY D 244 -9.33 10.36 39.32
N GLY D 245 -9.54 11.63 39.01
CA GLY D 245 -10.88 12.18 39.01
C GLY D 245 -11.77 11.50 38.00
N LEU D 246 -11.18 11.08 36.88
CA LEU D 246 -11.92 10.48 35.76
C LEU D 246 -12.65 9.19 36.18
N LEU D 247 -12.14 8.52 37.21
CA LEU D 247 -12.78 7.31 37.71
C LEU D 247 -13.49 7.56 39.04
N TYR D 248 -13.13 8.65 39.72
CA TYR D 248 -13.38 8.78 41.16
C TYR D 248 -14.08 10.05 41.65
N ALA D 249 -14.14 11.08 40.80
CA ALA D 249 -14.73 12.35 41.20
C ALA D 249 -16.13 12.17 41.77
N THR D 250 -16.93 11.29 41.18
CA THR D 250 -18.24 10.95 41.73
C THR D 250 -18.45 9.44 41.76
N PRO D 251 -19.40 8.94 42.56
CA PRO D 251 -19.52 7.51 42.85
C PRO D 251 -19.83 6.66 41.63
N GLU D 252 -20.57 7.24 40.70
CA GLU D 252 -21.00 6.47 39.56
C GLU D 252 -19.94 6.35 38.46
N ARG D 253 -18.86 7.10 38.62
CA ARG D 253 -17.81 7.11 37.62
C ARG D 253 -17.01 5.80 37.53
N ALA D 254 -16.87 5.09 38.65
CA ALA D 254 -16.20 3.81 38.59
C ALA D 254 -17.10 2.74 37.98
N GLU D 255 -18.41 2.95 38.05
CA GLU D 255 -19.39 1.92 37.68
C GLU D 255 -19.54 1.81 36.16
N SER D 256 -20.26 0.78 35.74
CA SER D 256 -20.54 0.54 34.32
C SER D 256 -20.94 1.82 33.61
N LEU D 257 -20.29 2.10 32.49
CA LEU D 257 -20.65 3.23 31.66
C LEU D 257 -22.09 3.18 31.21
N LEU D 258 -22.53 1.99 30.84
CA LEU D 258 -23.88 1.79 30.33
C LEU D 258 -24.43 0.44 30.80
CHA HEM E . -17.97 -9.27 -59.92
CHB HEM E . -22.22 -6.92 -59.95
CHC HEM E . -20.84 -4.27 -56.19
CHD HEM E . -16.46 -6.36 -56.37
C1A HEM E . -19.24 -8.81 -60.29
C2A HEM E . -19.99 -9.26 -61.45
C3A HEM E . -21.23 -8.75 -61.34
C4A HEM E . -21.19 -7.78 -60.28
CMA HEM E . -22.41 -9.17 -62.21
CAA HEM E . -19.59 -10.11 -62.65
CBA HEM E . -18.92 -9.33 -63.77
CGA HEM E . -18.07 -10.21 -64.65
O1A HEM E . -16.89 -10.42 -64.30
O2A HEM E . -18.59 -10.73 -65.66
C1B HEM E . -22.21 -5.97 -58.95
C2B HEM E . -23.29 -5.07 -58.63
C3B HEM E . -22.98 -4.46 -57.49
C4B HEM E . -21.60 -4.80 -57.20
CMB HEM E . -24.58 -4.88 -59.42
CAB HEM E . -23.76 -3.60 -56.56
CBB HEM E . -25.06 -4.28 -56.18
C1C HEM E . -19.53 -4.61 -55.91
C2C HEM E . -18.71 -3.96 -54.93
C3C HEM E . -17.45 -4.44 -55.09
C4C HEM E . -17.51 -5.52 -56.05
CMC HEM E . -19.22 -2.88 -53.97
CAC HEM E . -16.13 -4.05 -54.48
CBC HEM E . -16.19 -4.16 -52.95
C1D HEM E . -16.49 -7.39 -57.31
C2D HEM E . -15.45 -8.39 -57.50
C3D HEM E . -15.89 -9.25 -58.46
C4D HEM E . -17.20 -8.77 -58.88
CMD HEM E . -14.11 -8.52 -56.76
CAD HEM E . -15.13 -10.49 -58.93
CBD HEM E . -15.67 -11.63 -58.07
CGD HEM E . -15.02 -12.96 -58.32
O1D HEM E . -15.65 -14.00 -58.03
O2D HEM E . -13.87 -13.01 -58.80
NA HEM E . -19.95 -7.82 -59.66
NB HEM E . -21.15 -5.74 -58.08
NC HEM E . -18.79 -5.55 -56.59
ND HEM E . -17.59 -7.69 -58.09
FE HEM E . -19.38 -6.67 -58.08
CHA HEM F . -9.50 -3.07 -47.48
CHB HEM F . -13.33 -5.37 -49.33
CHC HEM F . -13.40 -8.48 -45.60
CHD HEM F . -10.01 -5.74 -43.45
C1A HEM F . -10.53 -3.43 -48.33
C2A HEM F . -10.87 -2.75 -49.54
C3A HEM F . -12.02 -3.31 -50.00
C4A HEM F . -12.30 -4.45 -49.14
CMA HEM F . -12.85 -2.79 -51.17
CAA HEM F . -10.12 -1.61 -50.12
CBA HEM F . -10.75 -0.37 -49.54
CGA HEM F . -10.06 0.88 -50.01
O1A HEM F . -10.76 1.79 -50.49
O2A HEM F . -8.82 0.93 -49.96
C1B HEM F . -13.72 -6.42 -48.47
C2B HEM F . -14.69 -7.43 -48.79
C3B HEM F . -14.71 -8.31 -47.76
C4B HEM F . -13.69 -7.88 -46.82
CMB HEM F . -15.49 -7.51 -50.07
CAB HEM F . -15.61 -9.50 -47.46
CBB HEM F . -15.63 -10.54 -48.58
C1C HEM F . -12.51 -7.97 -44.66
C2C HEM F . -12.32 -8.48 -43.33
C3C HEM F . -11.44 -7.66 -42.71
C4C HEM F . -11.03 -6.67 -43.66
CMC HEM F . -12.98 -9.70 -42.76
CAC HEM F . -10.86 -7.57 -41.34
CBC HEM F . -10.19 -8.88 -41.01
C1D HEM F . -9.55 -4.78 -44.37
C2D HEM F . -8.38 -3.95 -44.19
C3D HEM F . -8.17 -3.30 -45.37
C4D HEM F . -9.27 -3.62 -46.23
CMD HEM F . -7.48 -3.96 -42.94
CAD HEM F . -6.96 -2.45 -45.76
CBD HEM F . -7.08 -0.96 -45.55
CGD HEM F . -7.80 -0.26 -46.68
O1D HEM F . -7.35 -0.38 -47.84
O2D HEM F . -8.85 0.35 -46.40
NA HEM F . -11.45 -4.41 -48.06
NB HEM F . -13.14 -6.69 -47.25
NC HEM F . -11.77 -6.81 -44.81
ND HEM F . -10.06 -4.58 -45.64
FE HEM F . -11.63 -5.59 -46.46
CHA HEM G . 0.29 -14.77 -22.23
CHB HEM G . -0.27 -11.43 -18.80
CHC HEM G . -4.72 -10.46 -20.42
CHD HEM G . -4.39 -14.31 -23.36
C1A HEM G . 0.54 -13.92 -21.17
C2A HEM G . 1.78 -13.84 -20.45
C3A HEM G . 1.61 -12.92 -19.47
C4A HEM G . 0.26 -12.43 -19.59
CMA HEM G . 2.59 -12.49 -18.43
CAA HEM G . 3.05 -14.61 -20.65
CBA HEM G . 2.84 -16.08 -20.33
CGA HEM G . 4.11 -16.88 -20.36
O1A HEM G . 5.22 -16.31 -20.25
O2A HEM G . 4.00 -18.12 -20.50
C1B HEM G . -1.52 -10.88 -18.93
C2B HEM G . -1.97 -9.70 -18.21
C3B HEM G . -3.19 -9.38 -18.70
C4B HEM G . -3.50 -10.36 -19.73
CMB HEM G . -1.05 -9.05 -17.17
CAB HEM G . -4.23 -8.28 -18.42
CBB HEM G . -3.60 -6.91 -18.68
C1C HEM G . -5.04 -11.46 -21.31
C2C HEM G . -6.36 -11.68 -21.86
C3C HEM G . -6.30 -12.83 -22.56
C4C HEM G . -4.92 -13.27 -22.56
CMC HEM G . -7.57 -10.77 -21.58
CAC HEM G . -7.33 -13.68 -23.28
CBC HEM G . -8.31 -12.89 -24.23
C1D HEM G . -3.06 -14.71 -23.36
C2D HEM G . -2.49 -15.72 -24.24
C3D HEM G . -1.16 -15.82 -23.95
C4D HEM G . -0.92 -14.90 -22.88
CMD HEM G . -3.24 -16.49 -25.33
CAD HEM G . -0.07 -16.66 -24.59
CBD HEM G . 0.59 -16.00 -25.81
CGD HEM G . 1.25 -17.00 -26.76
O1D HEM G . 1.63 -16.62 -27.88
O2D HEM G . 1.42 -18.17 -26.39
NA HEM G . -0.40 -13.06 -20.62
NB HEM G . -2.47 -11.28 -19.85
NC HEM G . -4.20 -12.49 -21.69
ND HEM G . -2.06 -14.18 -22.56
FE HEM G . -2.31 -12.75 -21.16
CHA HEM H . -13.81 -14.87 -30.54
CHB HEM H . -9.69 -13.09 -28.75
CHC HEM H . -8.58 -11.22 -33.08
CHD HEM H . -12.85 -12.69 -34.76
C1A HEM H . -12.81 -14.52 -29.65
C2A HEM H . -12.74 -14.95 -28.27
C3A HEM H . -11.61 -14.40 -27.74
C4A HEM H . -10.95 -13.69 -28.82
CMA HEM H . -11.24 -14.54 -26.27
CAA HEM H . -13.70 -15.84 -27.53
CBA HEM H . -14.59 -15.10 -26.56
CGA HEM H . -15.57 -16.02 -25.85
O1A HEM H . -15.50 -17.26 -26.03
O2A HEM H . -16.40 -15.51 -25.08
C1B HEM H . -9.01 -12.43 -29.79
C2B HEM H . -7.75 -11.74 -29.64
C3B HEM H . -7.39 -11.31 -30.87
C4B HEM H . -8.49 -11.61 -31.75
CMB HEM H . -6.95 -11.56 -28.37
CAB HEM H . -6.14 -10.64 -31.48
CBB HEM H . -4.83 -11.41 -31.29
C1C HEM H . -9.64 -11.44 -33.92
C2C HEM H . -9.78 -10.86 -35.23
C3C HEM H . -11.00 -11.21 -35.68
C4C HEM H . -11.60 -12.06 -34.67
CMC HEM H . -8.75 -9.95 -35.94
CAC HEM H . -11.83 -10.93 -36.94
CBC HEM H . -11.19 -11.30 -38.30
C1D HEM H . -13.49 -13.43 -33.77
C2D HEM H . -14.75 -14.10 -33.91
C3D HEM H . -15.03 -14.67 -32.72
C4D HEM H . -13.90 -14.45 -31.86
CMD HEM H . -15.67 -14.08 -35.09
CAD HEM H . -16.31 -15.22 -32.23
CBD HEM H . -16.45 -16.69 -31.93
CGD HEM H . -17.72 -17.00 -31.13
O1D HEM H . -17.75 -18.04 -30.43
O2D HEM H . -18.70 -16.21 -31.18
NA HEM H . -11.73 -13.72 -29.97
NB HEM H . -9.48 -12.28 -31.07
NC HEM H . -10.77 -12.12 -33.56
ND HEM H . -12.99 -13.65 -32.50
FE HEM H . -11.26 -12.94 -31.80
MG BCB I . -1.71 -2.97 -3.19
CHA BCB I . -4.43 -2.44 -1.12
CHB BCB I . 0.35 -1.57 -0.77
CHC BCB I . 1.02 -3.51 -5.21
CHD BCB I . -3.67 -4.98 -5.15
NA BCB I . -2.01 -2.16 -1.23
C1A BCB I . -3.23 -1.95 -0.60
C2A BCB I . -3.01 -1.15 0.67
C3A BCB I . -1.55 -1.27 0.92
C4A BCB I . -0.98 -1.68 -0.43
CMA BCB I . -0.97 0.02 1.38
CAA BCB I . -3.78 -1.58 1.94
CBA BCB I . -3.56 -2.99 2.36
CGA BCB I . -4.79 -3.58 3.02
O1A BCB I . -5.92 -3.39 2.57
O2A BCB I . -4.66 -4.17 4.22
NB BCB I . 0.30 -2.60 -3.03
C1B BCB I . 0.93 -1.98 -1.98
C2B BCB I . 2.32 -1.78 -2.31
C3B BCB I . 2.50 -2.26 -3.57
C4B BCB I . 1.24 -2.83 -4.00
CMB BCB I . 3.28 -1.18 -1.26
CAB BCB I . 3.65 -2.33 -4.44
OBB BCB I . 3.62 -2.70 -5.61
CBB BCB I . 4.95 -1.85 -3.85
NC BCB I . -1.39 -4.08 -4.88
C1C BCB I . -0.20 -4.08 -5.61
C2C BCB I . -0.41 -4.92 -6.83
C3C BCB I . -1.79 -5.47 -6.70
C4C BCB I . -2.33 -4.86 -5.56
CMC BCB I . -0.29 -4.02 -8.05
CAC BCB I . -2.43 -6.36 -7.50
CBC BCB I . -1.79 -7.12 -8.65
ND BCB I . -3.58 -3.57 -3.19
C1D BCB I . -4.26 -4.38 -4.05
C2D BCB I . -5.67 -4.46 -3.68
C3D BCB I . -5.80 -3.66 -2.59
C4D BCB I . -4.49 -3.19 -2.26
CMD BCB I . -6.76 -5.19 -4.46
CAD BCB I . -6.72 -3.03 -1.66
OBD BCB I . -7.95 -3.05 -1.59
CBD BCB I . -5.88 -2.23 -0.65
CGD BCB I . -6.18 -0.75 -0.93
O1D BCB I . -6.24 0.03 0.06
O2D BCB I . -6.29 -0.31 -2.21
CED BCB I . -6.31 1.04 -2.43
C1 BCB I . -5.85 -4.80 4.75
C2 BCB I . -5.53 -5.24 6.04
C3 BCB I . -6.48 -5.50 6.99
C4 BCB I . -7.97 -5.32 6.70
C5 BCB I . -6.04 -5.97 8.35
C6 BCB I . -7.15 -6.35 9.29
C7 BCB I . -6.59 -6.81 10.62
C8 BCB I . -7.68 -7.11 11.64
C9 BCB I . -8.27 -5.80 12.05
C10 BCB I . -6.98 -7.81 12.79
C11 BCB I . -6.37 -9.12 12.40
C12 BCB I . -6.34 -10.06 13.56
C13 BCB I . -5.70 -11.42 13.26
C14 BCB I . -6.75 -12.40 12.73
C15 BCB I . -5.33 -11.80 14.69
C16 BCB I . -4.32 -12.90 14.78
C17 BCB I . -3.98 -13.18 16.22
C18 BCB I . -2.51 -13.46 16.44
C19 BCB I . -2.25 -13.42 17.91
C20 BCB I . -1.71 -12.37 15.75
MG BCB J . -2.70 -10.33 4.48
CHA BCB J . 0.71 -11.00 4.30
CHB BCB J . -2.69 -11.71 7.65
CHC BCB J . -5.81 -8.99 5.05
CHD BCB J . -2.40 -8.36 1.65
NA BCB J . -1.23 -11.32 5.71
C1A BCB J . 0.13 -11.47 5.44
C2A BCB J . 0.79 -12.21 6.59
C3A BCB J . -0.36 -12.75 7.36
C4A BCB J . -1.52 -11.90 6.93
CMA BCB J . -0.64 -14.20 6.94
CAA BCB J . 1.58 -11.26 7.50
CBA BCB J . 0.78 -10.06 7.93
CGA BCB J . 1.48 -9.14 8.89
O1A BCB J . 2.56 -9.43 9.37
O2A BCB J . 0.82 -7.99 9.38
NB BCB J . -4.00 -10.37 6.04
C1B BCB J . -3.81 -10.99 7.25
C2B BCB J . -5.00 -10.85 8.06
C3B BCB J . -5.90 -10.11 7.34
C4B BCB J . -5.25 -9.78 6.06
CMB BCB J . -5.08 -11.46 9.45
CAB BCB J . -7.24 -9.64 7.61
OBB BCB J . -7.82 -8.73 7.03
CBB BCB J . -7.86 -10.20 8.87
NC BCB J . -3.93 -8.97 3.46
C1C BCB J . -5.21 -8.65 3.84
C2C BCB J . -5.86 -7.92 2.70
C3C BCB J . -4.75 -7.61 1.76
C4C BCB J . -3.64 -8.29 2.28
CMC BCB J . -6.87 -8.83 2.00
CAC BCB J . -4.77 -6.78 0.69
CBC BCB J . -6.02 -5.96 0.35
ND BCB J . -1.21 -9.72 3.31
C1D BCB J . -1.26 -9.06 2.10
C2D BCB J . -0.08 -9.35 1.32
C3D BCB J . 0.74 -10.06 2.14
C4D BCB J . 0.03 -10.27 3.36
CMD BCB J . 0.14 -8.94 -0.15
CAD BCB J . 2.01 -10.73 2.27
OBD BCB J . 2.89 -10.98 1.44
CBD BCB J . 2.11 -11.27 3.71
CGD BCB J . 2.23 -12.79 3.57
O1D BCB J . 3.37 -13.24 3.85
O2D BCB J . 1.22 -13.63 3.14
CED BCB J . 1.36 -14.97 3.40
C1 BCB J . 1.55 -7.20 10.36
C2 BCB J . 1.18 -7.65 11.65
C3 BCB J . 2.07 -8.14 12.59
C4 BCB J . 3.57 -8.24 12.37
C5 BCB J . 1.56 -8.72 13.89
C6 BCB J . 1.48 -10.23 13.78
C7 BCB J . 0.30 -10.63 12.92
C8 BCB J . 0.27 -12.13 12.63
C9 BCB J . 1.45 -12.54 11.78
C10 BCB J . -1.02 -12.51 11.93
C11 BCB J . -1.08 -13.97 11.56
C12 BCB J . -2.48 -14.32 11.21
C13 BCB J . -2.79 -15.81 11.29
C14 BCB J . -2.28 -16.53 10.06
C15 BCB J . -4.31 -15.84 11.29
C16 BCB J . -4.88 -17.09 11.86
C17 BCB J . -6.19 -16.80 12.51
C18 BCB J . -6.54 -17.81 13.60
C19 BCB J . -6.50 -19.22 13.03
C20 BCB J . -5.58 -17.66 14.78
C1 BPB K . -8.96 -10.71 18.80
C2 BPB K . -8.89 -11.82 17.93
C3 BPB K . -8.00 -12.87 17.88
C4 BPB K . -6.79 -13.08 18.79
C5 BPB K . -8.23 -13.99 16.89
C6 BPB K . -9.47 -13.87 16.01
C7 BPB K . -9.52 -15.05 15.05
C8 BPB K . -10.73 -15.03 14.13
C9 BPB K . -12.00 -15.20 14.93
NA BPB K . -3.61 -6.03 14.98
NB BPB K . -3.01 -5.80 12.21
NC BPB K . -3.20 -2.69 12.34
ND BPB K . -3.72 -2.95 15.00
C10 BPB K . -10.58 -16.20 13.16
C11 BPB K . -9.78 -15.87 11.92
C12 BPB K . -10.45 -14.80 11.11
C13 BPB K . -9.88 -14.61 9.71
C14 BPB K . -10.19 -13.22 9.21
C15 BPB K . -8.43 -14.97 9.42
C16 BPB K . -7.96 -14.58 8.02
C17 BPB K . -6.59 -15.15 7.80
C18 BPB K . -6.00 -14.96 6.41
C19 BPB K . -4.54 -15.30 6.45
C1A BPB K . -3.99 -5.86 16.31
O1A BPB K . -8.10 -8.83 17.25
C1B BPB K . -2.89 -7.16 12.28
C1C BPB K . -3.02 -2.90 10.98
C1D BPB K . -3.69 -1.58 15.03
O1D BPB K . -3.86 -5.61 20.18
C20 BPB K . -6.22 -13.58 5.84
C2A BPB K . -4.17 -7.21 16.96
O2A BPB K . -7.62 -10.18 18.93
C2B BPB K . -2.74 -7.71 10.94
C2C BPB K . -2.99 -1.58 10.31
C2D BPB K . -3.81 -1.10 16.40
O2D BPB K . -2.08 -4.72 18.93
C3A BPB K . -3.54 -8.16 16.00
C3B BPB K . -2.61 -6.65 10.07
C3C BPB K . -3.21 -0.56 11.41
C3D BPB K . -4.03 -2.23 17.17
C4A BPB K . -3.38 -7.37 14.71
C4B BPB K . -2.85 -5.43 10.85
C4C BPB K . -3.31 -1.32 12.58
C4D BPB K . -3.98 -3.35 16.30
CAA BPB K . -5.65 -7.56 17.10
CAB BPB K . -2.33 -6.56 8.63
CAC BPB K . -3.55 0.76 11.30
CAD BPB K . -4.31 -2.73 18.49
CBA BPB K . -5.84 -8.77 17.97
CBB BPB K . -1.73 -5.31 8.04
OBB BPB K . -2.49 -7.52 7.87
CBC BPB K . -3.74 1.52 9.96
CBD BPB K . -4.53 -4.25 18.39
OBD BPB K . -4.57 -2.15 19.54
CED BPB K . -1.08 -5.47 19.44
CGA BPB K . -7.26 -9.27 18.01
CGD BPB K . -3.45 -4.89 19.24
CHA BPB K . -4.15 -4.59 16.94
CHB BPB K . -3.05 -7.91 13.45
CHC BPB K . -2.86 -4.13 10.35
CHD BPB K . -3.52 -0.82 13.88
CMA BPB K . -2.19 -8.61 16.54
CMB BPB K . -2.81 -9.23 10.61
CMC BPB K . -1.62 -1.44 9.66
CMD BPB K . -3.78 0.38 16.78
N1 CEB L . 11.34 13.94 14.79
C2 CEB L . 11.14 13.48 13.58
CL2 CEB L . 11.14 11.74 13.47
N3 CEB L . 10.97 14.10 12.43
C4 CEB L . 11.01 15.46 12.59
N5 CEB L . 11.20 16.10 13.74
C6 CEB L . 11.36 15.30 14.80
N7 CEB L . 10.82 16.20 11.48
C8 CEB L . 10.57 15.71 10.14
C9 CEB L . 11.69 14.89 9.57
N9 CEB L . 12.58 14.28 9.12
C10 CEB L . 10.53 16.89 9.15
C11 CEB L . 9.33 16.92 8.22
C12 CEB L . 9.29 14.83 10.14
N13 CEB L . 11.55 15.87 16.02
C14 CEB L . 11.73 15.11 17.26
C15 CEB L . 11.38 15.96 18.44
N1 LDA M . 5.36 -26.15 3.48
O1 LDA M . 4.87 -27.24 3.19
CM1 LDA M . 4.82 -25.13 2.60
CM2 LDA M . 5.04 -25.82 4.87
C1 LDA M . 6.83 -26.18 3.32
C2 LDA M . 7.81 -25.05 3.57
C3 LDA M . 9.16 -25.27 2.85
C4 LDA M . 9.91 -23.96 2.61
C5 LDA M . 9.26 -23.11 1.53
C6 LDA M . 8.14 -22.24 2.10
C7 LDA M . 7.50 -21.35 1.04
C8 LDA M . 6.71 -20.21 1.68
C9 LDA M . 6.18 -19.24 0.61
C10 LDA M . 5.57 -18.01 1.24
C11 LDA M . 5.19 -16.99 0.18
C12 LDA M . 4.83 -15.65 0.78
FE FE2 N . 8.13 7.53 20.81
S SO4 O . 22.38 0.36 21.46
O1 SO4 O . 21.19 1.12 21.44
O2 SO4 O . 22.30 -0.56 20.42
O3 SO4 O . 23.41 1.26 21.24
O4 SO4 O . 22.57 -0.29 22.73
S SO4 P . -11.51 12.75 29.32
O1 SO4 P . -11.42 11.65 30.22
O2 SO4 P . -10.77 12.37 28.13
O3 SO4 P . -12.84 12.91 28.93
O4 SO4 P . -11.09 14.00 29.91
S SO4 Q . 29.35 17.58 7.02
O1 SO4 Q . 30.00 18.83 6.88
O2 SO4 Q . 29.55 17.09 8.31
O3 SO4 Q . 27.96 17.80 6.98
O4 SO4 Q . 29.87 16.78 5.94
MG BCB R . 8.28 4.72 -5.87
CHA BCB R . 4.98 5.88 -5.44
CHB BCB R . 9.38 8.00 -5.64
CHC BCB R . 11.47 3.58 -5.70
CHD BCB R . 7.06 1.50 -5.50
NA BCB R . 7.30 6.67 -5.63
C1A BCB R . 5.94 6.89 -5.43
C2A BCB R . 5.71 8.37 -5.21
C3A BCB R . 6.99 9.01 -5.65
C4A BCB R . 7.99 7.88 -5.67
CMA BCB R . 6.83 9.56 -7.07
CAA BCB R . 5.49 8.62 -3.71
CBA BCB R . 6.65 8.12 -2.86
CGA BCB R . 6.53 8.49 -1.41
O1A BCB R . 5.63 9.23 -1.03
O2A BCB R . 7.47 7.95 -0.48
NB BCB R . 10.06 5.61 -5.58
C1B BCB R . 10.31 6.97 -5.57
C2B BCB R . 11.73 7.18 -5.49
C3B BCB R . 12.34 5.96 -5.47
C4B BCB R . 11.28 4.96 -5.58
CMB BCB R . 12.41 8.54 -5.51
CAB BCB R . 13.74 5.57 -5.49
OBB BCB R . 14.54 6.44 -5.85
CBB BCB R . 14.31 4.26 -4.98
NC BCB R . 9.12 2.86 -5.69
C1C BCB R . 10.47 2.62 -5.77
C2C BCB R . 10.68 1.15 -5.89
C3C BCB R . 9.36 0.54 -5.53
C4C BCB R . 8.46 1.63 -5.54
CMC BCB R . 11.08 0.78 -7.33
CAC BCB R . 9.10 -0.70 -4.94
CBC BCB R . 10.10 -1.85 -4.89
ND BCB R . 6.46 3.84 -5.72
C1D BCB R . 6.10 2.52 -5.58
C2D BCB R . 4.65 2.36 -5.60
C3D BCB R . 4.17 3.66 -5.59
C4D BCB R . 5.29 4.54 -5.59
CMD BCB R . 3.89 1.06 -5.67
CAD BCB R . 2.97 4.52 -5.59
OBD BCB R . 1.78 4.24 -5.63
CBD BCB R . 3.45 5.98 -5.45
CGD BCB R . 3.09 6.65 -6.76
O1D BCB R . 2.33 7.62 -6.65
O2D BCB R . 3.60 6.29 -8.03
CED BCB R . 3.04 6.93 -9.10
C1 BCB R . 7.23 8.25 0.92
C2 BCB R . 7.61 9.58 1.14
C3 BCB R . 8.66 10.08 1.88
C4 BCB R . 9.61 9.16 2.67
C5 BCB R . 8.90 11.57 1.73
C6 BCB R . 9.82 12.19 2.76
C7 BCB R . 9.08 13.25 3.57
C8 BCB R . 9.46 13.30 5.05
C9 BCB R . 8.23 13.13 5.98
C10 BCB R . 10.21 14.61 5.33
C11 BCB R . 11.19 15.03 4.22
C12 BCB R . 11.93 16.31 4.61
C13 BCB R . 11.41 17.60 3.95
C14 BCB R . 12.32 17.93 2.77
C15 BCB R . 11.24 18.80 4.90
C16 BCB R . 10.60 20.07 4.27
C17 BCB R . 10.65 21.32 5.20
C18 BCB R . 11.94 22.18 5.11
C19 BCB R . 11.85 23.49 5.89
C20 BCB R . 12.46 22.42 3.68
MG BCB S . 5.43 -5.75 -3.67
CHA BCB S . 8.77 -5.00 -3.11
CHB BCB S . 4.64 -4.23 -0.64
CHC BCB S . 2.16 -6.50 -4.20
CHD BCB S . 6.12 -6.05 -7.03
NA BCB S . 6.55 -4.75 -2.08
C1A BCB S . 7.94 -4.71 -2.00
C2A BCB S . 8.36 -4.08 -0.69
C3A BCB S . 7.07 -3.60 -0.08
C4A BCB S . 5.99 -4.20 -0.95
CMA BCB S . 6.91 -4.08 1.34
CAA BCB S . 9.21 -2.95 -1.19
CBA BCB S . 9.92 -2.23 -0.17
CGA BCB S . 9.67 -0.77 -0.30
O1A BCB S . 9.15 -0.17 0.63
O2A BCB S . 9.98 -0.01 -1.39
NB BCB S . 3.72 -5.47 -2.59
C1B BCB S . 3.61 -4.82 -1.39
C2B BCB S . 2.26 -4.96 -0.92
C3B BCB S . 1.55 -5.61 -1.89
C4B BCB S . 2.48 -5.93 -2.95
CMB BCB S . 1.99 -4.40 0.48
CAB BCB S . 0.15 -5.97 -2.03
OBB BCB S . -0.41 -6.50 -2.97
CBB BCB S . -0.71 -5.47 -0.88
NC BCB S . 4.34 -6.19 -5.34
C1C BCB S . 3.03 -6.63 -5.28
C2C BCB S . 2.71 -7.19 -6.63
C3C BCB S . 3.77 -6.63 -7.53
C4C BCB S . 4.79 -6.24 -6.67
CMC BCB S . 2.88 -8.70 -6.53
CAC BCB S . 3.72 -6.40 -8.87
CBC BCB S . 2.57 -6.97 -9.68
ND BCB S . 7.04 -5.57 -4.84
C1D BCB S . 7.21 -5.75 -6.19
C2D BCB S . 8.62 -5.73 -6.55
C3D BCB S . 9.28 -5.46 -5.38
C4D BCB S . 8.29 -5.30 -4.36
CMD BCB S . 9.18 -6.05 -7.96
CAD BCB S . 10.56 -5.31 -4.72
OBD BCB S . 11.67 -5.09 -5.18
CBD BCB S . 10.30 -5.10 -3.20
CGD BCB S . 10.64 -6.43 -2.51
O1D BCB S . 10.52 -6.46 -1.27
O2D BCB S . 10.96 -7.55 -3.22
CED BCB S . 11.46 -8.59 -2.48
C1 BCB S . 9.81 1.43 -1.24
C2 BCB S . 10.95 1.94 -0.49
C3 BCB S . 12.10 2.42 -1.10
C4 BCB S . 12.17 2.45 -2.66
C5 BCB S . 13.34 2.88 -0.32
C6 BCB S . 14.09 4.01 -0.98
C7 BCB S . 15.21 4.51 -0.11
C8 BCB S . 16.01 5.66 -0.73
C9 BCB S . 17.29 5.97 0.05
C10 BCB S . 15.20 6.94 -0.92
C11 BCB S . 15.86 7.91 -1.86
C12 BCB S . 14.95 9.06 -2.15
C13 BCB S . 15.69 10.29 -2.70
C14 BCB S . 14.74 11.47 -2.72
C15 BCB S . 16.18 10.02 -4.12
C16 BCB S . 16.13 11.23 -5.06
C17 BCB S . 17.12 11.03 -6.20
C18 BCB S . 16.96 11.99 -7.37
C19 BCB S . 16.44 11.22 -8.58
C20 BCB S . 18.30 12.64 -7.66
C1 BPB T . 19.71 13.23 -1.89
C2 BPB T . 19.75 14.59 -2.57
C3 BPB T . 19.01 15.19 -3.58
C4 BPB T . 17.84 14.47 -4.28
C5 BPB T . 19.28 16.60 -4.12
C6 BPB T . 18.38 17.24 -5.18
C7 BPB T . 17.21 18.00 -4.54
C8 BPB T . 16.88 19.35 -5.23
C9 BPB T . 15.79 20.12 -4.44
NA BPB T . 14.41 9.31 2.64
NB BPB T . 12.36 7.43 1.62
NC BPB T . 12.97 5.38 3.71
ND BPB T . 14.76 7.24 4.77
C10 BPB T . 16.62 19.42 -6.74
C11 BPB T . 16.78 20.81 -7.38
C12 BPB T . 16.84 20.75 -8.91
C13 BPB T . 17.41 22.00 -9.59
C14 BPB T . 17.57 21.81 -11.09
C15 BPB T . 18.66 22.64 -8.96
C16 BPB T . 18.75 24.14 -9.17
C17 BPB T . 19.75 24.77 -8.20
C18 BPB T . 19.65 26.28 -8.08
C19 BPB T . 20.14 26.96 -9.36
C1A BPB T . 15.46 9.94 3.27
O1A BPB T . 19.14 11.09 -0.07
C1B BPB T . 12.20 8.47 0.70
C1C BPB T . 12.13 4.65 2.91
C1D BPB T . 14.84 6.35 5.80
O1D BPB T . 17.30 12.36 5.58
C20 BPB T . 20.41 26.80 -6.88
C2A BPB T . 15.75 11.25 2.55
O2A BPB T . 19.05 13.38 -0.60
C2B BPB T . 11.30 8.04 -0.34
C2C BPB T . 11.96 3.29 3.52
C2D BPB T . 15.73 6.87 6.83
O2D BPB T . 15.30 11.56 6.50
C3A BPB T . 14.54 11.46 1.69
C3B BPB T . 10.96 6.76 -0.09
C3C BPB T . 12.59 3.39 4.89
C3D BPB T . 16.26 8.02 6.33
C4A BPB T . 13.91 10.08 1.59
C4B BPB T . 11.61 6.37 1.14
C4C BPB T . 13.25 4.64 4.87
C4D BPB T . 15.66 8.25 5.07
CAA BPB T . 17.01 11.08 1.71
CAB BPB T . 10.14 5.82 -0.80
CAC BPB T . 12.50 2.53 5.98
CAD BPB T . 17.17 9.12 6.58
CBA BPB T . 17.45 12.37 1.05
CBB BPB T . 9.04 5.35 0.11
OBB BPB T . 10.01 5.63 -2.01
CBC BPB T . 11.93 1.11 5.96
CBD BPB T . 17.14 10.05 5.35
OBD BPB T . 17.81 9.42 7.57
CED BPB T . 14.84 12.71 7.11
CGA BPB T . 18.59 12.18 0.07
CGD BPB T . 16.57 11.39 5.84
CHA BPB T . 16.06 9.45 4.45
CHB BPB T . 12.91 9.70 0.71
CHC BPB T . 11.53 5.11 1.75
CHD BPB T . 14.13 5.14 5.85
CMA BPB T . 13.52 12.37 2.38
CMB BPB T . 10.78 8.77 -1.56
CMC BPB T . 10.48 2.87 3.61
CMD BPB T . 15.94 6.27 8.18
C1 MQ7 U . 3.96 1.34 23.39
O1 MQ7 U . 3.99 2.42 22.75
C2 MQ7 U . 3.46 0.12 22.77
C2M MQ7 U . 2.87 0.23 21.39
C3 MQ7 U . 3.52 -1.07 23.43
C4 MQ7 U . 4.02 -1.10 24.78
O4 MQ7 U . 4.00 -2.16 25.38
C5 MQ7 U . 4.52 0.11 25.40
C6 MQ7 U . 5.05 0.08 26.69
C7 MQ7 U . 5.56 1.23 27.25
C8 MQ7 U . 5.55 2.43 26.54
C9 MQ7 U . 5.03 2.45 25.28
C10 MQ7 U . 4.51 1.29 24.72
C11 MQ7 U . 3.14 -2.34 22.77
C12 MQ7 U . 4.24 -2.91 22.07
C13 MQ7 U . 4.85 -4.14 22.21
C14 MQ7 U . 4.42 -5.15 23.25
C15 MQ7 U . 5.99 -4.58 21.34
C16 MQ7 U . 5.63 -5.86 20.58
C17 MQ7 U . 4.42 -5.76 19.78
C18 MQ7 U . 4.18 -6.06 18.45
C19 MQ7 U . 5.20 -6.61 17.43
C20 MQ7 U . 2.84 -5.86 17.79
C21 MQ7 U . 2.15 -7.18 17.51
C22 MQ7 U . 1.65 -7.74 18.70
C23 MQ7 U . 1.30 -9.05 18.81
C24 MQ7 U . 1.41 -9.97 17.63
C25 MQ7 U . 0.74 -9.72 20.05
C26 MQ7 U . -0.67 -10.04 19.62
C27 MQ7 U . -1.21 -10.65 20.71
C28 MQ7 U . -2.53 -10.84 21.03
C29 MQ7 U . -3.71 -10.39 20.17
C30 MQ7 U . -2.88 -11.53 22.32
C31 MQ7 U . -3.73 -12.78 22.14
C32 MQ7 U . -4.25 -13.21 23.47
C33 MQ7 U . -5.52 -13.63 23.85
C34 MQ7 U . -6.73 -13.80 22.91
C35 MQ7 U . -5.91 -14.00 25.26
C36 MQ7 U . -6.87 -12.94 25.78
C37 MQ7 U . -7.20 -13.24 27.14
C38 MQ7 U . -8.37 -12.88 27.79
C39 MQ7 U . -9.50 -12.07 27.13
C40 MQ7 U . -8.67 -13.23 29.25
C41 MQ7 U . -9.22 -14.65 29.39
C42 MQ7 U . -8.07 -15.52 29.30
C43 MQ7 U . -7.70 -16.73 28.69
C44 MQ7 U . -8.52 -17.64 27.76
C45 MQ7 U . -6.27 -17.32 28.88
C1 NS5 V . 11.51 20.72 -7.58
CM1 NS5 V . 12.67 20.67 -6.61
CM2 NS5 V . 10.67 21.97 -7.37
C2 NS5 V . 11.99 20.64 -9.03
C3 NS5 V . 12.62 19.30 -9.41
C4 NS5 V . 11.56 18.22 -9.65
C5 NS5 V . 12.15 16.88 -9.81
C6 NS5 V . 12.92 16.39 -8.63
C7 NS5 V . 11.73 16.04 -10.78
C8 NS5 V . 12.44 14.79 -11.13
C9 NS5 V . 11.52 13.77 -11.82
C10 NS5 V . 11.54 12.41 -11.12
C11 NS5 V . 11.56 12.45 -9.62
C12 NS5 V . 11.29 11.29 -11.82
C13 NS5 V . 11.11 9.94 -11.30
C14 NS5 V . 12.04 9.16 -10.72
C15 NS5 V . 11.77 7.91 -10.00
C16 NS5 V . 10.48 7.88 -9.29
C17 NS5 V . 12.66 6.91 -9.96
C18 NS5 V . 12.58 5.73 -9.14
C19 NS5 V . 13.48 4.74 -8.96
C20 NS5 V . 14.71 4.60 -9.68
C21 NS5 V . 15.64 3.67 -9.37
C22 NS5 V . 15.56 2.88 -8.15
C23 NS5 V . 16.84 3.45 -10.21
C24 NS5 V . 18.07 3.19 -9.71
C25 NS5 V . 19.31 3.06 -10.46
C26 NS5 V . 20.55 2.99 -9.94
C27 NS5 V . 20.87 3.25 -8.51
C28 NS5 V . 21.70 2.63 -10.81
C29 NS5 V . 22.99 2.76 -10.41
C30 NS5 V . 24.18 2.47 -11.21
C31 NS5 V . 25.48 2.35 -10.81
C32 NS5 V . 25.99 2.78 -9.47
C33 NS5 V . 26.51 1.65 -11.69
C34 NS5 V . 27.15 2.63 -12.66
C35 NS5 V . 27.98 1.93 -13.69
C36 NS5 V . 28.59 2.55 -14.70
CM3 NS5 V . 28.66 4.02 -14.83
CM4 NS5 V . 29.36 1.80 -15.73
N1 LDA W . 32.62 15.21 8.07
O1 LDA W . 33.27 14.50 8.91
CM1 LDA W . 31.27 14.76 8.00
CM2 LDA W . 32.63 16.62 8.48
C1 LDA W . 33.21 15.08 6.73
C2 LDA W . 32.60 15.68 5.48
C3 LDA W . 32.70 14.73 4.33
C4 LDA W . 32.13 15.33 3.06
C5 LDA W . 32.35 14.43 1.86
C6 LDA W . 31.65 14.96 0.64
C7 LDA W . 31.02 13.83 -0.17
C8 LDA W . 32.05 12.90 -0.83
C9 LDA W . 31.50 11.47 -0.99
C10 LDA W . 30.37 11.38 -2.02
C11 LDA W . 29.48 10.14 -1.81
C12 LDA W . 30.10 8.76 -1.99
N1 LDA X . 3.16 -14.00 27.65
O1 LDA X . 4.00 -13.99 26.74
CM1 LDA X . 3.06 -15.34 28.21
CM2 LDA X . 3.54 -13.10 28.72
C1 LDA X . 1.87 -13.61 27.12
C2 LDA X . 1.31 -14.36 25.92
C3 LDA X . 1.77 -13.74 24.60
C4 LDA X . 1.30 -14.55 23.38
C5 LDA X . 1.81 -13.93 22.09
C6 LDA X . 1.58 -14.81 20.89
C7 LDA X . 1.81 -14.02 19.62
C8 LDA X . 2.16 -14.91 18.45
C9 LDA X . 2.50 -14.07 17.22
C10 LDA X . 3.05 -14.90 16.08
C11 LDA X . 3.76 -14.04 15.03
C12 LDA X . 4.25 -14.85 13.82
N1 LDA Y . 17.38 11.25 -26.37
O1 LDA Y . 16.28 10.85 -25.98
CM1 LDA Y . 18.28 10.13 -26.54
CM2 LDA Y . 17.24 11.90 -27.66
C1 LDA Y . 17.95 12.17 -25.41
C2 LDA Y . 19.13 13.09 -25.71
C3 LDA Y . 20.06 13.22 -24.53
C4 LDA Y . 19.80 14.48 -23.73
C5 LDA Y . 20.63 14.45 -22.45
C6 LDA Y . 20.86 15.81 -21.85
C7 LDA Y . 22.02 15.78 -20.88
C8 LDA Y . 22.22 17.10 -20.17
C9 LDA Y . 21.62 17.07 -18.78
C10 LDA Y . 22.29 18.09 -17.87
C11 LDA Y . 23.76 17.76 -17.65
C12 LDA Y . 24.37 18.70 -16.61
S SO4 Z . 6.66 -11.99 31.21
O1 SO4 Z . 5.74 -11.05 30.60
O2 SO4 Z . 6.51 -13.31 30.65
O3 SO4 Z . 8.00 -11.58 31.05
O4 SO4 Z . 6.36 -12.03 32.58
N1 LDA AA . 6.25 -13.52 23.22
O1 LDA AA . 7.49 -13.35 23.19
CM1 LDA AA . 5.93 -14.86 22.86
CM2 LDA AA . 5.72 -13.28 24.54
C1 LDA AA . 5.62 -12.65 22.25
C2 LDA AA . 6.07 -12.81 20.80
C3 LDA AA . 5.86 -11.55 19.95
C4 LDA AA . 6.16 -11.89 18.48
C5 LDA AA . 5.95 -10.75 17.51
C6 LDA AA . 6.95 -10.87 16.36
C7 LDA AA . 6.29 -10.98 15.00
C8 LDA AA . 7.31 -11.27 13.90
C9 LDA AA . 6.59 -11.37 12.56
C10 LDA AA . 7.53 -11.21 11.39
C11 LDA AA . 6.81 -10.69 10.14
C12 LDA AA . 5.92 -11.73 9.49
N1 LDA BA . 21.40 -13.18 30.84
O1 LDA BA . 22.38 -13.90 30.63
CM1 LDA BA . 21.10 -12.47 29.62
CM2 LDA BA . 20.22 -13.97 31.23
C1 LDA BA . 21.70 -12.23 31.86
C2 LDA BA . 21.79 -12.79 33.22
C3 LDA BA . 22.25 -11.73 34.16
C4 LDA BA . 21.07 -10.93 34.67
C5 LDA BA . 21.51 -10.10 35.86
C6 LDA BA . 20.50 -9.04 36.19
C7 LDA BA . 20.97 -8.23 37.39
C8 LDA BA . 19.88 -8.14 38.44
C9 LDA BA . 19.44 -6.69 38.68
C10 LDA BA . 18.40 -6.60 39.79
C11 LDA BA . 16.99 -6.98 39.32
C12 LDA BA . 16.61 -8.36 39.81
#